data_3OBS
# 
_entry.id   3OBS 
# 
_audit_conform.dict_name       mmcif_pdbx.dic 
_audit_conform.dict_version    5.379 
_audit_conform.dict_location   http://mmcif.pdb.org/dictionaries/ascii/mmcif_pdbx.dic 
# 
loop_
_database_2.database_id 
_database_2.database_code 
_database_2.pdbx_database_accession 
_database_2.pdbx_DOI 
PDB   3OBS         pdb_00003obs 10.2210/pdb3obs/pdb 
RCSB  RCSB060916   ?            ?                   
WWPDB D_1000060916 ?            ?                   
# 
loop_
_pdbx_database_related.db_name 
_pdbx_database_related.db_id 
_pdbx_database_related.details 
_pdbx_database_related.content_type 
PDB 3OBU . unspecified 
PDB 3OBQ . unspecified 
PDB 3OBX . unspecified 
# 
_pdbx_database_status.status_code                     REL 
_pdbx_database_status.entry_id                        3OBS 
_pdbx_database_status.recvd_initial_deposition_date   2010-08-09 
_pdbx_database_status.deposit_site                    RCSB 
_pdbx_database_status.process_site                    RCSB 
_pdbx_database_status.status_code_sf                  REL 
_pdbx_database_status.status_code_mr                  ? 
_pdbx_database_status.SG_entry                        ? 
_pdbx_database_status.pdb_format_compatible           Y 
_pdbx_database_status.status_code_cs                  ? 
_pdbx_database_status.status_code_nmr_data            ? 
_pdbx_database_status.methods_development_category    ? 
# 
loop_
_audit_author.name 
_audit_author.pdbx_ordinal 
'Im, Y.J.'     1 
'Hurley, J.H.' 2 
# 
_citation.id                        primary 
_citation.title                     'Crystallographic and Functional Analysis of the ESCRT-I /HIV-1 Gag PTAP Interaction.' 
_citation.journal_abbrev            Structure 
_citation.journal_volume            18 
_citation.page_first                1536 
_citation.page_last                 1547 
_citation.year                      2010 
_citation.journal_id_ASTM           STRUE6 
_citation.country                   UK 
_citation.journal_id_ISSN           0969-2126 
_citation.journal_id_CSD            2005 
_citation.book_publisher            ? 
_citation.pdbx_database_id_PubMed   21070952 
_citation.pdbx_database_id_DOI      10.1016/j.str.2010.08.010 
# 
loop_
_citation_author.citation_id 
_citation_author.name 
_citation_author.ordinal 
_citation_author.identifier_ORCID 
primary 'Im, Y.J.'         1  ? 
primary 'Kuo, L.'          2  ? 
primary 'Ren, X.'          3  ? 
primary 'Burgos, P.V.'     4  ? 
primary 'Zhao, X.Z.'       5  ? 
primary 'Liu, F.'          6  ? 
primary 'Burke, T.R.'      7  ? 
primary 'Bonifacino, J.S.' 8  ? 
primary 'Freed, E.O.'      9  ? 
primary 'Hurley, J.H.'     10 ? 
# 
_cell.entry_id           3OBS 
_cell.length_a           33.571 
_cell.length_b           45.502 
_cell.length_c           50.205 
_cell.angle_alpha        90.00 
_cell.angle_beta         108.28 
_cell.angle_gamma        90.00 
_cell.Z_PDB              2 
_cell.pdbx_unique_axis   ? 
_cell.length_a_esd       ? 
_cell.length_b_esd       ? 
_cell.length_c_esd       ? 
_cell.angle_alpha_esd    ? 
_cell.angle_beta_esd     ? 
_cell.angle_gamma_esd    ? 
# 
_symmetry.entry_id                         3OBS 
_symmetry.space_group_name_H-M             'P 1 21 1' 
_symmetry.pdbx_full_space_group_name_H-M   ? 
_symmetry.cell_setting                     ? 
_symmetry.Int_Tables_number                4 
_symmetry.space_group_name_Hall            ? 
# 
loop_
_entity.id 
_entity.type 
_entity.src_method 
_entity.pdbx_description 
_entity.formula_weight 
_entity.pdbx_number_of_molecules 
_entity.pdbx_ec 
_entity.pdbx_mutation 
_entity.pdbx_fragment 
_entity.details 
1 polymer man 'Tumor susceptibility gene 101 protein' 16501.195 1   ? '43VFNDGS48 -> GTG' 
'N-terminal UEV domain (UNP residues 2 to 145)' ? 
2 water   nat water                                   18.015    217 ? ?                   ? ? 
# 
_entity_name_com.entity_id   1 
_entity_name_com.name        'ESCRT-I complex subunit TSG101' 
# 
_entity_poly.entity_id                      1 
_entity_poly.type                           'polypeptide(L)' 
_entity_poly.nstd_linkage                   no 
_entity_poly.nstd_monomer                   no 
_entity_poly.pdbx_seq_one_letter_code       
;GAMGSAVSESQLKKMVSKYKYRDLTVRETVNVITLYKDLKPVLDSYGTGSRELMNLTGTIPVPYRGNTYNIPICLWLLDT
YPYNPPICFVKPTSSMTIKTGKHVDANGKIYLPYLHEWKHPQSDLLGLIQVMIVVFGDEPPVFSRP
;
_entity_poly.pdbx_seq_one_letter_code_can   
;GAMGSAVSESQLKKMVSKYKYRDLTVRETVNVITLYKDLKPVLDSYGTGSRELMNLTGTIPVPYRGNTYNIPICLWLLDT
YPYNPPICFVKPTSSMTIKTGKHVDANGKIYLPYLHEWKHPQSDLLGLIQVMIVVFGDEPPVFSRP
;
_entity_poly.pdbx_strand_id                 A 
_entity_poly.pdbx_target_identifier         ? 
# 
loop_
_entity_poly_seq.entity_id 
_entity_poly_seq.num 
_entity_poly_seq.mon_id 
_entity_poly_seq.hetero 
1 1   GLY n 
1 2   ALA n 
1 3   MET n 
1 4   GLY n 
1 5   SER n 
1 6   ALA n 
1 7   VAL n 
1 8   SER n 
1 9   GLU n 
1 10  SER n 
1 11  GLN n 
1 12  LEU n 
1 13  LYS n 
1 14  LYS n 
1 15  MET n 
1 16  VAL n 
1 17  SER n 
1 18  LYS n 
1 19  TYR n 
1 20  LYS n 
1 21  TYR n 
1 22  ARG n 
1 23  ASP n 
1 24  LEU n 
1 25  THR n 
1 26  VAL n 
1 27  ARG n 
1 28  GLU n 
1 29  THR n 
1 30  VAL n 
1 31  ASN n 
1 32  VAL n 
1 33  ILE n 
1 34  THR n 
1 35  LEU n 
1 36  TYR n 
1 37  LYS n 
1 38  ASP n 
1 39  LEU n 
1 40  LYS n 
1 41  PRO n 
1 42  VAL n 
1 43  LEU n 
1 44  ASP n 
1 45  SER n 
1 46  TYR n 
1 47  GLY n 
1 48  THR n 
1 49  GLY n 
1 50  SER n 
1 51  ARG n 
1 52  GLU n 
1 53  LEU n 
1 54  MET n 
1 55  ASN n 
1 56  LEU n 
1 57  THR n 
1 58  GLY n 
1 59  THR n 
1 60  ILE n 
1 61  PRO n 
1 62  VAL n 
1 63  PRO n 
1 64  TYR n 
1 65  ARG n 
1 66  GLY n 
1 67  ASN n 
1 68  THR n 
1 69  TYR n 
1 70  ASN n 
1 71  ILE n 
1 72  PRO n 
1 73  ILE n 
1 74  CYS n 
1 75  LEU n 
1 76  TRP n 
1 77  LEU n 
1 78  LEU n 
1 79  ASP n 
1 80  THR n 
1 81  TYR n 
1 82  PRO n 
1 83  TYR n 
1 84  ASN n 
1 85  PRO n 
1 86  PRO n 
1 87  ILE n 
1 88  CYS n 
1 89  PHE n 
1 90  VAL n 
1 91  LYS n 
1 92  PRO n 
1 93  THR n 
1 94  SER n 
1 95  SER n 
1 96  MET n 
1 97  THR n 
1 98  ILE n 
1 99  LYS n 
1 100 THR n 
1 101 GLY n 
1 102 LYS n 
1 103 HIS n 
1 104 VAL n 
1 105 ASP n 
1 106 ALA n 
1 107 ASN n 
1 108 GLY n 
1 109 LYS n 
1 110 ILE n 
1 111 TYR n 
1 112 LEU n 
1 113 PRO n 
1 114 TYR n 
1 115 LEU n 
1 116 HIS n 
1 117 GLU n 
1 118 TRP n 
1 119 LYS n 
1 120 HIS n 
1 121 PRO n 
1 122 GLN n 
1 123 SER n 
1 124 ASP n 
1 125 LEU n 
1 126 LEU n 
1 127 GLY n 
1 128 LEU n 
1 129 ILE n 
1 130 GLN n 
1 131 VAL n 
1 132 MET n 
1 133 ILE n 
1 134 VAL n 
1 135 VAL n 
1 136 PHE n 
1 137 GLY n 
1 138 ASP n 
1 139 GLU n 
1 140 PRO n 
1 141 PRO n 
1 142 VAL n 
1 143 PHE n 
1 144 SER n 
1 145 ARG n 
1 146 PRO n 
# 
_entity_src_gen.entity_id                          1 
_entity_src_gen.pdbx_src_id                        1 
_entity_src_gen.pdbx_alt_source_flag               sample 
_entity_src_gen.pdbx_seq_type                      ? 
_entity_src_gen.pdbx_beg_seq_num                   ? 
_entity_src_gen.pdbx_end_seq_num                   ? 
_entity_src_gen.gene_src_common_name               human 
_entity_src_gen.gene_src_genus                     ? 
_entity_src_gen.pdbx_gene_src_gene                 'TSG101, Tsg101' 
_entity_src_gen.gene_src_species                   ? 
_entity_src_gen.gene_src_strain                    ? 
_entity_src_gen.gene_src_tissue                    ? 
_entity_src_gen.gene_src_tissue_fraction           ? 
_entity_src_gen.gene_src_details                   
'to improve the crystallization properies, residues 43-49 in the beta1-beta2 loop were mutated to Gly-Thr-Gly' 
_entity_src_gen.pdbx_gene_src_fragment             ? 
_entity_src_gen.pdbx_gene_src_scientific_name      'Homo sapiens' 
_entity_src_gen.pdbx_gene_src_ncbi_taxonomy_id     9606 
_entity_src_gen.pdbx_gene_src_variant              ? 
_entity_src_gen.pdbx_gene_src_cell_line            ? 
_entity_src_gen.pdbx_gene_src_atcc                 ? 
_entity_src_gen.pdbx_gene_src_organ                ? 
_entity_src_gen.pdbx_gene_src_organelle            ? 
_entity_src_gen.pdbx_gene_src_cell                 ? 
_entity_src_gen.pdbx_gene_src_cellular_location    ? 
_entity_src_gen.host_org_common_name               ? 
_entity_src_gen.pdbx_host_org_scientific_name      'Escherichia coli' 
_entity_src_gen.pdbx_host_org_ncbi_taxonomy_id     562 
_entity_src_gen.host_org_genus                     ? 
_entity_src_gen.pdbx_host_org_gene                 ? 
_entity_src_gen.pdbx_host_org_organ                ? 
_entity_src_gen.host_org_species                   ? 
_entity_src_gen.pdbx_host_org_tissue               ? 
_entity_src_gen.pdbx_host_org_tissue_fraction      ? 
_entity_src_gen.pdbx_host_org_strain               'BL21(DE3) Star' 
_entity_src_gen.pdbx_host_org_variant              ? 
_entity_src_gen.pdbx_host_org_cell_line            ? 
_entity_src_gen.pdbx_host_org_atcc                 ? 
_entity_src_gen.pdbx_host_org_culture_collection   ? 
_entity_src_gen.pdbx_host_org_cell                 ? 
_entity_src_gen.pdbx_host_org_organelle            ? 
_entity_src_gen.pdbx_host_org_cellular_location    ? 
_entity_src_gen.pdbx_host_org_vector_type          Plasmid 
_entity_src_gen.pdbx_host_org_vector               ? 
_entity_src_gen.host_org_details                   ? 
_entity_src_gen.expression_system_id               ? 
_entity_src_gen.plasmid_name                       pGST2 
_entity_src_gen.plasmid_details                    ? 
_entity_src_gen.pdbx_description                   ? 
# 
_struct_ref.id                         1 
_struct_ref.db_name                    UNP 
_struct_ref.db_code                    TS101_HUMAN 
_struct_ref.pdbx_db_accession          Q99816 
_struct_ref.entity_id                  1 
_struct_ref.pdbx_seq_one_letter_code   
;AVSESQLKKMVSKYKYRDLTVRETVNVITLYKDLKPVLDSYVFNDGSSRELMNLTGTIPVPYRGNTYNIPICLWLLDTYP
YNPPICFVKPTSSMTIKTGKHVDANGKIYLPYLHEWKHPQSDLLGLIQVMIVVFGDEPPVFSRP
;
_struct_ref.pdbx_align_begin           2 
_struct_ref.pdbx_db_isoform            ? 
# 
_struct_ref_seq.align_id                      1 
_struct_ref_seq.ref_id                        1 
_struct_ref_seq.pdbx_PDB_id_code              3OBS 
_struct_ref_seq.pdbx_strand_id                A 
_struct_ref_seq.seq_align_beg                 6 
_struct_ref_seq.pdbx_seq_align_beg_ins_code   ? 
_struct_ref_seq.seq_align_end                 146 
_struct_ref_seq.pdbx_seq_align_end_ins_code   ? 
_struct_ref_seq.pdbx_db_accession             Q99816 
_struct_ref_seq.db_align_beg                  2 
_struct_ref_seq.pdbx_db_align_beg_ins_code    ? 
_struct_ref_seq.db_align_end                  145 
_struct_ref_seq.pdbx_db_align_end_ins_code    ? 
_struct_ref_seq.pdbx_auth_seq_align_beg       2 
_struct_ref_seq.pdbx_auth_seq_align_end       145 
# 
loop_
_struct_ref_seq_dif.align_id 
_struct_ref_seq_dif.pdbx_pdb_id_code 
_struct_ref_seq_dif.mon_id 
_struct_ref_seq_dif.pdbx_pdb_strand_id 
_struct_ref_seq_dif.seq_num 
_struct_ref_seq_dif.pdbx_pdb_ins_code 
_struct_ref_seq_dif.pdbx_seq_db_name 
_struct_ref_seq_dif.pdbx_seq_db_accession_code 
_struct_ref_seq_dif.db_mon_id 
_struct_ref_seq_dif.pdbx_seq_db_seq_num 
_struct_ref_seq_dif.details 
_struct_ref_seq_dif.pdbx_auth_seq_num 
_struct_ref_seq_dif.pdbx_ordinal 
1 3OBS GLY A 1 ? UNP Q99816 ?   ?  'expression tag' -3 1  
1 3OBS ALA A 2 ? UNP Q99816 ?   ?  'expression tag' -2 2  
1 3OBS MET A 3 ? UNP Q99816 ?   ?  'expression tag' -1 3  
1 3OBS GLY A 4 ? UNP Q99816 ?   ?  'expression tag' 0  4  
1 3OBS SER A 5 ? UNP Q99816 ?   ?  'expression tag' 1  5  
1 3OBS ?   A ? ? UNP Q99816 VAL 43 'SEE REMARK 999' ?  6  
1 3OBS ?   A ? ? UNP Q99816 PHE 44 'SEE REMARK 999' ?  7  
1 3OBS ?   A ? ? UNP Q99816 ASN 45 'SEE REMARK 999' ?  8  
1 3OBS ?   A ? ? UNP Q99816 ASP 46 'SEE REMARK 999' ?  9  
1 3OBS ?   A ? ? UNP Q99816 GLY 47 'SEE REMARK 999' ?  10 
1 3OBS ?   A ? ? UNP Q99816 SER 48 'SEE REMARK 999' ?  11 
# 
loop_
_chem_comp.id 
_chem_comp.type 
_chem_comp.mon_nstd_flag 
_chem_comp.name 
_chem_comp.pdbx_synonyms 
_chem_comp.formula 
_chem_comp.formula_weight 
ALA 'L-peptide linking' y ALANINE         ? 'C3 H7 N O2'     89.093  
ARG 'L-peptide linking' y ARGININE        ? 'C6 H15 N4 O2 1' 175.209 
ASN 'L-peptide linking' y ASPARAGINE      ? 'C4 H8 N2 O3'    132.118 
ASP 'L-peptide linking' y 'ASPARTIC ACID' ? 'C4 H7 N O4'     133.103 
CYS 'L-peptide linking' y CYSTEINE        ? 'C3 H7 N O2 S'   121.158 
GLN 'L-peptide linking' y GLUTAMINE       ? 'C5 H10 N2 O3'   146.144 
GLU 'L-peptide linking' y 'GLUTAMIC ACID' ? 'C5 H9 N O4'     147.129 
GLY 'peptide linking'   y GLYCINE         ? 'C2 H5 N O2'     75.067  
HIS 'L-peptide linking' y HISTIDINE       ? 'C6 H10 N3 O2 1' 156.162 
HOH non-polymer         . WATER           ? 'H2 O'           18.015  
ILE 'L-peptide linking' y ISOLEUCINE      ? 'C6 H13 N O2'    131.173 
LEU 'L-peptide linking' y LEUCINE         ? 'C6 H13 N O2'    131.173 
LYS 'L-peptide linking' y LYSINE          ? 'C6 H15 N2 O2 1' 147.195 
MET 'L-peptide linking' y METHIONINE      ? 'C5 H11 N O2 S'  149.211 
PHE 'L-peptide linking' y PHENYLALANINE   ? 'C9 H11 N O2'    165.189 
PRO 'L-peptide linking' y PROLINE         ? 'C5 H9 N O2'     115.130 
SER 'L-peptide linking' y SERINE          ? 'C3 H7 N O3'     105.093 
THR 'L-peptide linking' y THREONINE       ? 'C4 H9 N O3'     119.119 
TRP 'L-peptide linking' y TRYPTOPHAN      ? 'C11 H12 N2 O2'  204.225 
TYR 'L-peptide linking' y TYROSINE        ? 'C9 H11 N O3'    181.189 
VAL 'L-peptide linking' y VALINE          ? 'C5 H11 N O2'    117.146 
# 
_exptl.entry_id          3OBS 
_exptl.method            'X-RAY DIFFRACTION' 
_exptl.crystals_number   1 
# 
_exptl_crystal.id                    1 
_exptl_crystal.density_meas          ? 
_exptl_crystal.density_Matthews      2.21 
_exptl_crystal.density_percent_sol   44.26 
_exptl_crystal.description           ? 
_exptl_crystal.F_000                 ? 
_exptl_crystal.preparation           ? 
# 
_exptl_crystal_grow.crystal_id      1 
_exptl_crystal_grow.method          'VAPOR DIFFUSION, HANGING DROP' 
_exptl_crystal_grow.temp            298 
_exptl_crystal_grow.temp_details    ? 
_exptl_crystal_grow.pH              7.5 
_exptl_crystal_grow.pdbx_details    
'0.1M HEPES-NaOH (pH 7.5), 25% PEG 3350, 0.2M Sodium Nitrate , VAPOR DIFFUSION, HANGING DROP, temperature 298K' 
_exptl_crystal_grow.pdbx_pH_range   ? 
# 
_diffrn.id                     1 
_diffrn.ambient_temp           100 
_diffrn.ambient_temp_details   ? 
_diffrn.crystal_id             1 
# 
_diffrn_detector.diffrn_id              1 
_diffrn_detector.detector               CCD 
_diffrn_detector.type                   'MARMOSAIC 300 mm CCD' 
_diffrn_detector.pdbx_collection_date   2009-12-09 
_diffrn_detector.details                mirrors 
# 
_diffrn_radiation.diffrn_id                        1 
_diffrn_radiation.wavelength_id                    1 
_diffrn_radiation.pdbx_monochromatic_or_laue_m_l   M 
_diffrn_radiation.monochromator                    'Si 111 CHANNEL' 
_diffrn_radiation.pdbx_diffrn_protocol             'SINGLE WAVELENGTH' 
_diffrn_radiation.pdbx_scattering_type             x-ray 
# 
_diffrn_radiation_wavelength.id           1 
_diffrn_radiation_wavelength.wavelength   1.0000 
_diffrn_radiation_wavelength.wt           1.0 
# 
_diffrn_source.diffrn_id                   1 
_diffrn_source.source                      SYNCHROTRON 
_diffrn_source.type                        'APS BEAMLINE 22-ID' 
_diffrn_source.pdbx_synchrotron_site       APS 
_diffrn_source.pdbx_synchrotron_beamline   22-ID 
_diffrn_source.pdbx_wavelength             ? 
_diffrn_source.pdbx_wavelength_list        1.0000 
# 
_reflns.entry_id                     3OBS 
_reflns.observed_criterion_sigma_I   3 
_reflns.observed_criterion_sigma_F   3 
_reflns.d_resolution_low             50 
_reflns.d_resolution_high            1.5 
_reflns.number_obs                   22570 
_reflns.number_all                   22608 
_reflns.percent_possible_obs         97.1 
_reflns.pdbx_Rmerge_I_obs            0.039 
_reflns.pdbx_netI_over_sigmaI        47.5 
_reflns.B_iso_Wilson_estimate        12.4 
_reflns.pdbx_redundancy              3.6 
_reflns.R_free_details               ? 
_reflns.limit_h_max                  ? 
_reflns.limit_h_min                  ? 
_reflns.limit_k_max                  ? 
_reflns.limit_k_min                  ? 
_reflns.limit_l_max                  ? 
_reflns.limit_l_min                  ? 
_reflns.observed_criterion_F_max     ? 
_reflns.observed_criterion_F_min     ? 
_reflns.pdbx_chi_squared             ? 
_reflns.pdbx_scaling_rejects         ? 
_reflns.pdbx_Rsym_value              ? 
_reflns.pdbx_diffrn_id               1 
_reflns.pdbx_ordinal                 1 
# 
_reflns_shell.d_res_high             1.5 
_reflns_shell.d_res_low              1.53 
_reflns_shell.percent_possible_all   96.2 
_reflns_shell.Rmerge_I_obs           0.092 
_reflns_shell.meanI_over_sigI_obs    25.3 
_reflns_shell.pdbx_redundancy        3.7 
_reflns_shell.percent_possible_obs   ? 
_reflns_shell.number_unique_all      1130 
_reflns_shell.number_measured_all    ? 
_reflns_shell.number_measured_obs    ? 
_reflns_shell.number_unique_obs      ? 
_reflns_shell.pdbx_chi_squared       ? 
_reflns_shell.pdbx_Rsym_value        ? 
_reflns_shell.pdbx_diffrn_id         ? 
_reflns_shell.pdbx_ordinal           1 
# 
_refine.entry_id                                 3OBS 
_refine.ls_number_reflns_obs                     22514 
_refine.ls_number_reflns_all                     23649 
_refine.pdbx_ls_sigma_I                          ? 
_refine.pdbx_ls_sigma_F                          0.0 
_refine.pdbx_data_cutoff_high_absF               600106.44 
_refine.pdbx_data_cutoff_low_absF                0.000000 
_refine.pdbx_data_cutoff_high_rms_absF           ? 
_refine.ls_d_res_low                             32.92 
_refine.ls_d_res_high                            1.50 
_refine.ls_percent_reflns_obs                    97.2 
_refine.ls_R_factor_obs                          0.215 
_refine.ls_R_factor_all                          0.22 
_refine.ls_R_factor_R_work                       0.215 
_refine.ls_R_factor_R_free                       0.232 
_refine.ls_R_factor_R_free_error                 0.007 
_refine.ls_R_factor_R_free_error_details         ? 
_refine.ls_percent_reflns_R_free                 5.0 
_refine.ls_number_reflns_R_free                  1135 
_refine.ls_number_parameters                     ? 
_refine.ls_number_restraints                     ? 
_refine.occupancy_min                            ? 
_refine.occupancy_max                            ? 
_refine.correlation_coeff_Fo_to_Fc               ? 
_refine.correlation_coeff_Fo_to_Fc_free          ? 
_refine.B_iso_mean                               15.2 
_refine.aniso_B[1][1]                            -0.79 
_refine.aniso_B[2][2]                            -0.04 
_refine.aniso_B[3][3]                            0.83 
_refine.aniso_B[1][2]                            0.00 
_refine.aniso_B[1][3]                            0.29 
_refine.aniso_B[2][3]                            0.00 
_refine.solvent_model_details                    'FLAT MODEL' 
_refine.solvent_model_param_ksol                 0.381544 
_refine.solvent_model_param_bsol                 39.2413 
_refine.pdbx_solvent_vdw_probe_radii             ? 
_refine.pdbx_solvent_ion_probe_radii             ? 
_refine.pdbx_solvent_shrinkage_radii             ? 
_refine.pdbx_ls_cross_valid_method               THROUGHOUT 
_refine.details                                  ? 
_refine.pdbx_starting_model                      'PDB ENTRY 2F0R' 
_refine.pdbx_method_to_determine_struct          'MOLECULAR REPLACEMENT' 
_refine.pdbx_isotropic_thermal_model             RESTRAINED 
_refine.pdbx_stereochemistry_target_values       'Engh & Huber' 
_refine.pdbx_stereochem_target_val_spec_case     ? 
_refine.pdbx_R_Free_selection_details            RANDOM 
_refine.pdbx_overall_ESU_R_Free                  ? 
_refine.overall_SU_ML                            ? 
_refine.overall_SU_B                             ? 
_refine.overall_SU_R_Cruickshank_DPI             ? 
_refine.ls_redundancy_reflns_obs                 ? 
_refine.B_iso_min                                ? 
_refine.B_iso_max                                ? 
_refine.overall_SU_R_free                        ? 
_refine.ls_wR_factor_R_free                      ? 
_refine.ls_wR_factor_R_work                      ? 
_refine.overall_FOM_free_R_set                   ? 
_refine.overall_FOM_work_R_set                   ? 
_refine.pdbx_overall_phase_error                 ? 
_refine.pdbx_refine_id                           'X-RAY DIFFRACTION' 
_refine.pdbx_overall_ESU_R                       ? 
_refine.pdbx_diffrn_id                           1 
_refine.pdbx_TLS_residual_ADP_flag               ? 
_refine.pdbx_overall_SU_R_free_Cruickshank_DPI   ? 
_refine.pdbx_overall_SU_R_Blow_DPI               ? 
_refine.pdbx_overall_SU_R_free_Blow_DPI          ? 
# 
_refine_analyze.entry_id                        3OBS 
_refine_analyze.Luzzati_coordinate_error_obs    0.18 
_refine_analyze.Luzzati_sigma_a_obs             -0.04 
_refine_analyze.Luzzati_d_res_low_obs           5.00 
_refine_analyze.Luzzati_coordinate_error_free   0.20 
_refine_analyze.Luzzati_sigma_a_free            0.06 
_refine_analyze.Luzzati_d_res_low_free          ? 
_refine_analyze.number_disordered_residues      ? 
_refine_analyze.occupancy_sum_hydrogen          ? 
_refine_analyze.occupancy_sum_non_hydrogen      ? 
_refine_analyze.pdbx_Luzzati_d_res_high_obs     ? 
_refine_analyze.pdbx_refine_id                  'X-RAY DIFFRACTION' 
# 
_refine_hist.pdbx_refine_id                   'X-RAY DIFFRACTION' 
_refine_hist.cycle_id                         LAST 
_refine_hist.pdbx_number_atoms_protein        1120 
_refine_hist.pdbx_number_atoms_nucleic_acid   0 
_refine_hist.pdbx_number_atoms_ligand         0 
_refine_hist.number_atoms_solvent             217 
_refine_hist.number_atoms_total               1337 
_refine_hist.d_res_high                       1.50 
_refine_hist.d_res_low                        32.92 
# 
loop_
_refine_ls_restr.type 
_refine_ls_restr.dev_ideal 
_refine_ls_restr.dev_ideal_target 
_refine_ls_restr.weight 
_refine_ls_restr.number 
_refine_ls_restr.pdbx_refine_id 
_refine_ls_restr.pdbx_restraint_function 
c_bond_d                0.005 ? ? ? 'X-RAY DIFFRACTION' ? 
c_bond_d_na             ?     ? ? ? 'X-RAY DIFFRACTION' ? 
c_bond_d_prot           ?     ? ? ? 'X-RAY DIFFRACTION' ? 
c_angle_d               ?     ? ? ? 'X-RAY DIFFRACTION' ? 
c_angle_d_na            ?     ? ? ? 'X-RAY DIFFRACTION' ? 
c_angle_d_prot          ?     ? ? ? 'X-RAY DIFFRACTION' ? 
c_angle_deg             1.3   ? ? ? 'X-RAY DIFFRACTION' ? 
c_angle_deg_na          ?     ? ? ? 'X-RAY DIFFRACTION' ? 
c_angle_deg_prot        ?     ? ? ? 'X-RAY DIFFRACTION' ? 
c_dihedral_angle_d      23.6  ? ? ? 'X-RAY DIFFRACTION' ? 
c_dihedral_angle_d_na   ?     ? ? ? 'X-RAY DIFFRACTION' ? 
c_dihedral_angle_d_prot ?     ? ? ? 'X-RAY DIFFRACTION' ? 
c_improper_angle_d      0.90  ? ? ? 'X-RAY DIFFRACTION' ? 
c_improper_angle_d_na   ?     ? ? ? 'X-RAY DIFFRACTION' ? 
c_improper_angle_d_prot ?     ? ? ? 'X-RAY DIFFRACTION' ? 
c_mcbond_it             ?     ? ? ? 'X-RAY DIFFRACTION' ? 
c_mcangle_it            ?     ? ? ? 'X-RAY DIFFRACTION' ? 
c_scbond_it             ?     ? ? ? 'X-RAY DIFFRACTION' ? 
c_scangle_it            ?     ? ? ? 'X-RAY DIFFRACTION' ? 
# 
_refine_ls_restr_ncs.pdbx_refine_id      'X-RAY DIFFRACTION' 
_refine_ls_restr_ncs.dom_id              1 
_refine_ls_restr_ncs.ncs_model_details   NONE 
_refine_ls_restr_ncs.rms_dev_position    ? 
_refine_ls_restr_ncs.weight_position     ? 
_refine_ls_restr_ncs.rms_dev_B_iso       ? 
_refine_ls_restr_ncs.weight_B_iso        ? 
_refine_ls_restr_ncs.pdbx_ordinal        1 
_refine_ls_restr_ncs.pdbx_type           . 
_refine_ls_restr_ncs.pdbx_auth_asym_id   . 
_refine_ls_restr_ncs.pdbx_ens_id         1 
_refine_ls_restr_ncs.pdbx_number         ? 
_refine_ls_restr_ncs.pdbx_asym_id        ? 
_refine_ls_restr_ncs.pdbx_rms            ? 
_refine_ls_restr_ncs.pdbx_weight         ? 
# 
_refine_ls_shell.pdbx_total_number_of_bins_used   6 
_refine_ls_shell.d_res_high                       1.50 
_refine_ls_shell.d_res_low                        1.59 
_refine_ls_shell.number_reflns_R_work             3544 
_refine_ls_shell.R_factor_R_work                  0.210 
_refine_ls_shell.percent_reflns_obs               96.8 
_refine_ls_shell.R_factor_R_free                  0.228 
_refine_ls_shell.R_factor_R_free_error            0.017 
_refine_ls_shell.percent_reflns_R_free            4.9 
_refine_ls_shell.number_reflns_R_free             183 
_refine_ls_shell.number_reflns_all                ? 
_refine_ls_shell.R_factor_all                     ? 
_refine_ls_shell.number_reflns_obs                ? 
_refine_ls_shell.redundancy_reflns_obs            ? 
_refine_ls_shell.pdbx_refine_id                   'X-RAY DIFFRACTION' 
# 
loop_
_pdbx_xplor_file.serial_no 
_pdbx_xplor_file.param_file 
_pdbx_xplor_file.topol_file 
_pdbx_xplor_file.pdbx_refine_id 
1 protein_rep.param protein.top   'X-RAY DIFFRACTION' 
2 water_rep.param   water_rep.top 'X-RAY DIFFRACTION' 
# 
_struct_ncs_dom.id            1 
_struct_ncs_dom.details       ? 
_struct_ncs_dom.pdbx_ens_id   1 
# 
_struct_ncs_ens.id        1 
_struct_ncs_ens.details   ? 
# 
_struct.entry_id                  3OBS 
_struct.title                     'Crystal structure of Tsg101 UEV domain' 
_struct.pdbx_model_details        ? 
_struct.pdbx_CASP_flag            ? 
_struct.pdbx_model_type_details   ? 
# 
_struct_keywords.entry_id        3OBS 
_struct_keywords.pdbx_keywords   'PROTEIN TRANSPORT' 
_struct_keywords.text            'Protein Transprot, Ubiquitin Binding, PROTEIN TRANSPORT' 
# 
loop_
_struct_asym.id 
_struct_asym.pdbx_blank_PDB_chainid_flag 
_struct_asym.pdbx_modified 
_struct_asym.entity_id 
_struct_asym.details 
A N N 1 ? 
B N N 2 ? 
# 
_struct_biol.id        1 
_struct_biol.details   ? 
# 
loop_
_struct_conf.conf_type_id 
_struct_conf.id 
_struct_conf.pdbx_PDB_helix_id 
_struct_conf.beg_label_comp_id 
_struct_conf.beg_label_asym_id 
_struct_conf.beg_label_seq_id 
_struct_conf.pdbx_beg_PDB_ins_code 
_struct_conf.end_label_comp_id 
_struct_conf.end_label_asym_id 
_struct_conf.end_label_seq_id 
_struct_conf.pdbx_end_PDB_ins_code 
_struct_conf.beg_auth_comp_id 
_struct_conf.beg_auth_asym_id 
_struct_conf.beg_auth_seq_id 
_struct_conf.end_auth_comp_id 
_struct_conf.end_auth_asym_id 
_struct_conf.end_auth_seq_id 
_struct_conf.pdbx_PDB_helix_class 
_struct_conf.details 
_struct_conf.pdbx_PDB_helix_length 
HELX_P HELX_P1 1 SER A 8   ? VAL A 16  ? SER A 4   VAL A 12  1 ? 9  
HELX_P HELX_P2 2 TYR A 21  ? TYR A 36  ? TYR A 17  TYR A 32  1 ? 16 
HELX_P HELX_P3 3 LEU A 112 ? GLU A 117 ? LEU A 111 GLU A 116 1 ? 6  
HELX_P HELX_P4 4 ASP A 124 ? GLU A 139 ? ASP A 123 GLU A 138 1 ? 16 
# 
_struct_conf_type.id          HELX_P 
_struct_conf_type.criteria    ? 
_struct_conf_type.reference   ? 
# 
loop_
_struct_mon_prot_cis.pdbx_id 
_struct_mon_prot_cis.label_comp_id 
_struct_mon_prot_cis.label_seq_id 
_struct_mon_prot_cis.label_asym_id 
_struct_mon_prot_cis.label_alt_id 
_struct_mon_prot_cis.pdbx_PDB_ins_code 
_struct_mon_prot_cis.auth_comp_id 
_struct_mon_prot_cis.auth_seq_id 
_struct_mon_prot_cis.auth_asym_id 
_struct_mon_prot_cis.pdbx_label_comp_id_2 
_struct_mon_prot_cis.pdbx_label_seq_id_2 
_struct_mon_prot_cis.pdbx_label_asym_id_2 
_struct_mon_prot_cis.pdbx_PDB_ins_code_2 
_struct_mon_prot_cis.pdbx_auth_comp_id_2 
_struct_mon_prot_cis.pdbx_auth_seq_id_2 
_struct_mon_prot_cis.pdbx_auth_asym_id_2 
_struct_mon_prot_cis.pdbx_PDB_model_num 
_struct_mon_prot_cis.pdbx_omega_angle 
1 TYR 81  A . ? TYR 80  A PRO 82  A ? PRO 81  A 1 0.66 
2 HIS 120 A . ? HIS 119 A PRO 121 A ? PRO 120 A 1 0.35 
# 
loop_
_struct_sheet.id 
_struct_sheet.type 
_struct_sheet.number_strands 
_struct_sheet.details 
A ? 4 ? 
B ? 2 ? 
# 
loop_
_struct_sheet_order.sheet_id 
_struct_sheet_order.range_id_1 
_struct_sheet_order.range_id_2 
_struct_sheet_order.offset 
_struct_sheet_order.sense 
A 1 2 ? anti-parallel 
A 2 3 ? anti-parallel 
A 3 4 ? anti-parallel 
B 1 2 ? anti-parallel 
# 
loop_
_struct_sheet_range.sheet_id 
_struct_sheet_range.id 
_struct_sheet_range.beg_label_comp_id 
_struct_sheet_range.beg_label_asym_id 
_struct_sheet_range.beg_label_seq_id 
_struct_sheet_range.pdbx_beg_PDB_ins_code 
_struct_sheet_range.end_label_comp_id 
_struct_sheet_range.end_label_asym_id 
_struct_sheet_range.end_label_seq_id 
_struct_sheet_range.pdbx_end_PDB_ins_code 
_struct_sheet_range.beg_auth_comp_id 
_struct_sheet_range.beg_auth_asym_id 
_struct_sheet_range.beg_auth_seq_id 
_struct_sheet_range.end_auth_comp_id 
_struct_sheet_range.end_auth_asym_id 
_struct_sheet_range.end_auth_seq_id 
A 1 LEU A 39  ? SER A 45  ? LEU A 35  SER A 41  
A 2 GLU A 52  ? TYR A 64  ? GLU A 51  TYR A 63  
A 3 ASN A 67  ? TRP A 76  ? ASN A 66  TRP A 75  
A 4 ILE A 87  ? VAL A 90  ? ILE A 86  VAL A 89  
B 1 THR A 97  ? ILE A 98  ? THR A 96  ILE A 97  
B 2 VAL A 142 ? PHE A 143 ? VAL A 141 PHE A 142 
# 
loop_
_pdbx_struct_sheet_hbond.sheet_id 
_pdbx_struct_sheet_hbond.range_id_1 
_pdbx_struct_sheet_hbond.range_id_2 
_pdbx_struct_sheet_hbond.range_1_label_atom_id 
_pdbx_struct_sheet_hbond.range_1_label_comp_id 
_pdbx_struct_sheet_hbond.range_1_label_asym_id 
_pdbx_struct_sheet_hbond.range_1_label_seq_id 
_pdbx_struct_sheet_hbond.range_1_PDB_ins_code 
_pdbx_struct_sheet_hbond.range_1_auth_atom_id 
_pdbx_struct_sheet_hbond.range_1_auth_comp_id 
_pdbx_struct_sheet_hbond.range_1_auth_asym_id 
_pdbx_struct_sheet_hbond.range_1_auth_seq_id 
_pdbx_struct_sheet_hbond.range_2_label_atom_id 
_pdbx_struct_sheet_hbond.range_2_label_comp_id 
_pdbx_struct_sheet_hbond.range_2_label_asym_id 
_pdbx_struct_sheet_hbond.range_2_label_seq_id 
_pdbx_struct_sheet_hbond.range_2_PDB_ins_code 
_pdbx_struct_sheet_hbond.range_2_auth_atom_id 
_pdbx_struct_sheet_hbond.range_2_auth_comp_id 
_pdbx_struct_sheet_hbond.range_2_auth_asym_id 
_pdbx_struct_sheet_hbond.range_2_auth_seq_id 
A 1 2 N ASP A 44 ? N ASP A 40 O LEU A 53  ? O LEU A 52  
A 2 3 N TYR A 64 ? N TYR A 63 O ASN A 67  ? O ASN A 66  
A 3 4 N TRP A 76 ? N TRP A 75 O ILE A 87  ? O ILE A 86  
B 1 2 N THR A 97 ? N THR A 96 O PHE A 143 ? O PHE A 142 
# 
_atom_sites.entry_id                    3OBS 
_atom_sites.fract_transf_matrix[1][1]   0.00631289 
_atom_sites.fract_transf_matrix[1][2]   -0.00714983 
_atom_sites.fract_transf_matrix[1][3]   -0.02988608 
_atom_sites.fract_transf_matrix[2][1]   -0.01602040 
_atom_sites.fract_transf_matrix[2][2]   -0.01504292 
_atom_sites.fract_transf_matrix[2][3]   0.00021479 
_atom_sites.fract_transf_matrix[3][1]   -0.01170872 
_atom_sites.fract_transf_matrix[3][2]   0.01229362 
_atom_sites.fract_transf_matrix[3][3]   -0.01232101 
_atom_sites.fract_transf_vector[1]      0.372743 
_atom_sites.fract_transf_vector[2]      0.016953 
_atom_sites.fract_transf_vector[3]      0.199209 
# 
loop_
_atom_type.symbol 
C 
N 
O 
S 
# 
loop_
_atom_site.group_PDB 
_atom_site.id 
_atom_site.type_symbol 
_atom_site.label_atom_id 
_atom_site.label_alt_id 
_atom_site.label_comp_id 
_atom_site.label_asym_id 
_atom_site.label_entity_id 
_atom_site.label_seq_id 
_atom_site.pdbx_PDB_ins_code 
_atom_site.Cartn_x 
_atom_site.Cartn_y 
_atom_site.Cartn_z 
_atom_site.occupancy 
_atom_site.B_iso_or_equiv 
_atom_site.pdbx_formal_charge 
_atom_site.auth_seq_id 
_atom_site.auth_comp_id 
_atom_site.auth_asym_id 
_atom_site.auth_atom_id 
_atom_site.pdbx_PDB_model_num 
ATOM   1    N N   . SER A 1 5   ? -15.971 9.016   -1.859  1.00 42.80 ? 1   SER A N   1 
ATOM   2    C CA  . SER A 1 5   ? -15.982 7.575   -1.480  1.00 38.90 ? 1   SER A CA  1 
ATOM   3    C C   . SER A 1 5   ? -16.698 6.752   -2.547  1.00 33.68 ? 1   SER A C   1 
ATOM   4    O O   . SER A 1 5   ? -17.907 6.533   -2.472  1.00 30.63 ? 1   SER A O   1 
ATOM   5    C CB  . SER A 1 5   ? -16.680 7.398   -0.129  1.00 43.04 ? 1   SER A CB  1 
ATOM   6    O OG  . SER A 1 5   ? -16.654 6.043   0.286   1.00 45.58 ? 1   SER A OG  1 
ATOM   7    N N   . ALA A 1 6   ? -15.939 6.299   -3.540  1.00 27.59 ? 2   ALA A N   1 
ATOM   8    C CA  . ALA A 1 6   ? -16.487 5.506   -4.634  1.00 21.33 ? 2   ALA A CA  1 
ATOM   9    C C   . ALA A 1 6   ? -16.909 4.115   -4.176  1.00 18.21 ? 2   ALA A C   1 
ATOM   10   O O   . ALA A 1 6   ? -17.920 3.584   -4.634  1.00 16.33 ? 2   ALA A O   1 
ATOM   11   C CB  . ALA A 1 6   ? -15.465 5.397   -5.758  1.00 21.57 ? 2   ALA A CB  1 
ATOM   12   N N   . VAL A 1 7   ? -16.124 3.528   -3.277  1.00 16.74 ? 3   VAL A N   1 
ATOM   13   C CA  . VAL A 1 7   ? -16.413 2.200   -2.743  1.00 17.32 ? 3   VAL A CA  1 
ATOM   14   C C   . VAL A 1 7   ? -17.034 2.336   -1.353  1.00 15.89 ? 3   VAL A C   1 
ATOM   15   O O   . VAL A 1 7   ? -16.474 2.995   -0.476  1.00 17.70 ? 3   VAL A O   1 
ATOM   16   C CB  . VAL A 1 7   ? -15.126 1.351   -2.645  1.00 18.49 ? 3   VAL A CB  1 
ATOM   17   C CG1 . VAL A 1 7   ? -15.449 -0.027  -2.098  1.00 19.75 ? 3   VAL A CG1 1 
ATOM   18   C CG2 . VAL A 1 7   ? -14.472 1.237   -4.016  1.00 20.23 ? 3   VAL A CG2 1 
ATOM   19   N N   . SER A 1 8   ? -18.191 1.713   -1.155  1.00 15.03 ? 4   SER A N   1 
ATOM   20   C CA  . SER A 1 8   ? -18.886 1.783   0.128   1.00 12.87 ? 4   SER A CA  1 
ATOM   21   C C   . SER A 1 8   ? -18.320 0.782   1.129   1.00 12.66 ? 4   SER A C   1 
ATOM   22   O O   . SER A 1 8   ? -17.641 -0.172  0.750   1.00 11.61 ? 4   SER A O   1 
ATOM   23   C CB  . SER A 1 8   ? -20.376 1.497   -0.064  1.00 15.87 ? 4   SER A CB  1 
ATOM   24   O OG  . SER A 1 8   ? -20.580 0.168   -0.515  1.00 16.93 ? 4   SER A OG  1 
ATOM   25   N N   . GLU A 1 9   ? -18.607 0.991   2.410   1.00 11.87 ? 5   GLU A N   1 
ATOM   26   C CA  . GLU A 1 9   ? -18.116 0.071   3.426   1.00 12.64 ? 5   GLU A CA  1 
ATOM   27   C C   . GLU A 1 9   ? -18.694 -1.320  3.189   1.00 14.68 ? 5   GLU A C   1 
ATOM   28   O O   . GLU A 1 9   ? -18.032 -2.325  3.450   1.00 12.96 ? 5   GLU A O   1 
ATOM   29   C CB  . GLU A 1 9   ? -18.476 0.573   4.827   1.00 15.59 ? 5   GLU A CB  1 
ATOM   30   C CG  . GLU A 1 9   ? -17.615 1.741   5.288   1.00 24.76 ? 5   GLU A CG  1 
ATOM   31   C CD  . GLU A 1 9   ? -17.861 2.125   6.736   1.00 29.44 ? 5   GLU A CD  1 
ATOM   32   O OE1 . GLU A 1 9   ? -17.779 1.239   7.612   1.00 32.48 ? 5   GLU A OE1 1 
ATOM   33   O OE2 . GLU A 1 9   ? -18.125 3.317   6.998   1.00 36.18 ? 5   GLU A OE2 1 
ATOM   34   N N   . SER A 1 10  ? -19.922 -1.372  2.682   1.00 13.15 ? 6   SER A N   1 
ATOM   35   C CA  . SER A 1 10  ? -20.581 -2.638  2.391   1.00 16.31 ? 6   SER A CA  1 
ATOM   36   C C   . SER A 1 10  ? -19.780 -3.396  1.337   1.00 14.81 ? 6   SER A C   1 
ATOM   37   O O   . SER A 1 10  ? -19.526 -4.595  1.471   1.00 14.01 ? 6   SER A O   1 
ATOM   38   C CB  . SER A 1 10  ? -22.002 -2.390  1.878   1.00 17.22 ? 6   SER A CB  1 
ATOM   39   O OG  . SER A 1 10  ? -22.609 -3.598  1.457   1.00 27.65 ? 6   SER A OG  1 
ATOM   40   N N   . GLN A 1 11  ? -19.385 -2.687  0.283   1.00 13.83 ? 7   GLN A N   1 
ATOM   41   C CA  . GLN A 1 11  ? -18.606 -3.292  -0.790  1.00 11.99 ? 7   GLN A CA  1 
ATOM   42   C C   . GLN A 1 11  ? -17.264 -3.786  -0.273  1.00 8.83  ? 7   GLN A C   1 
ATOM   43   O O   . GLN A 1 11  ? -16.799 -4.855  -0.670  1.00 10.32 ? 7   GLN A O   1 
ATOM   44   C CB  . GLN A 1 11  ? -18.383 -2.289  -1.922  1.00 12.66 ? 7   GLN A CB  1 
ATOM   45   C CG  . GLN A 1 11  ? -19.640 -1.961  -2.707  1.00 15.59 ? 7   GLN A CG  1 
ATOM   46   C CD  . GLN A 1 11  ? -19.375 -1.006  -3.853  1.00 17.57 ? 7   GLN A CD  1 
ATOM   47   O OE1 . GLN A 1 11  ? -18.901 0.111   -3.647  1.00 19.34 ? 7   GLN A OE1 1 
ATOM   48   N NE2 . GLN A 1 11  ? -19.681 -1.445  -5.070  1.00 18.69 ? 7   GLN A NE2 1 
ATOM   49   N N   . LEU A 1 12  ? -16.646 -3.012  0.616   1.00 9.12  ? 8   LEU A N   1 
ATOM   50   C CA  . LEU A 1 12  ? -15.363 -3.411  1.182   1.00 7.39  ? 8   LEU A CA  1 
ATOM   51   C C   . LEU A 1 12  ? -15.505 -4.677  2.029   1.00 9.38  ? 8   LEU A C   1 
ATOM   52   O O   . LEU A 1 12  ? -14.669 -5.577  1.945   1.00 8.29  ? 8   LEU A O   1 
ATOM   53   C CB  . LEU A 1 12  ? -14.779 -2.278  2.032   1.00 7.64  ? 8   LEU A CB  1 
ATOM   54   C CG  . LEU A 1 12  ? -14.315 -1.038  1.266   1.00 9.44  ? 8   LEU A CG  1 
ATOM   55   C CD1 . LEU A 1 12  ? -13.890 0.036   2.244   1.00 8.51  ? 8   LEU A CD1 1 
ATOM   56   C CD2 . LEU A 1 12  ? -13.160 -1.403  0.341   1.00 8.89  ? 8   LEU A CD2 1 
ATOM   57   N N   . LYS A 1 13  ? -16.558 -4.744  2.841   1.00 8.78  ? 9   LYS A N   1 
ATOM   58   C CA  . LYS A 1 13  ? -16.790 -5.910  3.691   1.00 10.84 ? 9   LYS A CA  1 
ATOM   59   C C   . LYS A 1 13  ? -16.917 -7.164  2.837   1.00 11.74 ? 9   LYS A C   1 
ATOM   60   O O   . LYS A 1 13  ? -16.463 -8.240  3.230   1.00 11.49 ? 9   LYS A O   1 
ATOM   61   C CB  . LYS A 1 13  ? -18.063 -5.722  4.519   1.00 15.18 ? 9   LYS A CB  1 
ATOM   62   C CG  . LYS A 1 13  ? -17.969 -4.630  5.564   1.00 26.79 ? 9   LYS A CG  1 
ATOM   63   C CD  . LYS A 1 13  ? -19.273 -4.505  6.331   1.00 35.16 ? 9   LYS A CD  1 
ATOM   64   C CE  . LYS A 1 13  ? -19.183 -3.429  7.396   1.00 40.02 ? 9   LYS A CE  1 
ATOM   65   N NZ  . LYS A 1 13  ? -18.854 -2.098  6.816   1.00 44.11 ? 9   LYS A NZ  1 
ATOM   66   N N   . LYS A 1 14  ? -17.543 -7.022  1.671   1.00 11.71 ? 10  LYS A N   1 
ATOM   67   C CA  . LYS A 1 14  ? -17.697 -8.146  0.756   1.00 11.54 ? 10  LYS A CA  1 
ATOM   68   C C   . LYS A 1 14  ? -16.328 -8.580  0.227   1.00 10.78 ? 10  LYS A C   1 
ATOM   69   O O   . LYS A 1 14  ? -16.029 -9.770  0.152   1.00 10.87 ? 10  LYS A O   1 
ATOM   70   C CB  . LYS A 1 14  ? -18.599 -7.765  -0.426  1.00 13.97 ? 10  LYS A CB  1 
ATOM   71   C CG  . LYS A 1 14  ? -20.031 -8.252  -0.318  1.00 25.61 ? 10  LYS A CG  1 
ATOM   72   C CD  . LYS A 1 14  ? -20.797 -7.534  0.774   1.00 29.34 ? 10  LYS A CD  1 
ATOM   73   C CE  . LYS A 1 14  ? -22.219 -8.062  0.862   1.00 33.15 ? 10  LYS A CE  1 
ATOM   74   N NZ  . LYS A 1 14  ? -22.928 -7.955  -0.445  1.00 35.26 ? 10  LYS A NZ  1 
ATOM   75   N N   . MET A 1 15  ? -15.494 -7.613  -0.146  1.00 10.69 ? 11  MET A N   1 
ATOM   76   C CA  . MET A 1 15  ? -14.167 -7.920  -0.663  1.00 10.00 ? 11  MET A CA  1 
ATOM   77   C C   . MET A 1 15  ? -13.356 -8.780  0.305   1.00 9.21  ? 11  MET A C   1 
ATOM   78   O O   . MET A 1 15  ? -12.672 -9.714  -0.113  1.00 10.41 ? 11  MET A O   1 
ATOM   79   C CB  . MET A 1 15  ? -13.389 -6.633  -0.950  1.00 15.02 ? 11  MET A CB  1 
ATOM   80   C CG  . MET A 1 15  ? -13.778 -5.927  -2.232  1.00 18.15 ? 11  MET A CG  1 
ATOM   81   S SD  . MET A 1 15  ? -12.813 -4.418  -2.496  1.00 21.38 ? 11  MET A SD  1 
ATOM   82   C CE  . MET A 1 15  ? -14.113 -3.208  -2.573  1.00 28.94 ? 11  MET A CE  1 
ATOM   83   N N   . VAL A 1 16  ? -13.439 -8.467  1.596   1.00 9.41  ? 12  VAL A N   1 
ATOM   84   C CA  . VAL A 1 16  ? -12.680 -9.206  2.603   1.00 7.58  ? 12  VAL A CA  1 
ATOM   85   C C   . VAL A 1 16  ? -13.483 -10.284 3.330   1.00 7.38  ? 12  VAL A C   1 
ATOM   86   O O   . VAL A 1 16  ? -13.166 -10.641 4.460   1.00 5.98  ? 12  VAL A O   1 
ATOM   87   C CB  . VAL A 1 16  ? -12.083 -8.244  3.669   1.00 7.20  ? 12  VAL A CB  1 
ATOM   88   C CG1 . VAL A 1 16  ? -11.216 -7.193  2.989   1.00 8.99  ? 12  VAL A CG1 1 
ATOM   89   C CG2 . VAL A 1 16  ? -13.191 -7.588  4.482   1.00 7.94  ? 12  VAL A CG2 1 
ATOM   90   N N   . SER A 1 17  ? -14.507 -10.820 2.677   1.00 6.44  ? 13  SER A N   1 
ATOM   91   C CA  . SER A 1 17  ? -15.338 -11.842 3.301   1.00 5.86  ? 13  SER A CA  1 
ATOM   92   C C   . SER A 1 17  ? -14.571 -13.059 3.815   1.00 4.84  ? 13  SER A C   1 
ATOM   93   O O   . SER A 1 17  ? -15.008 -13.713 4.762   1.00 7.04  ? 13  SER A O   1 
ATOM   94   C CB  . SER A 1 17  ? -16.422 -12.311 2.324   1.00 9.09  ? 13  SER A CB  1 
ATOM   95   O OG  . SER A 1 17  ? -15.856 -13.025 1.242   1.00 15.66 ? 13  SER A OG  1 
ATOM   96   N N   . LYS A 1 18  ? -13.429 -13.364 3.208   1.00 6.04  ? 14  LYS A N   1 
ATOM   97   C CA  . LYS A 1 18  ? -12.637 -14.519 3.629   1.00 6.23  ? 14  LYS A CA  1 
ATOM   98   C C   . LYS A 1 18  ? -11.517 -14.166 4.604   1.00 4.03  ? 14  LYS A C   1 
ATOM   99   O O   . LYS A 1 18  ? -10.774 -15.047 5.038   1.00 7.25  ? 14  LYS A O   1 
ATOM   100  C CB  . LYS A 1 18  ? -12.030 -15.214 2.407   1.00 8.51  ? 14  LYS A CB  1 
ATOM   101  C CG  . LYS A 1 18  ? -13.051 -15.782 1.425   1.00 13.85 ? 14  LYS A CG  1 
ATOM   102  C CD  . LYS A 1 18  ? -13.797 -16.971 2.013   1.00 17.71 ? 14  LYS A CD  1 
ATOM   103  C CE  . LYS A 1 18  ? -14.750 -17.588 0.997   1.00 20.40 ? 14  LYS A CE  1 
ATOM   104  N NZ  . LYS A 1 18  ? -14.043 -18.118 -0.203  1.00 27.77 ? 14  LYS A NZ  1 
ATOM   105  N N   . TYR A 1 19  ? -11.407 -12.883 4.950   1.00 3.30  ? 15  TYR A N   1 
ATOM   106  C CA  . TYR A 1 19  ? -10.379 -12.407 5.878   1.00 5.29  ? 15  TYR A CA  1 
ATOM   107  C C   . TYR A 1 19  ? -10.700 -12.797 7.323   1.00 4.75  ? 15  TYR A C   1 
ATOM   108  O O   . TYR A 1 19  ? -11.861 -13.050 7.672   1.00 3.73  ? 15  TYR A O   1 
ATOM   109  C CB  . TYR A 1 19  ? -10.247 -10.881 5.775   1.00 3.93  ? 15  TYR A CB  1 
ATOM   110  C CG  . TYR A 1 19  ? -9.404  -10.379 4.620   1.00 3.50  ? 15  TYR A CG  1 
ATOM   111  C CD1 . TYR A 1 19  ? -9.544  -10.915 3.341   1.00 5.62  ? 15  TYR A CD1 1 
ATOM   112  C CD2 . TYR A 1 19  ? -8.468  -9.364  4.807   1.00 4.70  ? 15  TYR A CD2 1 
ATOM   113  C CE1 . TYR A 1 19  ? -8.771  -10.449 2.282   1.00 4.79  ? 15  TYR A CE1 1 
ATOM   114  C CE2 . TYR A 1 19  ? -7.691  -8.891  3.750   1.00 3.51  ? 15  TYR A CE2 1 
ATOM   115  C CZ  . TYR A 1 19  ? -7.849  -9.444  2.493   1.00 4.62  ? 15  TYR A CZ  1 
ATOM   116  O OH  . TYR A 1 19  ? -7.072  -9.006  1.449   1.00 5.40  ? 15  TYR A OH  1 
ATOM   117  N N   . LYS A 1 20  ? -9.665  -12.835 8.162   1.00 4.32  ? 16  LYS A N   1 
ATOM   118  C CA  . LYS A 1 20  ? -9.825  -13.187 9.570   1.00 3.80  ? 16  LYS A CA  1 
ATOM   119  C C   . LYS A 1 20  ? -10.257 -12.019 10.448  1.00 5.04  ? 16  LYS A C   1 
ATOM   120  O O   . LYS A 1 20  ? -10.938 -12.215 11.461  1.00 5.97  ? 16  LYS A O   1 
ATOM   121  C CB  . LYS A 1 20  ? -8.520  -13.768 10.120  1.00 4.10  ? 16  LYS A CB  1 
ATOM   122  C CG  . LYS A 1 20  ? -8.125  -15.102 9.513   1.00 8.04  ? 16  LYS A CG  1 
ATOM   123  C CD  . LYS A 1 20  ? -9.182  -16.157 9.757   1.00 9.00  ? 16  LYS A CD  1 
ATOM   124  C CE  . LYS A 1 20  ? -8.656  -17.542 9.394   1.00 8.95  ? 16  LYS A CE  1 
ATOM   125  N NZ  . LYS A 1 20  ? -9.581  -18.624 9.813   1.00 13.56 ? 16  LYS A NZ  1 
ATOM   126  N N   . TYR A 1 21  ? -9.855  -10.812 10.064  1.00 4.46  ? 17  TYR A N   1 
ATOM   127  C CA  . TYR A 1 21  ? -10.187 -9.600  10.819  1.00 2.81  ? 17  TYR A CA  1 
ATOM   128  C C   . TYR A 1 21  ? -10.767 -8.631  9.800   1.00 5.49  ? 17  TYR A C   1 
ATOM   129  O O   . TYR A 1 21  ? -10.085 -7.733  9.305   1.00 6.08  ? 17  TYR A O   1 
ATOM   130  C CB  . TYR A 1 21  ? -8.914  -9.048  11.457  1.00 4.59  ? 17  TYR A CB  1 
ATOM   131  C CG  . TYR A 1 21  ? -8.076  -10.139 12.089  1.00 5.99  ? 17  TYR A CG  1 
ATOM   132  C CD1 . TYR A 1 21  ? -8.496  -10.780 13.256  1.00 5.54  ? 17  TYR A CD1 1 
ATOM   133  C CD2 . TYR A 1 21  ? -6.890  -10.569 11.496  1.00 6.10  ? 17  TYR A CD2 1 
ATOM   134  C CE1 . TYR A 1 21  ? -7.757  -11.822 13.814  1.00 6.42  ? 17  TYR A CE1 1 
ATOM   135  C CE2 . TYR A 1 21  ? -6.143  -11.609 12.045  1.00 4.72  ? 17  TYR A CE2 1 
ATOM   136  C CZ  . TYR A 1 21  ? -6.581  -12.231 13.205  1.00 5.69  ? 17  TYR A CZ  1 
ATOM   137  O OH  . TYR A 1 21  ? -5.841  -13.255 13.758  1.00 8.82  ? 17  TYR A OH  1 
ATOM   138  N N   . ARG A 1 22  ? -12.042 -8.834  9.497   1.00 4.84  ? 18  ARG A N   1 
ATOM   139  C CA  . ARG A 1 22  ? -12.733 -8.066  8.473   1.00 4.51  ? 18  ARG A CA  1 
ATOM   140  C C   . ARG A 1 22  ? -13.011 -6.588  8.766   1.00 6.03  ? 18  ARG A C   1 
ATOM   141  O O   . ARG A 1 22  ? -12.587 -5.717  8.000   1.00 6.94  ? 18  ARG A O   1 
ATOM   142  C CB  . ARG A 1 22  ? -13.999 -8.843  8.102   1.00 5.79  ? 18  ARG A CB  1 
ATOM   143  C CG  . ARG A 1 22  ? -13.651 -10.307 7.761   1.00 5.74  ? 18  ARG A CG  1 
ATOM   144  C CD  . ARG A 1 22  ? -14.870 -11.211 7.613   1.00 6.58  ? 18  ARG A CD  1 
ATOM   145  N NE  . ARG A 1 22  ? -15.528 -11.482 8.889   1.00 4.61  ? 18  ARG A NE  1 
ATOM   146  C CZ  . ARG A 1 22  ? -15.052 -12.294 9.827   1.00 3.80  ? 18  ARG A CZ  1 
ATOM   147  N NH1 . ARG A 1 22  ? -13.902 -12.934 9.659   1.00 5.32  ? 18  ARG A NH1 1 
ATOM   148  N NH2 . ARG A 1 22  ? -15.744 -12.479 10.942  1.00 6.09  ? 18  ARG A NH2 1 
ATOM   149  N N   . ASP A 1 23  ? -13.708 -6.286  9.854   1.00 6.75  ? 19  ASP A N   1 
ATOM   150  C CA  . ASP A 1 23  ? -13.983 -4.890  10.178  1.00 6.93  ? 19  ASP A CA  1 
ATOM   151  C C   . ASP A 1 23  ? -12.708 -4.081  10.427  1.00 6.86  ? 19  ASP A C   1 
ATOM   152  O O   . ASP A 1 23  ? -12.640 -2.894  10.073  1.00 8.03  ? 19  ASP A O   1 
ATOM   153  C CB  . ASP A 1 23  ? -14.885 -4.771  11.412  1.00 8.89  ? 19  ASP A CB  1 
ATOM   154  C CG  . ASP A 1 23  ? -16.318 -5.180  11.136  1.00 14.92 ? 19  ASP A CG  1 
ATOM   155  O OD1 . ASP A 1 23  ? -16.784 -4.999  9.994   1.00 17.72 ? 19  ASP A OD1 1 
ATOM   156  O OD2 . ASP A 1 23  ? -16.986 -5.666  12.076  1.00 18.01 ? 19  ASP A OD2 1 
ATOM   157  N N   . LEU A 1 24  ? -11.704 -4.702  11.044  1.00 5.27  ? 20  LEU A N   1 
ATOM   158  C CA  . LEU A 1 24  ? -10.455 -3.993  11.300  1.00 4.35  ? 20  LEU A CA  1 
ATOM   159  C C   . LEU A 1 24  ? -9.786  -3.629  9.974   1.00 5.48  ? 20  LEU A C   1 
ATOM   160  O O   . LEU A 1 24  ? -9.222  -2.548  9.840   1.00 7.41  ? 20  LEU A O   1 
ATOM   161  C CB  . LEU A 1 24  ? -9.517  -4.840  12.160  1.00 4.94  ? 20  LEU A CB  1 
ATOM   162  C CG  . LEU A 1 24  ? -9.922  -4.988  13.628  1.00 6.42  ? 20  LEU A CG  1 
ATOM   163  C CD1 . LEU A 1 24  ? -9.025  -6.013  14.300  1.00 9.18  ? 20  LEU A CD1 1 
ATOM   164  C CD2 . LEU A 1 24  ? -9.818  -3.636  14.326  1.00 7.79  ? 20  LEU A CD2 1 
ATOM   165  N N   . THR A 1 25  ? -9.873  -4.520  8.990   1.00 5.75  ? 21  THR A N   1 
ATOM   166  C CA  . THR A 1 25  ? -9.282  -4.253  7.681   1.00 6.14  ? 21  THR A CA  1 
ATOM   167  C C   . THR A 1 25  ? -10.099 -3.189  6.942   1.00 5.73  ? 21  THR A C   1 
ATOM   168  O O   . THR A 1 25  ? -9.537  -2.294  6.314   1.00 6.85  ? 21  THR A O   1 
ATOM   169  C CB  . THR A 1 25  ? -9.203  -5.541  6.846   1.00 4.75  ? 21  THR A CB  1 
ATOM   170  O OG1 . THR A 1 25  ? -8.312  -6.460  7.490   1.00 5.32  ? 21  THR A OG1 1 
ATOM   171  C CG2 . THR A 1 25  ? -8.706  -5.246  5.440   1.00 6.91  ? 21  THR A CG2 1 
ATOM   172  N N   . VAL A 1 26  ? -11.423 -3.287  7.019   1.00 6.17  ? 22  VAL A N   1 
ATOM   173  C CA  . VAL A 1 26  ? -12.293 -2.309  6.368   1.00 5.34  ? 22  VAL A CA  1 
ATOM   174  C C   . VAL A 1 26  ? -12.067 -0.908  6.954   1.00 5.25  ? 22  VAL A C   1 
ATOM   175  O O   . VAL A 1 26  ? -11.902 0.062   6.218   1.00 7.30  ? 22  VAL A O   1 
ATOM   176  C CB  . VAL A 1 26  ? -13.786 -2.686  6.548   1.00 4.03  ? 22  VAL A CB  1 
ATOM   177  C CG1 . VAL A 1 26  ? -14.685 -1.563  6.034   1.00 7.75  ? 22  VAL A CG1 1 
ATOM   178  C CG2 . VAL A 1 26  ? -14.082 -3.979  5.825   1.00 6.99  ? 22  VAL A CG2 1 
ATOM   179  N N   . ARG A 1 27  ? -12.045 -0.812  8.281   1.00 6.65  ? 23  ARG A N   1 
ATOM   180  C CA  . ARG A 1 27  ? -11.857 0.473   8.950   1.00 6.14  ? 23  ARG A CA  1 
ATOM   181  C C   . ARG A 1 27  ? -10.563 1.154   8.516   1.00 8.08  ? 23  ARG A C   1 
ATOM   182  O O   . ARG A 1 27  ? -10.558 2.339   8.180   1.00 9.76  ? 23  ARG A O   1 
ATOM   183  C CB  . ARG A 1 27  ? -11.841 0.288   10.471  1.00 9.96  ? 23  ARG A CB  1 
ATOM   184  C CG  . ARG A 1 27  ? -11.849 1.589   11.260  1.00 15.30 ? 23  ARG A CG  1 
ATOM   185  C CD  . ARG A 1 27  ? -13.250 2.183   11.306  1.00 28.21 ? 23  ARG A CD  1 
ATOM   186  N NE  . ARG A 1 27  ? -13.735 2.567   9.984   1.00 33.08 ? 23  ARG A NE  1 
ATOM   187  C CZ  . ARG A 1 27  ? -15.019 2.713   9.674   1.00 34.04 ? 23  ARG A CZ  1 
ATOM   188  N NH1 . ARG A 1 27  ? -15.953 2.503   10.589  1.00 36.13 ? 23  ARG A NH1 1 
ATOM   189  N NH2 . ARG A 1 27  ? -15.370 3.074   8.447   1.00 34.95 ? 23  ARG A NH2 1 
ATOM   190  N N   . GLU A 1 28  ? -9.459  0.415   8.524   1.00 6.69  ? 24  GLU A N   1 
ATOM   191  C CA  . GLU A 1 28  ? -8.197  1.017   8.128   1.00 7.76  ? 24  GLU A CA  1 
ATOM   192  C C   . GLU A 1 28  ? -8.189  1.385   6.649   1.00 7.99  ? 24  GLU A C   1 
ATOM   193  O O   . GLU A 1 28  ? -7.597  2.394   6.264   1.00 9.45  ? 24  GLU A O   1 
ATOM   194  C CB  . GLU A 1 28  ? -7.026  0.083   8.437   1.00 8.46  ? 24  GLU A CB  1 
ATOM   195  C CG  . GLU A 1 28  ? -5.664  0.730   8.216   1.00 12.79 ? 24  GLU A CG  1 
ATOM   196  C CD  . GLU A 1 28  ? -5.446  1.966   9.084   1.00 19.03 ? 24  GLU A CD  1 
ATOM   197  O OE1 . GLU A 1 28  ? -6.354  2.321   9.866   1.00 19.23 ? 24  GLU A OE1 1 
ATOM   198  O OE2 . GLU A 1 28  ? -4.363  2.582   8.988   1.00 12.64 ? 24  GLU A OE2 1 
ATOM   199  N N   . THR A 1 29  ? -8.848  0.578   5.819   1.00 6.32  ? 25  THR A N   1 
ATOM   200  C CA  . THR A 1 29  ? -8.896  0.871   4.394   1.00 5.61  ? 25  THR A CA  1 
ATOM   201  C C   . THR A 1 29  ? -9.662  2.170   4.150   1.00 8.80  ? 25  THR A C   1 
ATOM   202  O O   . THR A 1 29  ? -9.235  3.009   3.355   1.00 6.59  ? 25  THR A O   1 
ATOM   203  C CB  . THR A 1 29  ? -9.550  -0.283  3.614   1.00 6.74  ? 25  THR A CB  1 
ATOM   204  O OG1 . THR A 1 29  ? -8.722  -1.444  3.716   1.00 7.62  ? 25  THR A OG1 1 
ATOM   205  C CG2 . THR A 1 29  ? -9.710  0.089   2.144   1.00 9.32  ? 25  THR A CG2 1 
ATOM   206  N N   . VAL A 1 30  ? -10.788 2.340   4.835   1.00 6.97  ? 26  VAL A N   1 
ATOM   207  C CA  . VAL A 1 30  ? -11.568 3.561   4.683   1.00 6.86  ? 26  VAL A CA  1 
ATOM   208  C C   . VAL A 1 30  ? -10.700 4.749   5.082   1.00 8.36  ? 26  VAL A C   1 
ATOM   209  O O   . VAL A 1 30  ? -10.648 5.755   4.375   1.00 10.00 ? 26  VAL A O   1 
ATOM   210  C CB  . VAL A 1 30  ? -12.829 3.536   5.565   1.00 6.94  ? 26  VAL A CB  1 
ATOM   211  C CG1 . VAL A 1 30  ? -13.451 4.929   5.622   1.00 10.53 ? 26  VAL A CG1 1 
ATOM   212  C CG2 . VAL A 1 30  ? -13.831 2.530   5.006   1.00 9.44  ? 26  VAL A CG2 1 
ATOM   213  N N   . ASN A 1 31  ? -10.004 4.630   6.209   1.00 8.09  ? 27  ASN A N   1 
ATOM   214  C CA  . ASN A 1 31  ? -9.146  5.717   6.662   1.00 8.05  ? 27  ASN A CA  1 
ATOM   215  C C   . ASN A 1 31  ? -8.101  6.095   5.616   1.00 10.91 ? 27  ASN A C   1 
ATOM   216  O O   . ASN A 1 31  ? -7.871  7.277   5.362   1.00 10.83 ? 27  ASN A O   1 
ATOM   217  C CB  . ASN A 1 31  ? -8.437  5.349   7.967   1.00 13.18 ? 27  ASN A CB  1 
ATOM   218  C CG  . ASN A 1 31  ? -9.390  5.245   9.137   1.00 20.00 ? 27  ASN A CG  1 
ATOM   219  O OD1 . ASN A 1 31  ? -10.348 6.011   9.240   1.00 20.25 ? 27  ASN A OD1 1 
ATOM   220  N ND2 . ASN A 1 31  ? -9.121  4.306   10.038  1.00 23.15 ? 27  ASN A ND2 1 
ATOM   221  N N   . VAL A 1 32  ? -7.483  5.090   5.003   1.00 7.87  ? 28  VAL A N   1 
ATOM   222  C CA  . VAL A 1 32  ? -6.458  5.328   3.997   1.00 7.65  ? 28  VAL A CA  1 
ATOM   223  C C   . VAL A 1 32  ? -7.009  5.986   2.726   1.00 9.79  ? 28  VAL A C   1 
ATOM   224  O O   . VAL A 1 32  ? -6.446  6.975   2.246   1.00 11.05 ? 28  VAL A O   1 
ATOM   225  C CB  . VAL A 1 32  ? -5.738  4.008   3.618   1.00 7.57  ? 28  VAL A CB  1 
ATOM   226  C CG1 . VAL A 1 32  ? -4.841  4.219   2.400   1.00 7.80  ? 28  VAL A CG1 1 
ATOM   227  C CG2 . VAL A 1 32  ? -4.908  3.514   4.807   1.00 9.47  ? 28  VAL A CG2 1 
ATOM   228  N N   . ILE A 1 33  ? -8.101  5.451   2.185   1.00 10.09 ? 29  ILE A N   1 
ATOM   229  C CA  . ILE A 1 33  ? -8.674  6.007   0.963   1.00 10.37 ? 29  ILE A CA  1 
ATOM   230  C C   . ILE A 1 33  ? -9.262  7.400   1.172   1.00 11.01 ? 29  ILE A C   1 
ATOM   231  O O   . ILE A 1 33  ? -9.386  8.179   0.222   1.00 13.69 ? 29  ILE A O   1 
ATOM   232  C CB  . ILE A 1 33  ? -9.746  5.064   0.365   1.00 13.27 ? 29  ILE A CB  1 
ATOM   233  C CG1 . ILE A 1 33  ? -10.837 4.777   1.396   1.00 18.84 ? 29  ILE A CG1 1 
ATOM   234  C CG2 . ILE A 1 33  ? -9.089  3.767   -0.093  1.00 17.72 ? 29  ILE A CG2 1 
ATOM   235  C CD1 . ILE A 1 33  ? -11.909 3.820   0.906   1.00 23.60 ? 29  ILE A CD1 1 
ATOM   236  N N   . THR A 1 34  ? -9.606  7.722   2.414   1.00 11.90 ? 30  THR A N   1 
ATOM   237  C CA  . THR A 1 34  ? -10.158 9.036   2.726   1.00 12.24 ? 30  THR A CA  1 
ATOM   238  C C   . THR A 1 34  ? -9.051  10.089  2.729   1.00 13.56 ? 30  THR A C   1 
ATOM   239  O O   . THR A 1 34  ? -9.235  11.197  2.231   1.00 15.85 ? 30  THR A O   1 
ATOM   240  C CB  . THR A 1 34  ? -10.864 9.030   4.100   1.00 13.44 ? 30  THR A CB  1 
ATOM   241  O OG1 . THR A 1 34  ? -12.022 8.189   4.029   1.00 16.09 ? 30  THR A OG1 1 
ATOM   242  C CG2 . THR A 1 34  ? -11.290 10.440  4.498   1.00 18.71 ? 30  THR A CG2 1 
ATOM   243  N N   . LEU A 1 35  ? -7.897  9.738   3.290   1.00 11.02 ? 31  LEU A N   1 
ATOM   244  C CA  . LEU A 1 35  ? -6.770  10.662  3.357   1.00 8.87  ? 31  LEU A CA  1 
ATOM   245  C C   . LEU A 1 35  ? -5.961  10.710  2.060   1.00 11.88 ? 31  LEU A C   1 
ATOM   246  O O   . LEU A 1 35  ? -5.418  11.756  1.693   1.00 13.61 ? 31  LEU A O   1 
ATOM   247  C CB  . LEU A 1 35  ? -5.847  10.279  4.520   1.00 12.48 ? 31  LEU A CB  1 
ATOM   248  C CG  . LEU A 1 35  ? -4.578  11.120  4.677   1.00 14.97 ? 31  LEU A CG  1 
ATOM   249  C CD1 . LEU A 1 35  ? -4.948  12.590  4.835   1.00 15.96 ? 31  LEU A CD1 1 
ATOM   250  C CD2 . LEU A 1 35  ? -3.793  10.634  5.883   1.00 17.81 ? 31  LEU A CD2 1 
ATOM   251  N N   . TYR A 1 36  ? -5.882  9.574   1.373   1.00 8.96  ? 32  TYR A N   1 
ATOM   252  C CA  . TYR A 1 36  ? -5.140  9.473   0.123   1.00 10.10 ? 32  TYR A CA  1 
ATOM   253  C C   . TYR A 1 36  ? -6.112  9.219   -1.021  1.00 11.95 ? 32  TYR A C   1 
ATOM   254  O O   . TYR A 1 36  ? -6.398  8.078   -1.384  1.00 10.51 ? 32  TYR A O   1 
ATOM   255  C CB  . TYR A 1 36  ? -4.099  8.356   0.244   1.00 8.77  ? 32  TYR A CB  1 
ATOM   256  C CG  . TYR A 1 36  ? -3.082  8.667   1.318   1.00 9.86  ? 32  TYR A CG  1 
ATOM   257  C CD1 . TYR A 1 36  ? -2.117  9.655   1.121   1.00 9.22  ? 32  TYR A CD1 1 
ATOM   258  C CD2 . TYR A 1 36  ? -3.136  8.035   2.566   1.00 8.14  ? 32  TYR A CD2 1 
ATOM   259  C CE1 . TYR A 1 36  ? -1.235  10.016  2.136   1.00 8.73  ? 32  TYR A CE1 1 
ATOM   260  C CE2 . TYR A 1 36  ? -2.263  8.390   3.589   1.00 9.92  ? 32  TYR A CE2 1 
ATOM   261  C CZ  . TYR A 1 36  ? -1.318  9.382   3.367   1.00 8.62  ? 32  TYR A CZ  1 
ATOM   262  O OH  . TYR A 1 36  ? -0.473  9.757   4.382   1.00 12.30 ? 32  TYR A OH  1 
ATOM   263  N N   . LYS A 1 37  ? -6.608  10.320  -1.580  1.00 11.33 ? 33  LYS A N   1 
ATOM   264  C CA  . LYS A 1 37  ? -7.584  10.317  -2.663  1.00 14.25 ? 33  LYS A CA  1 
ATOM   265  C C   . LYS A 1 37  ? -7.196  9.587   -3.942  1.00 13.32 ? 33  LYS A C   1 
ATOM   266  O O   . LYS A 1 37  ? -8.050  9.336   -4.795  1.00 13.78 ? 33  LYS A O   1 
ATOM   267  C CB  . LYS A 1 37  ? -7.948  11.761  -3.016  1.00 18.81 ? 33  LYS A CB  1 
ATOM   268  C CG  . LYS A 1 37  ? -8.466  12.568  -1.842  1.00 28.53 ? 33  LYS A CG  1 
ATOM   269  C CD  . LYS A 1 37  ? -8.824  13.983  -2.262  1.00 33.93 ? 33  LYS A CD  1 
ATOM   270  C CE  . LYS A 1 37  ? -9.296  14.792  -1.069  1.00 38.72 ? 33  LYS A CE  1 
ATOM   271  N NZ  . LYS A 1 37  ? -10.452 14.139  -0.393  1.00 42.76 ? 33  LYS A NZ  1 
ATOM   272  N N   . ASP A 1 38  ? -5.921  9.253   -4.089  1.00 9.21  ? 34  ASP A N   1 
ATOM   273  C CA  . ASP A 1 38  ? -5.476  8.568   -5.293  1.00 9.45  ? 34  ASP A CA  1 
ATOM   274  C C   . ASP A 1 38  ? -5.165  7.088   -5.087  1.00 9.10  ? 34  ASP A C   1 
ATOM   275  O O   . ASP A 1 38  ? -4.613  6.432   -5.970  1.00 9.73  ? 34  ASP A O   1 
ATOM   276  C CB  . ASP A 1 38  ? -4.277  9.303   -5.895  1.00 12.76 ? 34  ASP A CB  1 
ATOM   277  C CG  . ASP A 1 38  ? -4.656  10.676  -6.434  1.00 17.99 ? 34  ASP A CG  1 
ATOM   278  O OD1 . ASP A 1 38  ? -5.563  10.746  -7.292  1.00 21.99 ? 34  ASP A OD1 1 
ATOM   279  O OD2 . ASP A 1 38  ? -4.056  11.682  -6.002  1.00 21.13 ? 34  ASP A OD2 1 
ATOM   280  N N   . LEU A 1 39  ? -5.531  6.569   -3.919  1.00 8.74  ? 35  LEU A N   1 
ATOM   281  C CA  . LEU A 1 39  ? -5.351  5.153   -3.611  1.00 9.90  ? 35  LEU A CA  1 
ATOM   282  C C   . LEU A 1 39  ? -6.743  4.545   -3.678  1.00 9.35  ? 35  LEU A C   1 
ATOM   283  O O   . LEU A 1 39  ? -7.686  5.074   -3.087  1.00 15.37 ? 35  LEU A O   1 
ATOM   284  C CB  . LEU A 1 39  ? -4.763  4.952   -2.210  1.00 9.52  ? 35  LEU A CB  1 
ATOM   285  C CG  . LEU A 1 39  ? -3.254  5.155   -2.063  1.00 10.95 ? 35  LEU A CG  1 
ATOM   286  C CD1 . LEU A 1 39  ? -2.838  4.885   -0.620  1.00 9.55  ? 35  LEU A CD1 1 
ATOM   287  C CD2 . LEU A 1 39  ? -2.522  4.212   -3.004  1.00 9.88  ? 35  LEU A CD2 1 
ATOM   288  N N   . LYS A 1 40  ? -6.871  3.442   -4.405  1.00 7.67  ? 36  LYS A N   1 
ATOM   289  C CA  . LYS A 1 40  ? -8.161  2.783   -4.562  1.00 9.23  ? 36  LYS A CA  1 
ATOM   290  C C   . LYS A 1 40  ? -8.129  1.339   -4.099  1.00 7.60  ? 36  LYS A C   1 
ATOM   291  O O   . LYS A 1 40  ? -7.131  0.638   -4.274  1.00 8.35  ? 36  LYS A O   1 
ATOM   292  C CB  . LYS A 1 40  ? -8.599  2.811   -6.027  1.00 12.47 ? 36  LYS A CB  1 
ATOM   293  C CG  . LYS A 1 40  ? -8.732  4.202   -6.615  1.00 16.32 ? 36  LYS A CG  1 
ATOM   294  C CD  . LYS A 1 40  ? -9.246  4.137   -8.043  1.00 22.32 ? 36  LYS A CD  1 
ATOM   295  C CE  . LYS A 1 40  ? -9.448  5.531   -8.617  1.00 26.32 ? 36  LYS A CE  1 
ATOM   296  N NZ  . LYS A 1 40  ? -10.064 5.489   -9.972  1.00 30.34 ? 36  LYS A NZ  1 
ATOM   297  N N   . PRO A 1 41  ? -9.228  0.873   -3.490  1.00 6.32  ? 37  PRO A N   1 
ATOM   298  C CA  . PRO A 1 41  ? -9.285  -0.512  -3.020  1.00 7.65  ? 37  PRO A CA  1 
ATOM   299  C C   . PRO A 1 41  ? -9.700  -1.396  -4.184  1.00 8.15  ? 37  PRO A C   1 
ATOM   300  O O   . PRO A 1 41  ? -10.661 -1.090  -4.887  1.00 10.87 ? 37  PRO A O   1 
ATOM   301  C CB  . PRO A 1 41  ? -10.335 -0.457  -1.922  1.00 8.93  ? 37  PRO A CB  1 
ATOM   302  C CG  . PRO A 1 41  ? -11.294 0.558   -2.447  1.00 9.96  ? 37  PRO A CG  1 
ATOM   303  C CD  . PRO A 1 41  ? -10.398 1.641   -3.029  1.00 8.95  ? 37  PRO A CD  1 
ATOM   304  N N   . VAL A 1 42  ? -8.973  -2.486  -4.391  1.00 10.63 ? 38  VAL A N   1 
ATOM   305  C CA  . VAL A 1 42  ? -9.270  -3.393  -5.490  1.00 11.00 ? 38  VAL A CA  1 
ATOM   306  C C   . VAL A 1 42  ? -9.125  -4.847  -5.070  1.00 11.83 ? 38  VAL A C   1 
ATOM   307  O O   . VAL A 1 42  ? -8.192  -5.204  -4.354  1.00 9.87  ? 38  VAL A O   1 
ATOM   308  C CB  . VAL A 1 42  ? -8.312  -3.151  -6.678  1.00 14.56 ? 38  VAL A CB  1 
ATOM   309  C CG1 . VAL A 1 42  ? -8.655  -4.087  -7.826  1.00 19.83 ? 38  VAL A CG1 1 
ATOM   310  C CG2 . VAL A 1 42  ? -8.387  -1.699  -7.125  1.00 15.07 ? 38  VAL A CG2 1 
ATOM   311  N N   . LEU A 1 43  ? -10.056 -5.686  -5.505  1.00 12.27 ? 39  LEU A N   1 
ATOM   312  C CA  . LEU A 1 43  ? -9.975  -7.104  -5.204  1.00 12.71 ? 39  LEU A CA  1 
ATOM   313  C C   . LEU A 1 43  ? -9.258  -7.684  -6.416  1.00 12.56 ? 39  LEU A C   1 
ATOM   314  O O   . LEU A 1 43  ? -9.712  -7.531  -7.550  1.00 14.71 ? 39  LEU A O   1 
ATOM   315  C CB  . LEU A 1 43  ? -11.371 -7.713  -5.071  1.00 15.19 ? 39  LEU A CB  1 
ATOM   316  C CG  . LEU A 1 43  ? -11.414 -9.194  -4.688  1.00 17.73 ? 39  LEU A CG  1 
ATOM   317  C CD1 . LEU A 1 43  ? -10.797 -9.393  -3.312  1.00 14.43 ? 39  LEU A CD1 1 
ATOM   318  C CD2 . LEU A 1 43  ? -12.856 -9.675  -4.696  1.00 20.80 ? 39  LEU A CD2 1 
ATOM   319  N N   . ASP A 1 44  ? -8.126  -8.332  -6.181  1.00 9.03  ? 40  ASP A N   1 
ATOM   320  C CA  . ASP A 1 44  ? -7.356  -8.898  -7.275  1.00 11.06 ? 40  ASP A CA  1 
ATOM   321  C C   . ASP A 1 44  ? -6.580  -10.098 -6.767  1.00 10.84 ? 40  ASP A C   1 
ATOM   322  O O   . ASP A 1 44  ? -6.509  -10.334 -5.561  1.00 11.85 ? 40  ASP A O   1 
ATOM   323  C CB  . ASP A 1 44  ? -6.415  -7.822  -7.836  1.00 13.46 ? 40  ASP A CB  1 
ATOM   324  C CG  . ASP A 1 44  ? -5.617  -8.297  -9.039  1.00 17.74 ? 40  ASP A CG  1 
ATOM   325  O OD1 . ASP A 1 44  ? -6.187  -8.992  -9.904  1.00 18.82 ? 40  ASP A OD1 1 
ATOM   326  O OD2 . ASP A 1 44  ? -4.421  -7.955  -9.121  1.00 27.86 ? 40  ASP A OD2 1 
ATOM   327  N N   . SER A 1 45  ? -6.020  -10.876 -7.685  1.00 10.07 ? 41  SER A N   1 
ATOM   328  C CA  . SER A 1 45  ? -5.260  -12.047 -7.291  1.00 9.97  ? 41  SER A CA  1 
ATOM   329  C C   . SER A 1 45  ? -3.776  -11.728 -7.169  1.00 7.35  ? 41  SER A C   1 
ATOM   330  O O   . SER A 1 45  ? -3.199  -11.060 -8.025  1.00 9.17  ? 41  SER A O   1 
ATOM   331  C CB  . SER A 1 45  ? -5.476  -13.183 -8.296  1.00 12.31 ? 41  SER A CB  1 
ATOM   332  O OG  . SER A 1 45  ? -5.164  -12.777 -9.616  1.00 22.29 ? 41  SER A OG  1 
ATOM   333  N N   . TYR A 1 46  ? -3.171  -12.192 -6.082  1.00 6.59  ? 42  TYR A N   1 
ATOM   334  C CA  . TYR A 1 46  ? -1.748  -11.986 -5.842  1.00 7.23  ? 42  TYR A CA  1 
ATOM   335  C C   . TYR A 1 46  ? -1.005  -13.273 -6.198  1.00 11.74 ? 42  TYR A C   1 
ATOM   336  O O   . TYR A 1 46  ? -1.039  -14.245 -5.444  1.00 14.26 ? 42  TYR A O   1 
ATOM   337  C CB  . TYR A 1 46  ? -1.499  -11.637 -4.369  1.00 7.69  ? 42  TYR A CB  1 
ATOM   338  C CG  . TYR A 1 46  ? -0.048  -11.370 -4.044  1.00 10.14 ? 42  TYR A CG  1 
ATOM   339  C CD1 . TYR A 1 46  ? 0.465   -11.647 -2.777  1.00 13.07 ? 42  TYR A CD1 1 
ATOM   340  C CD2 . TYR A 1 46  ? 0.822   -10.862 -5.010  1.00 14.12 ? 42  TYR A CD2 1 
ATOM   341  C CE1 . TYR A 1 46  ? 1.812   -11.430 -2.480  1.00 12.61 ? 42  TYR A CE1 1 
ATOM   342  C CE2 . TYR A 1 46  ? 2.166   -10.641 -4.724  1.00 14.44 ? 42  TYR A CE2 1 
ATOM   343  C CZ  . TYR A 1 46  ? 2.654   -10.931 -3.459  1.00 11.77 ? 42  TYR A CZ  1 
ATOM   344  O OH  . TYR A 1 46  ? 3.992   -10.748 -3.184  1.00 13.93 ? 42  TYR A OH  1 
ATOM   345  N N   . GLY A 1 47  ? -0.350  -13.279 -7.355  1.00 16.13 ? 43  GLY A N   1 
ATOM   346  C CA  . GLY A 1 47  ? 0.392   -14.455 -7.780  1.00 17.12 ? 43  GLY A CA  1 
ATOM   347  C C   . GLY A 1 47  ? -0.466  -15.557 -8.374  1.00 21.87 ? 43  GLY A C   1 
ATOM   348  O O   . GLY A 1 47  ? -0.309  -15.912 -9.544  1.00 26.76 ? 43  GLY A O   1 
ATOM   349  N N   . THR A 1 48  ? -1.368  -16.109 -7.567  1.00 23.17 ? 44  THR A N   1 
ATOM   350  C CA  . THR A 1 48  ? -2.259  -17.174 -8.021  1.00 20.91 ? 44  THR A CA  1 
ATOM   351  C C   . THR A 1 48  ? -3.662  -16.610 -8.222  1.00 18.74 ? 44  THR A C   1 
ATOM   352  O O   . THR A 1 48  ? -4.165  -15.870 -7.377  1.00 19.36 ? 44  THR A O   1 
ATOM   353  C CB  . THR A 1 48  ? -2.331  -18.327 -6.990  1.00 20.50 ? 44  THR A CB  1 
ATOM   354  O OG1 . THR A 1 48  ? -1.010  -18.798 -6.697  1.00 14.35 ? 44  THR A OG1 1 
ATOM   355  C CG2 . THR A 1 48  ? -3.153  -19.482 -7.542  1.00 20.35 ? 44  THR A CG2 1 
ATOM   356  N N   . GLY A 1 49  ? -4.289  -16.960 -9.341  1.00 19.73 ? 48  GLY A N   1 
ATOM   357  C CA  . GLY A 1 49  ? -5.625  -16.468 -9.619  1.00 13.38 ? 48  GLY A CA  1 
ATOM   358  C C   . GLY A 1 49  ? -6.584  -16.738 -8.477  1.00 17.16 ? 48  GLY A C   1 
ATOM   359  O O   . GLY A 1 49  ? -7.549  -16.003 -8.270  1.00 19.44 ? 48  GLY A O   1 
ATOM   360  N N   . SER A 1 50  ? -6.310  -17.797 -7.725  1.00 16.63 ? 49  SER A N   1 
ATOM   361  C CA  . SER A 1 50  ? -7.157  -18.171 -6.607  1.00 18.29 ? 49  SER A CA  1 
ATOM   362  C C   . SER A 1 50  ? -6.817  -17.393 -5.342  1.00 11.55 ? 49  SER A C   1 
ATOM   363  O O   . SER A 1 50  ? -7.617  -17.349 -4.410  1.00 13.82 ? 49  SER A O   1 
ATOM   364  C CB  . SER A 1 50  ? -7.036  -19.672 -6.337  1.00 17.83 ? 49  SER A CB  1 
ATOM   365  O OG  . SER A 1 50  ? -5.696  -20.030 -6.047  1.00 26.27 ? 49  SER A OG  1 
ATOM   366  N N   . ARG A 1 51  ? -5.635  -16.780 -5.301  1.00 11.60 ? 50  ARG A N   1 
ATOM   367  C CA  . ARG A 1 51  ? -5.242  -16.017 -4.116  1.00 7.26  ? 50  ARG A CA  1 
ATOM   368  C C   . ARG A 1 51  ? -5.809  -14.608 -4.197  1.00 8.09  ? 50  ARG A C   1 
ATOM   369  O O   . ARG A 1 51  ? -5.071  -13.635 -4.386  1.00 6.86  ? 50  ARG A O   1 
ATOM   370  C CB  . ARG A 1 51  ? -3.719  -15.949 -3.984  1.00 8.20  ? 50  ARG A CB  1 
ATOM   371  C CG  . ARG A 1 51  ? -3.220  -15.429 -2.628  1.00 6.85  ? 50  ARG A CG  1 
ATOM   372  C CD  . ARG A 1 51  ? -3.257  -16.520 -1.553  1.00 5.09  ? 50  ARG A CD  1 
ATOM   373  N NE  . ARG A 1 51  ? -2.617  -16.124 -0.290  1.00 5.82  ? 50  ARG A NE  1 
ATOM   374  C CZ  . ARG A 1 51  ? -3.262  -15.666 0.784   1.00 5.97  ? 50  ARG A CZ  1 
ATOM   375  N NH1 . ARG A 1 51  ? -2.573  -15.338 1.872   1.00 6.42  ? 50  ARG A NH1 1 
ATOM   376  N NH2 . ARG A 1 51  ? -4.585  -15.543 0.786   1.00 4.74  ? 50  ARG A NH2 1 
ATOM   377  N N   . GLU A 1 52  ? -7.124  -14.509 -4.063  1.00 6.19  ? 51  GLU A N   1 
ATOM   378  C CA  . GLU A 1 52  ? -7.795  -13.225 -4.109  1.00 6.24  ? 51  GLU A CA  1 
ATOM   379  C C   . GLU A 1 52  ? -7.572  -12.468 -2.809  1.00 5.72  ? 51  GLU A C   1 
ATOM   380  O O   . GLU A 1 52  ? -7.784  -13.000 -1.710  1.00 7.76  ? 51  GLU A O   1 
ATOM   381  C CB  . GLU A 1 52  ? -9.292  -13.414 -4.358  1.00 11.10 ? 51  GLU A CB  1 
ATOM   382  C CG  . GLU A 1 52  ? -9.591  -14.087 -5.690  1.00 19.40 ? 51  GLU A CG  1 
ATOM   383  C CD  . GLU A 1 52  ? -11.019 -13.872 -6.159  1.00 25.44 ? 51  GLU A CD  1 
ATOM   384  O OE1 . GLU A 1 52  ? -11.390 -14.443 -7.206  1.00 33.81 ? 51  GLU A OE1 1 
ATOM   385  O OE2 . GLU A 1 52  ? -11.768 -13.131 -5.488  1.00 34.03 ? 51  GLU A OE2 1 
ATOM   386  N N   . LEU A 1 53  ? -7.130  -11.226 -2.948  1.00 5.68  ? 52  LEU A N   1 
ATOM   387  C CA  . LEU A 1 53  ? -6.864  -10.366 -1.805  1.00 6.31  ? 52  LEU A CA  1 
ATOM   388  C C   . LEU A 1 53  ? -7.204  -8.931  -2.163  1.00 4.65  ? 52  LEU A C   1 
ATOM   389  O O   . LEU A 1 53  ? -7.198  -8.550  -3.335  1.00 7.90  ? 52  LEU A O   1 
ATOM   390  C CB  . LEU A 1 53  ? -5.388  -10.428 -1.425  1.00 4.50  ? 52  LEU A CB  1 
ATOM   391  C CG  . LEU A 1 53  ? -4.819  -11.728 -0.858  1.00 6.96  ? 52  LEU A CG  1 
ATOM   392  C CD1 . LEU A 1 53  ? -3.303  -11.591 -0.692  1.00 8.68  ? 52  LEU A CD1 1 
ATOM   393  C CD2 . LEU A 1 53  ? -5.476  -12.040 0.473   1.00 6.32  ? 52  LEU A CD2 1 
ATOM   394  N N   . MET A 1 54  ? -7.517  -8.132  -1.154  1.00 5.73  ? 53  MET A N   1 
ATOM   395  C CA  . MET A 1 54  ? -7.790  -6.736  -1.411  1.00 7.40  ? 53  MET A CA  1 
ATOM   396  C C   . MET A 1 54  ? -6.448  -6.017  -1.363  1.00 7.59  ? 53  MET A C   1 
ATOM   397  O O   . MET A 1 54  ? -5.580  -6.336  -0.550  1.00 7.18  ? 53  MET A O   1 
ATOM   398  C CB  . MET A 1 54  ? -8.731  -6.151  -0.353  1.00 10.31 ? 53  MET A CB  1 
ATOM   399  C CG  . MET A 1 54  ? -9.024  -4.662  -0.556  1.00 11.09 ? 53  MET A CG  1 
ATOM   400  S SD  . MET A 1 54  ? -10.438 -4.070  0.394   1.00 13.74 ? 53  MET A SD  1 
ATOM   401  C CE  . MET A 1 54  ? -9.698  -3.922  2.030   1.00 11.68 ? 53  MET A CE  1 
ATOM   402  N N   . ASN A 1 55  ? -6.249  -5.077  -2.270  1.00 7.10  ? 54  ASN A N   1 
ATOM   403  C CA  . ASN A 1 55  ? -5.026  -4.312  -2.238  1.00 7.78  ? 54  ASN A CA  1 
ATOM   404  C C   . ASN A 1 55  ? -5.407  -2.871  -2.471  1.00 6.56  ? 54  ASN A C   1 
ATOM   405  O O   . ASN A 1 55  ? -6.478  -2.578  -3.006  1.00 11.86 ? 54  ASN A O   1 
ATOM   406  C CB  . ASN A 1 55  ? -4.023  -4.785  -3.301  1.00 8.43  ? 54  ASN A CB  1 
ATOM   407  C CG  . ASN A 1 55  ? -4.428  -4.408  -4.710  1.00 10.77 ? 54  ASN A CG  1 
ATOM   408  O OD1 . ASN A 1 55  ? -4.700  -3.240  -5.003  1.00 10.96 ? 54  ASN A OD1 1 
ATOM   409  N ND2 . ASN A 1 55  ? -4.449  -5.397  -5.602  1.00 14.49 ? 54  ASN A ND2 1 
ATOM   410  N N   . LEU A 1 56  ? -4.554  -1.972  -2.011  1.00 6.50  ? 55  LEU A N   1 
ATOM   411  C CA  . LEU A 1 56  ? -4.775  -0.554  -2.209  1.00 7.19  ? 55  LEU A CA  1 
ATOM   412  C C   . LEU A 1 56  ? -3.767  -0.154  -3.282  1.00 8.30  ? 55  LEU A C   1 
ATOM   413  O O   . LEU A 1 56  ? -2.556  -0.193  -3.057  1.00 9.02  ? 55  LEU A O   1 
ATOM   414  C CB  . LEU A 1 56  ? -4.532  0.202   -0.904  1.00 9.70  ? 55  LEU A CB  1 
ATOM   415  C CG  . LEU A 1 56  ? -5.376  -0.309  0.271   1.00 14.92 ? 55  LEU A CG  1 
ATOM   416  C CD1 . LEU A 1 56  ? -5.086  0.528   1.510   1.00 15.25 ? 55  LEU A CD1 1 
ATOM   417  C CD2 . LEU A 1 56  ? -6.858  -0.248  -0.079  1.00 19.13 ? 55  LEU A CD2 1 
ATOM   418  N N   . THR A 1 57  ? -4.279  0.203   -4.456  1.00 6.41  ? 56  THR A N   1 
ATOM   419  C CA  . THR A 1 57  ? -3.436  0.577   -5.585  1.00 8.63  ? 56  THR A CA  1 
ATOM   420  C C   . THR A 1 57  ? -3.695  2.001   -6.046  1.00 6.70  ? 56  THR A C   1 
ATOM   421  O O   . THR A 1 57  ? -4.832  2.473   -6.042  1.00 8.34  ? 56  THR A O   1 
ATOM   422  C CB  . THR A 1 57  ? -3.668  -0.370  -6.786  1.00 13.21 ? 56  THR A CB  1 
ATOM   423  O OG1 . THR A 1 57  ? -3.387  -1.717  -6.393  1.00 17.02 ? 56  THR A OG1 1 
ATOM   424  C CG2 . THR A 1 57  ? -2.763  0.009   -7.949  1.00 16.47 ? 56  THR A CG2 1 
ATOM   425  N N   . GLY A 1 58  ? -2.627  2.678   -6.453  1.00 6.11  ? 57  GLY A N   1 
ATOM   426  C CA  . GLY A 1 58  ? -2.742  4.047   -6.919  1.00 6.92  ? 57  GLY A CA  1 
ATOM   427  C C   . GLY A 1 58  ? -1.450  4.773   -6.612  1.00 8.31  ? 57  GLY A C   1 
ATOM   428  O O   . GLY A 1 58  ? -0.374  4.175   -6.657  1.00 10.34 ? 57  GLY A O   1 
ATOM   429  N N   . THR A 1 59  ? -1.543  6.059   -6.299  1.00 6.82  ? 58  THR A N   1 
ATOM   430  C CA  . THR A 1 59  ? -0.348  6.825   -5.977  1.00 7.62  ? 58  THR A CA  1 
ATOM   431  C C   . THR A 1 59  ? -0.476  7.550   -4.649  1.00 7.37  ? 58  THR A C   1 
ATOM   432  O O   . THR A 1 59  ? -1.579  7.775   -4.147  1.00 9.16  ? 58  THR A O   1 
ATOM   433  C CB  . THR A 1 59  ? -0.041  7.894   -7.052  1.00 7.04  ? 58  THR A CB  1 
ATOM   434  O OG1 . THR A 1 59  ? -1.120  8.833   -7.113  1.00 9.37  ? 58  THR A OG1 1 
ATOM   435  C CG2 . THR A 1 59  ? 0.161   7.238   -8.418  1.00 9.10  ? 58  THR A CG2 1 
ATOM   436  N N   . ILE A 1 60  ? 0.673   7.895   -4.079  1.00 7.39  ? 59  ILE A N   1 
ATOM   437  C CA  . ILE A 1 60  ? 0.726   8.662   -2.844  1.00 7.50  ? 59  ILE A CA  1 
ATOM   438  C C   . ILE A 1 60  ? 1.579   9.888   -3.177  1.00 6.58  ? 59  ILE A C   1 
ATOM   439  O O   . ILE A 1 60  ? 2.548   9.794   -3.932  1.00 7.83  ? 59  ILE A O   1 
ATOM   440  C CB  . ILE A 1 60  ? 1.367   7.866   -1.682  1.00 8.10  ? 59  ILE A CB  1 
ATOM   441  C CG1 . ILE A 1 60  ? 2.718   7.298   -2.109  1.00 8.55  ? 59  ILE A CG1 1 
ATOM   442  C CG2 . ILE A 1 60  ? 0.414   6.771   -1.219  1.00 10.52 ? 59  ILE A CG2 1 
ATOM   443  C CD1 . ILE A 1 60  ? 3.469   6.609   -0.986  1.00 12.05 ? 59  ILE A CD1 1 
ATOM   444  N N   . PRO A 1 61  ? 1.211   11.062  -2.641  1.00 9.06  ? 60  PRO A N   1 
ATOM   445  C CA  . PRO A 1 61  ? 1.958   12.294  -2.904  1.00 8.84  ? 60  PRO A CA  1 
ATOM   446  C C   . PRO A 1 61  ? 3.252   12.395  -2.102  1.00 6.82  ? 60  PRO A C   1 
ATOM   447  O O   . PRO A 1 61  ? 3.246   12.306  -0.871  1.00 9.40  ? 60  PRO A O   1 
ATOM   448  C CB  . PRO A 1 61  ? 0.958   13.376  -2.525  1.00 11.30 ? 60  PRO A CB  1 
ATOM   449  C CG  . PRO A 1 61  ? 0.277   12.770  -1.350  1.00 9.89  ? 60  PRO A CG  1 
ATOM   450  C CD  . PRO A 1 61  ? 0.037   11.332  -1.793  1.00 9.45  ? 60  PRO A CD  1 
ATOM   451  N N   . VAL A 1 62  ? 4.360   12.592  -2.806  1.00 8.82  ? 61  VAL A N   1 
ATOM   452  C CA  . VAL A 1 62  ? 5.663   12.686  -2.167  1.00 8.90  ? 61  VAL A CA  1 
ATOM   453  C C   . VAL A 1 62  ? 6.412   13.928  -2.625  1.00 10.25 ? 61  VAL A C   1 
ATOM   454  O O   . VAL A 1 62  ? 6.688   14.094  -3.813  1.00 9.93  ? 61  VAL A O   1 
ATOM   455  C CB  . VAL A 1 62  ? 6.515   11.449  -2.499  1.00 10.83 ? 61  VAL A CB  1 
ATOM   456  C CG1 . VAL A 1 62  ? 7.883   11.564  -1.843  1.00 12.57 ? 61  VAL A CG1 1 
ATOM   457  C CG2 . VAL A 1 62  ? 5.790   10.188  -2.045  1.00 11.88 ? 61  VAL A CG2 1 
ATOM   458  N N   . PRO A 1 63  ? 6.746   14.825  -1.687  1.00 14.66 ? 62  PRO A N   1 
ATOM   459  C CA  . PRO A 1 63  ? 7.474   16.036  -2.065  1.00 14.09 ? 62  PRO A CA  1 
ATOM   460  C C   . PRO A 1 63  ? 8.924   15.688  -2.386  1.00 13.48 ? 62  PRO A C   1 
ATOM   461  O O   . PRO A 1 63  ? 9.547   14.889  -1.686  1.00 12.78 ? 62  PRO A O   1 
ATOM   462  C CB  . PRO A 1 63  ? 7.345   16.909  -0.824  1.00 14.86 ? 62  PRO A CB  1 
ATOM   463  C CG  . PRO A 1 63  ? 7.367   15.900  0.281   1.00 19.55 ? 62  PRO A CG  1 
ATOM   464  C CD  . PRO A 1 63  ? 6.440   14.822  -0.245  1.00 16.02 ? 62  PRO A CD  1 
ATOM   465  N N   . TYR A 1 64  ? 9.451   16.281  -3.450  1.00 13.46 ? 63  TYR A N   1 
ATOM   466  C CA  . TYR A 1 64  ? 10.827  16.040  -3.866  1.00 13.77 ? 63  TYR A CA  1 
ATOM   467  C C   . TYR A 1 64  ? 11.329  17.183  -4.738  1.00 16.84 ? 63  TYR A C   1 
ATOM   468  O O   . TYR A 1 64  ? 10.709  17.520  -5.748  1.00 15.74 ? 63  TYR A O   1 
ATOM   469  C CB  . TYR A 1 64  ? 10.928  14.729  -4.654  1.00 13.80 ? 63  TYR A CB  1 
ATOM   470  C CG  . TYR A 1 64  ? 12.332  14.399  -5.109  1.00 15.46 ? 63  TYR A CG  1 
ATOM   471  C CD1 . TYR A 1 64  ? 13.329  14.088  -4.184  1.00 19.29 ? 63  TYR A CD1 1 
ATOM   472  C CD2 . TYR A 1 64  ? 12.667  14.410  -6.461  1.00 18.82 ? 63  TYR A CD2 1 
ATOM   473  C CE1 . TYR A 1 64  ? 14.628  13.795  -4.596  1.00 15.41 ? 63  TYR A CE1 1 
ATOM   474  C CE2 . TYR A 1 64  ? 13.963  14.118  -6.885  1.00 20.77 ? 63  TYR A CE2 1 
ATOM   475  C CZ  . TYR A 1 64  ? 14.938  13.812  -5.946  1.00 21.11 ? 63  TYR A CZ  1 
ATOM   476  O OH  . TYR A 1 64  ? 16.221  13.527  -6.356  1.00 25.90 ? 63  TYR A OH  1 
ATOM   477  N N   . ARG A 1 65  ? 12.450  17.778  -4.341  1.00 17.99 ? 64  ARG A N   1 
ATOM   478  C CA  . ARG A 1 65  ? 13.051  18.871  -5.099  1.00 20.31 ? 64  ARG A CA  1 
ATOM   479  C C   . ARG A 1 65  ? 12.080  20.013  -5.408  1.00 22.19 ? 64  ARG A C   1 
ATOM   480  O O   . ARG A 1 65  ? 12.098  20.565  -6.505  1.00 23.47 ? 64  ARG A O   1 
ATOM   481  C CB  . ARG A 1 65  ? 13.630  18.331  -6.412  1.00 23.44 ? 64  ARG A CB  1 
ATOM   482  C CG  . ARG A 1 65  ? 14.726  17.287  -6.243  1.00 31.20 ? 64  ARG A CG  1 
ATOM   483  C CD  . ARG A 1 65  ? 16.042  17.913  -5.828  1.00 34.74 ? 64  ARG A CD  1 
ATOM   484  N NE  . ARG A 1 65  ? 17.078  16.905  -5.623  1.00 39.09 ? 64  ARG A NE  1 
ATOM   485  C CZ  . ARG A 1 65  ? 18.365  17.182  -5.440  1.00 38.75 ? 64  ARG A CZ  1 
ATOM   486  N NH1 . ARG A 1 65  ? 18.779  18.442  -5.441  1.00 41.52 ? 64  ARG A NH1 1 
ATOM   487  N NH2 . ARG A 1 65  ? 19.236  16.200  -5.254  1.00 40.32 ? 64  ARG A NH2 1 
ATOM   488  N N   . GLY A 1 66  ? 11.231  20.357  -4.442  1.00 25.38 ? 65  GLY A N   1 
ATOM   489  C CA  . GLY A 1 66  ? 10.291  21.447  -4.642  1.00 26.85 ? 65  GLY A CA  1 
ATOM   490  C C   . GLY A 1 66  ? 8.944   21.092  -5.248  1.00 27.81 ? 65  GLY A C   1 
ATOM   491  O O   . GLY A 1 66  ? 8.023   21.910  -5.222  1.00 28.06 ? 65  GLY A O   1 
ATOM   492  N N   . ASN A 1 67  ? 8.818   19.888  -5.797  1.00 22.25 ? 66  ASN A N   1 
ATOM   493  C CA  . ASN A 1 67  ? 7.557   19.470  -6.399  1.00 21.00 ? 66  ASN A CA  1 
ATOM   494  C C   . ASN A 1 67  ? 6.994   18.211  -5.753  1.00 17.62 ? 66  ASN A C   1 
ATOM   495  O O   . ASN A 1 67  ? 7.719   17.430  -5.139  1.00 18.08 ? 66  ASN A O   1 
ATOM   496  C CB  . ASN A 1 67  ? 7.739   19.240  -7.899  1.00 26.30 ? 66  ASN A CB  1 
ATOM   497  C CG  . ASN A 1 67  ? 8.107   20.509  -8.639  1.00 31.64 ? 66  ASN A CG  1 
ATOM   498  O OD1 . ASN A 1 67  ? 9.153   21.106  -8.387  1.00 37.28 ? 66  ASN A OD1 1 
ATOM   499  N ND2 . ASN A 1 67  ? 7.242   20.934  -9.554  1.00 31.35 ? 66  ASN A ND2 1 
ATOM   500  N N   . THR A 1 68  ? 5.687   18.022  -5.892  1.00 15.34 ? 67  THR A N   1 
ATOM   501  C CA  . THR A 1 68  ? 5.025   16.857  -5.327  1.00 14.01 ? 67  THR A CA  1 
ATOM   502  C C   . THR A 1 68  ? 4.785   15.841  -6.430  1.00 14.04 ? 67  THR A C   1 
ATOM   503  O O   . THR A 1 68  ? 4.121   16.136  -7.427  1.00 13.87 ? 67  THR A O   1 
ATOM   504  C CB  . THR A 1 68  ? 3.673   17.235  -4.689  1.00 12.76 ? 67  THR A CB  1 
ATOM   505  O OG1 . THR A 1 68  ? 3.899   18.100  -3.571  1.00 17.98 ? 67  THR A OG1 1 
ATOM   506  C CG2 . THR A 1 68  ? 2.933   15.989  -4.218  1.00 15.65 ? 67  THR A CG2 1 
ATOM   507  N N   . TYR A 1 69  ? 5.333   14.645  -6.251  1.00 9.90  ? 68  TYR A N   1 
ATOM   508  C CA  . TYR A 1 69  ? 5.174   13.590  -7.235  1.00 11.65 ? 68  TYR A CA  1 
ATOM   509  C C   . TYR A 1 69  ? 4.199   12.527  -6.756  1.00 10.69 ? 68  TYR A C   1 
ATOM   510  O O   . TYR A 1 69  ? 4.042   12.303  -5.556  1.00 13.70 ? 68  TYR A O   1 
ATOM   511  C CB  . TYR A 1 69  ? 6.528   12.950  -7.552  1.00 10.06 ? 68  TYR A CB  1 
ATOM   512  C CG  . TYR A 1 69  ? 7.492   13.903  -8.215  1.00 12.24 ? 68  TYR A CG  1 
ATOM   513  C CD1 . TYR A 1 69  ? 8.271   14.779  -7.458  1.00 15.83 ? 68  TYR A CD1 1 
ATOM   514  C CD2 . TYR A 1 69  ? 7.597   13.961  -9.606  1.00 14.17 ? 68  TYR A CD2 1 
ATOM   515  C CE1 . TYR A 1 69  ? 9.131   15.687  -8.067  1.00 16.74 ? 68  TYR A CE1 1 
ATOM   516  C CE2 . TYR A 1 69  ? 8.450   14.866  -10.225 1.00 15.80 ? 68  TYR A CE2 1 
ATOM   517  C CZ  . TYR A 1 69  ? 9.214   15.725  -9.452  1.00 18.08 ? 68  TYR A CZ  1 
ATOM   518  O OH  . TYR A 1 69  ? 10.061  16.619  -10.063 1.00 19.77 ? 68  TYR A OH  1 
ATOM   519  N N   . ASN A 1 70  ? 3.534   11.883  -7.708  1.00 10.21 ? 69  ASN A N   1 
ATOM   520  C CA  . ASN A 1 70  ? 2.583   10.834  -7.386  1.00 9.44  ? 69  ASN A CA  1 
ATOM   521  C C   . ASN A 1 70  ? 3.267   9.484   -7.601  1.00 8.32  ? 69  ASN A C   1 
ATOM   522  O O   . ASN A 1 70  ? 3.363   8.983   -8.724  1.00 10.56 ? 69  ASN A O   1 
ATOM   523  C CB  . ASN A 1 70  ? 1.347   10.979  -8.271  1.00 10.05 ? 69  ASN A CB  1 
ATOM   524  C CG  . ASN A 1 70  ? 0.664   12.321  -8.086  1.00 11.35 ? 69  ASN A CG  1 
ATOM   525  O OD1 . ASN A 1 70  ? 0.244   12.666  -6.978  1.00 12.49 ? 69  ASN A OD1 1 
ATOM   526  N ND2 . ASN A 1 70  ? 0.555   13.089  -9.166  1.00 12.79 ? 69  ASN A ND2 1 
ATOM   527  N N   . ILE A 1 71  ? 3.756   8.902   -6.509  1.00 6.50  ? 70  ILE A N   1 
ATOM   528  C CA  . ILE A 1 71  ? 4.454   7.626   -6.572  1.00 8.17  ? 70  ILE A CA  1 
ATOM   529  C C   . ILE A 1 71  ? 3.452   6.480   -6.614  1.00 8.02  ? 70  ILE A C   1 
ATOM   530  O O   . ILE A 1 71  ? 2.603   6.351   -5.731  1.00 6.39  ? 70  ILE A O   1 
ATOM   531  C CB  . ILE A 1 71  ? 5.389   7.458   -5.363  1.00 10.71 ? 70  ILE A CB  1 
ATOM   532  C CG1 . ILE A 1 71  ? 6.354   8.645   -5.284  1.00 10.70 ? 70  ILE A CG1 1 
ATOM   533  C CG2 . ILE A 1 71  ? 6.150   6.146   -5.467  1.00 11.09 ? 70  ILE A CG2 1 
ATOM   534  C CD1 . ILE A 1 71  ? 7.216   8.841   -6.518  1.00 13.30 ? 70  ILE A CD1 1 
ATOM   535  N N   . PRO A 1 72  ? 3.533   5.640   -7.655  1.00 7.51  ? 71  PRO A N   1 
ATOM   536  C CA  . PRO A 1 72  ? 2.634   4.498   -7.827  1.00 6.38  ? 71  PRO A CA  1 
ATOM   537  C C   . PRO A 1 72  ? 3.001   3.338   -6.918  1.00 6.68  ? 71  PRO A C   1 
ATOM   538  O O   . PRO A 1 72  ? 4.135   2.855   -6.936  1.00 7.52  ? 71  PRO A O   1 
ATOM   539  C CB  . PRO A 1 72  ? 2.805   4.161   -9.302  1.00 9.15  ? 71  PRO A CB  1 
ATOM   540  C CG  . PRO A 1 72  ? 4.260   4.427   -9.520  1.00 12.85 ? 71  PRO A CG  1 
ATOM   541  C CD  . PRO A 1 72  ? 4.483   5.737   -8.781  1.00 9.63  ? 71  PRO A CD  1 
ATOM   542  N N   . ILE A 1 73  ? 2.033   2.891   -6.127  1.00 7.58  ? 72  ILE A N   1 
ATOM   543  C CA  . ILE A 1 73  ? 2.256   1.778   -5.213  1.00 6.04  ? 72  ILE A CA  1 
ATOM   544  C C   . ILE A 1 73  ? 1.084   0.816   -5.198  1.00 5.88  ? 72  ILE A C   1 
ATOM   545  O O   . ILE A 1 73  ? -0.003  1.118   -5.693  1.00 6.79  ? 72  ILE A O   1 
ATOM   546  C CB  . ILE A 1 73  ? 2.466   2.258   -3.763  1.00 6.85  ? 72  ILE A CB  1 
ATOM   547  C CG1 . ILE A 1 73  ? 1.193   2.943   -3.251  1.00 7.09  ? 72  ILE A CG1 1 
ATOM   548  C CG2 . ILE A 1 73  ? 3.657   3.192   -3.694  1.00 9.86  ? 72  ILE A CG2 1 
ATOM   549  C CD1 . ILE A 1 73  ? 1.227   3.266   -1.754  1.00 7.42  ? 72  ILE A CD1 1 
ATOM   550  N N   . CYS A 1 74  ? 1.329   -0.351  -4.621  1.00 6.18  ? 73  CYS A N   1 
ATOM   551  C CA  . CYS A 1 74  ? 0.316   -1.378  -4.466  1.00 7.33  ? 73  CYS A CA  1 
ATOM   552  C C   . CYS A 1 74  ? 0.556   -2.010  -3.105  1.00 6.99  ? 73  CYS A C   1 
ATOM   553  O O   . CYS A 1 74  ? 1.630   -2.558  -2.853  1.00 8.64  ? 73  CYS A O   1 
ATOM   554  C CB  . CYS A 1 74  ? 0.433   -2.447  -5.551  1.00 8.74  ? 73  CYS A CB  1 
ATOM   555  S SG  . CYS A 1 74  ? -0.783  -3.788  -5.369  1.00 12.45 ? 73  CYS A SG  1 
ATOM   556  N N   . LEU A 1 75  ? -0.439  -1.922  -2.231  1.00 5.07  ? 74  LEU A N   1 
ATOM   557  C CA  . LEU A 1 75  ? -0.332  -2.488  -0.896  1.00 4.90  ? 74  LEU A CA  1 
ATOM   558  C C   . LEU A 1 75  ? -1.270  -3.681  -0.790  1.00 5.46  ? 74  LEU A C   1 
ATOM   559  O O   . LEU A 1 75  ? -2.494  -3.523  -0.783  1.00 5.53  ? 74  LEU A O   1 
ATOM   560  C CB  . LEU A 1 75  ? -0.706  -1.440  0.161   1.00 7.87  ? 74  LEU A CB  1 
ATOM   561  C CG  . LEU A 1 75  ? 0.013   -0.083  0.107   1.00 7.22  ? 74  LEU A CG  1 
ATOM   562  C CD1 . LEU A 1 75  ? -0.467  0.794   1.263   1.00 11.45 ? 74  LEU A CD1 1 
ATOM   563  C CD2 . LEU A 1 75  ? 1.516   -0.282  0.191   1.00 11.54 ? 74  LEU A CD2 1 
ATOM   564  N N   . TRP A 1 76  ? -0.695  -4.876  -0.724  1.00 3.06  ? 75  TRP A N   1 
ATOM   565  C CA  . TRP A 1 76  ? -1.495  -6.089  -0.605  1.00 4.52  ? 75  TRP A CA  1 
ATOM   566  C C   . TRP A 1 76  ? -1.781  -6.383  0.853   1.00 3.86  ? 75  TRP A C   1 
ATOM   567  O O   . TRP A 1 76  ? -0.857  -6.490  1.664   1.00 4.61  ? 75  TRP A O   1 
ATOM   568  C CB  . TRP A 1 76  ? -0.762  -7.301  -1.184  1.00 3.60  ? 75  TRP A CB  1 
ATOM   569  C CG  . TRP A 1 76  ? -0.590  -7.294  -2.670  1.00 4.40  ? 75  TRP A CG  1 
ATOM   570  C CD1 . TRP A 1 76  ? 0.526   -6.927  -3.367  1.00 7.10  ? 75  TRP A CD1 1 
ATOM   571  C CD2 . TRP A 1 76  ? -1.563  -7.693  -3.647  1.00 6.14  ? 75  TRP A CD2 1 
ATOM   572  N NE1 . TRP A 1 76  ? 0.309   -7.076  -4.716  1.00 8.75  ? 75  TRP A NE1 1 
ATOM   573  C CE2 . TRP A 1 76  ? -0.963  -7.544  -4.916  1.00 8.39  ? 75  TRP A CE2 1 
ATOM   574  C CE3 . TRP A 1 76  ? -2.882  -8.162  -3.573  1.00 7.20  ? 75  TRP A CE3 1 
ATOM   575  C CZ2 . TRP A 1 76  ? -1.634  -7.845  -6.105  1.00 8.68  ? 75  TRP A CZ2 1 
ATOM   576  C CZ3 . TRP A 1 76  ? -3.552  -8.466  -4.763  1.00 8.03  ? 75  TRP A CZ3 1 
ATOM   577  C CH2 . TRP A 1 76  ? -2.924  -8.304  -6.010  1.00 7.61  ? 75  TRP A CH2 1 
ATOM   578  N N   . LEU A 1 77  ? -3.059  -6.509  1.188   1.00 3.98  ? 76  LEU A N   1 
ATOM   579  C CA  . LEU A 1 77  ? -3.436  -6.827  2.555   1.00 3.35  ? 76  LEU A CA  1 
ATOM   580  C C   . LEU A 1 77  ? -3.676  -8.335  2.635   1.00 3.15  ? 76  LEU A C   1 
ATOM   581  O O   . LEU A 1 77  ? -4.573  -8.862  1.973   1.00 4.04  ? 76  LEU A O   1 
ATOM   582  C CB  . LEU A 1 77  ? -4.707  -6.072  2.946   1.00 4.54  ? 76  LEU A CB  1 
ATOM   583  C CG  . LEU A 1 77  ? -4.653  -4.571  2.639   1.00 4.05  ? 76  LEU A CG  1 
ATOM   584  C CD1 . LEU A 1 77  ? -5.903  -3.895  3.194   1.00 8.30  ? 76  LEU A CD1 1 
ATOM   585  C CD2 . LEU A 1 77  ? -3.389  -3.951  3.228   1.00 8.06  ? 76  LEU A CD2 1 
ATOM   586  N N   . LEU A 1 78  ? -2.861  -9.032  3.421   1.00 3.44  ? 77  LEU A N   1 
ATOM   587  C CA  . LEU A 1 78  ? -3.039  -10.472 3.570   1.00 3.59  ? 77  LEU A CA  1 
ATOM   588  C C   . LEU A 1 78  ? -4.343  -10.703 4.325   1.00 4.34  ? 77  LEU A C   1 
ATOM   589  O O   . LEU A 1 78  ? -4.862  -9.791  4.969   1.00 3.97  ? 77  LEU A O   1 
ATOM   590  C CB  . LEU A 1 78  ? -1.867  -11.083 4.342   1.00 4.81  ? 77  LEU A CB  1 
ATOM   591  C CG  . LEU A 1 78  ? -0.523  -11.025 3.620   1.00 5.35  ? 77  LEU A CG  1 
ATOM   592  C CD1 . LEU A 1 78  ? 0.552   -11.615 4.524   1.00 10.37 ? 77  LEU A CD1 1 
ATOM   593  C CD2 . LEU A 1 78  ? -0.603  -11.802 2.305   1.00 12.19 ? 77  LEU A CD2 1 
ATOM   594  N N   . ASP A 1 79  ? -4.867  -11.920 4.240   1.00 5.05  ? 78  ASP A N   1 
ATOM   595  C CA  . ASP A 1 79  ? -6.115  -12.251 4.917   1.00 4.02  ? 78  ASP A CA  1 
ATOM   596  C C   . ASP A 1 79  ? -5.985  -12.217 6.441   1.00 3.86  ? 78  ASP A C   1 
ATOM   597  O O   . ASP A 1 79  ? -6.966  -12.400 7.168   1.00 4.72  ? 78  ASP A O   1 
ATOM   598  C CB  . ASP A 1 79  ? -6.634  -13.614 4.425   1.00 5.79  ? 78  ASP A CB  1 
ATOM   599  C CG  . ASP A 1 79  ? -5.589  -14.707 4.495   1.00 6.53  ? 78  ASP A CG  1 
ATOM   600  O OD1 . ASP A 1 79  ? -5.826  -15.702 5.220   1.00 10.06 ? 78  ASP A OD1 1 
ATOM   601  O OD2 . ASP A 1 79  ? -4.543  -14.578 3.819   1.00 6.26  ? 78  ASP A OD2 1 
ATOM   602  N N   . THR A 1 80  ? -4.774  -11.943 6.915   1.00 2.90  ? 79  THR A N   1 
ATOM   603  C CA  . THR A 1 80  ? -4.508  -11.831 8.343   1.00 4.51  ? 79  THR A CA  1 
ATOM   604  C C   . THR A 1 80  ? -4.274  -10.378 8.770   1.00 5.58  ? 79  THR A C   1 
ATOM   605  O O   . THR A 1 80  ? -3.905  -10.121 9.920   1.00 5.81  ? 79  THR A O   1 
ATOM   606  C CB  . THR A 1 80  ? -3.276  -12.646 8.752   1.00 4.32  ? 79  THR A CB  1 
ATOM   607  O OG1 . THR A 1 80  ? -2.178  -12.311 7.896   1.00 5.24  ? 79  THR A OG1 1 
ATOM   608  C CG2 . THR A 1 80  ? -3.570  -14.139 8.656   1.00 9.08  ? 79  THR A CG2 1 
ATOM   609  N N   . TYR A 1 81  ? -4.470  -9.422  7.860   1.00 3.77  ? 80  TYR A N   1 
ATOM   610  C CA  . TYR A 1 81  ? -4.292  -8.017  8.222   1.00 2.06  ? 80  TYR A CA  1 
ATOM   611  C C   . TYR A 1 81  ? -5.329  -7.701  9.326   1.00 3.32  ? 80  TYR A C   1 
ATOM   612  O O   . TYR A 1 81  ? -6.470  -8.152  9.254   1.00 4.75  ? 80  TYR A O   1 
ATOM   613  C CB  . TYR A 1 81  ? -4.533  -7.114  7.000   1.00 5.36  ? 80  TYR A CB  1 
ATOM   614  C CG  . TYR A 1 81  ? -4.258  -5.672  7.313   1.00 4.92  ? 80  TYR A CG  1 
ATOM   615  C CD1 . TYR A 1 81  ? -2.964  -5.153  7.230   1.00 6.29  ? 80  TYR A CD1 1 
ATOM   616  C CD2 . TYR A 1 81  ? -5.258  -4.859  7.831   1.00 5.47  ? 80  TYR A CD2 1 
ATOM   617  C CE1 . TYR A 1 81  ? -2.676  -3.869  7.674   1.00 7.18  ? 80  TYR A CE1 1 
ATOM   618  C CE2 . TYR A 1 81  ? -4.977  -3.574  8.280   1.00 6.13  ? 80  TYR A CE2 1 
ATOM   619  C CZ  . TYR A 1 81  ? -3.688  -3.090  8.204   1.00 6.33  ? 80  TYR A CZ  1 
ATOM   620  O OH  . TYR A 1 81  ? -3.395  -1.848  8.725   1.00 9.17  ? 80  TYR A OH  1 
ATOM   621  N N   . PRO A 1 82  ? -4.976  -6.868  10.328  1.00 4.57  ? 81  PRO A N   1 
ATOM   622  C CA  . PRO A 1 82  ? -3.750  -6.128  10.630  1.00 5.31  ? 81  PRO A CA  1 
ATOM   623  C C   . PRO A 1 82  ? -2.691  -6.827  11.472  1.00 5.22  ? 81  PRO A C   1 
ATOM   624  O O   . PRO A 1 82  ? -1.709  -6.195  11.853  1.00 6.68  ? 81  PRO A O   1 
ATOM   625  C CB  . PRO A 1 82  ? -4.288  -4.902  11.348  1.00 4.04  ? 81  PRO A CB  1 
ATOM   626  C CG  . PRO A 1 82  ? -5.329  -5.519  12.234  1.00 5.61  ? 81  PRO A CG  1 
ATOM   627  C CD  . PRO A 1 82  ? -6.038  -6.497  11.288  1.00 5.40  ? 81  PRO A CD  1 
ATOM   628  N N   . TYR A 1 83  ? -2.868  -8.107  11.781  1.00 5.48  ? 82  TYR A N   1 
ATOM   629  C CA  . TYR A 1 83  ? -1.880  -8.785  12.613  1.00 5.77  ? 82  TYR A CA  1 
ATOM   630  C C   . TYR A 1 83  ? -0.584  -9.110  11.878  1.00 5.75  ? 82  TYR A C   1 
ATOM   631  O O   . TYR A 1 83  ? 0.459   -9.301  12.506  1.00 8.96  ? 82  TYR A O   1 
ATOM   632  C CB  . TYR A 1 83  ? -2.517  -10.016 13.260  1.00 7.32  ? 82  TYR A CB  1 
ATOM   633  C CG  . TYR A 1 83  ? -3.549  -9.630  14.307  1.00 7.72  ? 82  TYR A CG  1 
ATOM   634  C CD1 . TYR A 1 83  ? -3.191  -9.469  15.647  1.00 9.68  ? 82  TYR A CD1 1 
ATOM   635  C CD2 . TYR A 1 83  ? -4.869  -9.363  13.946  1.00 10.67 ? 82  TYR A CD2 1 
ATOM   636  C CE1 . TYR A 1 83  ? -4.129  -9.051  16.602  1.00 9.54  ? 82  TYR A CE1 1 
ATOM   637  C CE2 . TYR A 1 83  ? -5.809  -8.943  14.886  1.00 9.75  ? 82  TYR A CE2 1 
ATOM   638  C CZ  . TYR A 1 83  ? -5.433  -8.790  16.211  1.00 9.99  ? 82  TYR A CZ  1 
ATOM   639  O OH  . TYR A 1 83  ? -6.361  -8.373  17.138  1.00 15.44 ? 82  TYR A OH  1 
ATOM   640  N N   . ASN A 1 84  ? -0.650  -9.185  10.550  1.00 5.46  ? 83  ASN A N   1 
ATOM   641  C CA  . ASN A 1 84  ? 0.541   -9.406  9.734   1.00 5.25  ? 83  ASN A CA  1 
ATOM   642  C C   . ASN A 1 84  ? 0.622   -8.205  8.799   1.00 5.44  ? 83  ASN A C   1 
ATOM   643  O O   . ASN A 1 84  ? -0.407  -7.664  8.388   1.00 5.61  ? 83  ASN A O   1 
ATOM   644  C CB  . ASN A 1 84  ? 0.450   -10.683 8.890   1.00 4.69  ? 83  ASN A CB  1 
ATOM   645  C CG  . ASN A 1 84  ? 0.605   -11.947 9.714   1.00 8.07  ? 83  ASN A CG  1 
ATOM   646  O OD1 . ASN A 1 84  ? 1.448   -12.022 10.608  1.00 14.87 ? 83  ASN A OD1 1 
ATOM   647  N ND2 . ASN A 1 84  ? -0.199  -12.954 9.401   1.00 12.80 ? 83  ASN A ND2 1 
ATOM   648  N N   . PRO A 1 85  ? 1.842   -7.768  8.444   1.00 5.39  ? 84  PRO A N   1 
ATOM   649  C CA  . PRO A 1 85  ? 1.989   -6.615  7.556   1.00 5.02  ? 84  PRO A CA  1 
ATOM   650  C C   . PRO A 1 85  ? 1.604   -6.807  6.103   1.00 3.55  ? 84  PRO A C   1 
ATOM   651  O O   . PRO A 1 85  ? 1.534   -7.930  5.591   1.00 5.38  ? 84  PRO A O   1 
ATOM   652  C CB  . PRO A 1 85  ? 3.468   -6.258  7.695   1.00 5.96  ? 84  PRO A CB  1 
ATOM   653  C CG  . PRO A 1 85  ? 4.109   -7.585  7.901   1.00 4.88  ? 84  PRO A CG  1 
ATOM   654  C CD  . PRO A 1 85  ? 3.161   -8.256  8.887   1.00 5.91  ? 84  PRO A CD  1 
ATOM   655  N N   . PRO A 1 86  ? 1.317   -5.695  5.423   1.00 2.37  ? 85  PRO A N   1 
ATOM   656  C CA  . PRO A 1 86  ? 0.951   -5.754  4.010   1.00 4.76  ? 85  PRO A CA  1 
ATOM   657  C C   . PRO A 1 86  ? 2.224   -6.010  3.200   1.00 5.66  ? 85  PRO A C   1 
ATOM   658  O O   . PRO A 1 86  ? 3.333   -5.786  3.691   1.00 6.25  ? 85  PRO A O   1 
ATOM   659  C CB  . PRO A 1 86  ? 0.378   -4.365  3.753   1.00 4.66  ? 85  PRO A CB  1 
ATOM   660  C CG  . PRO A 1 86  ? 1.188   -3.494  4.683   1.00 6.15  ? 85  PRO A CG  1 
ATOM   661  C CD  . PRO A 1 86  ? 1.228   -4.317  5.946   1.00 3.74  ? 85  PRO A CD  1 
ATOM   662  N N   . ILE A 1 87  ? 2.065   -6.514  1.977   1.00 5.71  ? 86  ILE A N   1 
ATOM   663  C CA  . ILE A 1 87  ? 3.203   -6.743  1.083   1.00 4.54  ? 86  ILE A CA  1 
ATOM   664  C C   . ILE A 1 87  ? 3.099   -5.549  0.143   1.00 4.53  ? 86  ILE A C   1 
ATOM   665  O O   . ILE A 1 87  ? 2.102   -5.388  -0.569  1.00 5.20  ? 86  ILE A O   1 
ATOM   666  C CB  . ILE A 1 87  ? 3.073   -8.063  0.287   1.00 9.61  ? 86  ILE A CB  1 
ATOM   667  C CG1 . ILE A 1 87  ? 3.118   -9.261  1.239   1.00 14.49 ? 86  ILE A CG1 1 
ATOM   668  C CG2 . ILE A 1 87  ? 4.218   -8.183  -0.711  1.00 11.49 ? 86  ILE A CG2 1 
ATOM   669  C CD1 . ILE A 1 87  ? 1.919   -9.376  2.147   1.00 21.02 ? 86  ILE A CD1 1 
ATOM   670  N N   . CYS A 1 88  ? 4.129   -4.713  0.143   1.00 6.54  ? 87  CYS A N   1 
ATOM   671  C CA  . CYS A 1 88  ? 4.109   -3.477  -0.622  1.00 4.24  ? 87  CYS A CA  1 
ATOM   672  C C   . CYS A 1 88  ? 5.048   -3.384  -1.820  1.00 2.76  ? 87  CYS A C   1 
ATOM   673  O O   . CYS A 1 88  ? 6.207   -3.802  -1.759  1.00 5.55  ? 87  CYS A O   1 
ATOM   674  C CB  . CYS A 1 88  ? 4.378   -2.333  0.352   1.00 5.79  ? 87  CYS A CB  1 
ATOM   675  S SG  . CYS A 1 88  ? 3.439   -2.535  1.904   1.00 7.61  ? 87  CYS A SG  1 
ATOM   676  N N   . PHE A 1 89  ? 4.539   -2.806  -2.907  1.00 3.58  ? 88  PHE A N   1 
ATOM   677  C CA  . PHE A 1 89  ? 5.306   -2.655  -4.139  1.00 3.67  ? 88  PHE A CA  1 
ATOM   678  C C   . PHE A 1 89  ? 5.219   -1.275  -4.764  1.00 5.04  ? 88  PHE A C   1 
ATOM   679  O O   . PHE A 1 89  ? 4.207   -0.584  -4.646  1.00 6.39  ? 88  PHE A O   1 
ATOM   680  C CB  . PHE A 1 89  ? 4.805   -3.623  -5.204  1.00 3.82  ? 88  PHE A CB  1 
ATOM   681  C CG  . PHE A 1 89  ? 5.062   -5.057  -4.896  1.00 5.50  ? 88  PHE A CG  1 
ATOM   682  C CD1 . PHE A 1 89  ? 6.285   -5.637  -5.205  1.00 6.35  ? 88  PHE A CD1 1 
ATOM   683  C CD2 . PHE A 1 89  ? 4.077   -5.833  -4.297  1.00 5.60  ? 88  PHE A CD2 1 
ATOM   684  C CE1 . PHE A 1 89  ? 6.529   -6.974  -4.927  1.00 5.78  ? 88  PHE A CE1 1 
ATOM   685  C CE2 . PHE A 1 89  ? 4.305   -7.173  -4.011  1.00 7.69  ? 88  PHE A CE2 1 
ATOM   686  C CZ  . PHE A 1 89  ? 5.536   -7.747  -4.328  1.00 8.05  ? 88  PHE A CZ  1 
ATOM   687  N N   . VAL A 1 90  ? 6.295   -0.898  -5.446  1.00 7.42  ? 89  VAL A N   1 
ATOM   688  C CA  . VAL A 1 90  ? 6.338   0.343   -6.196  1.00 6.60  ? 89  VAL A CA  1 
ATOM   689  C C   . VAL A 1 90  ? 5.944   -0.191  -7.575  1.00 5.88  ? 89  VAL A C   1 
ATOM   690  O O   . VAL A 1 90  ? 6.476   -1.218  -8.007  1.00 9.48  ? 89  VAL A O   1 
ATOM   691  C CB  . VAL A 1 90  ? 7.761   0.926   -6.255  1.00 8.36  ? 89  VAL A CB  1 
ATOM   692  C CG1 . VAL A 1 90  ? 7.765   2.200   -7.083  1.00 12.23 ? 89  VAL A CG1 1 
ATOM   693  C CG2 . VAL A 1 90  ? 8.261   1.221   -4.848  1.00 15.43 ? 89  VAL A CG2 1 
ATOM   694  N N   . LYS A 1 91  ? 5.004   0.476   -8.243  1.00 6.83  ? 90  LYS A N   1 
ATOM   695  C CA  . LYS A 1 91  ? 4.526   0.041   -9.559  1.00 11.48 ? 90  LYS A CA  1 
ATOM   696  C C   . LYS A 1 91  ? 4.766   1.110   -10.617 1.00 12.66 ? 90  LYS A C   1 
ATOM   697  O O   . LYS A 1 91  ? 3.861   1.874   -10.960 1.00 14.95 ? 90  LYS A O   1 
ATOM   698  C CB  . LYS A 1 91  ? 3.029   -0.266  -9.494  1.00 14.94 ? 90  LYS A CB  1 
ATOM   699  C CG  . LYS A 1 91  ? 2.641   -1.252  -8.401  1.00 15.37 ? 90  LYS A CG  1 
ATOM   700  C CD  . LYS A 1 91  ? 3.293   -2.609  -8.616  1.00 20.92 ? 90  LYS A CD  1 
ATOM   701  C CE  . LYS A 1 91  ? 2.852   -3.243  -9.924  1.00 22.57 ? 90  LYS A CE  1 
ATOM   702  N NZ  . LYS A 1 91  ? 3.544   -4.538  -10.178 1.00 29.72 ? 90  LYS A NZ  1 
ATOM   703  N N   . PRO A 1 92  ? 5.987   1.164   -11.169 1.00 16.69 ? 91  PRO A N   1 
ATOM   704  C CA  . PRO A 1 92  ? 6.316   2.160   -12.192 1.00 16.74 ? 91  PRO A CA  1 
ATOM   705  C C   . PRO A 1 92  ? 5.440   2.091   -13.437 1.00 18.97 ? 91  PRO A C   1 
ATOM   706  O O   . PRO A 1 92  ? 4.982   1.017   -13.832 1.00 17.98 ? 91  PRO A O   1 
ATOM   707  C CB  . PRO A 1 92  ? 7.780   1.860   -12.498 1.00 18.93 ? 91  PRO A CB  1 
ATOM   708  C CG  . PRO A 1 92  ? 7.848   0.375   -12.316 1.00 21.16 ? 91  PRO A CG  1 
ATOM   709  C CD  . PRO A 1 92  ? 7.075   0.180   -11.029 1.00 18.43 ? 91  PRO A CD  1 
ATOM   710  N N   . THR A 1 93  ? 5.206   3.247   -14.050 1.00 24.95 ? 92  THR A N   1 
ATOM   711  C CA  . THR A 1 93  ? 4.407   3.307   -15.265 1.00 32.66 ? 92  THR A CA  1 
ATOM   712  C C   . THR A 1 93  ? 5.305   2.892   -16.425 1.00 35.04 ? 92  THR A C   1 
ATOM   713  O O   . THR A 1 93  ? 6.419   2.412   -16.212 1.00 35.06 ? 92  THR A O   1 
ATOM   714  C CB  . THR A 1 93  ? 3.878   4.732   -15.520 1.00 35.57 ? 92  THR A CB  1 
ATOM   715  O OG1 . THR A 1 93  ? 4.982   5.630   -15.688 1.00 37.88 ? 92  THR A OG1 1 
ATOM   716  C CG2 . THR A 1 93  ? 3.023   5.197   -14.351 1.00 35.88 ? 92  THR A CG2 1 
ATOM   717  N N   . SER A 1 94  ? 4.827   3.078   -17.650 1.00 37.01 ? 93  SER A N   1 
ATOM   718  C CA  . SER A 1 94  ? 5.607   2.712   -18.826 1.00 38.52 ? 93  SER A CA  1 
ATOM   719  C C   . SER A 1 94  ? 6.795   3.648   -19.024 1.00 37.58 ? 93  SER A C   1 
ATOM   720  O O   . SER A 1 94  ? 7.800   3.268   -19.626 1.00 38.01 ? 93  SER A O   1 
ATOM   721  C CB  . SER A 1 94  ? 4.720   2.733   -20.073 1.00 40.87 ? 93  SER A CB  1 
ATOM   722  O OG  . SER A 1 94  ? 4.119   4.004   -20.246 1.00 45.95 ? 93  SER A OG  1 
ATOM   723  N N   . SER A 1 95  ? 6.678   4.870   -18.512 1.00 36.17 ? 94  SER A N   1 
ATOM   724  C CA  . SER A 1 95  ? 7.742   5.860   -18.642 1.00 35.83 ? 94  SER A CA  1 
ATOM   725  C C   . SER A 1 95  ? 8.658   5.884   -17.423 1.00 35.11 ? 94  SER A C   1 
ATOM   726  O O   . SER A 1 95  ? 9.706   6.531   -17.435 1.00 35.04 ? 94  SER A O   1 
ATOM   727  C CB  . SER A 1 95  ? 7.141   7.252   -18.853 1.00 39.94 ? 94  SER A CB  1 
ATOM   728  O OG  . SER A 1 95  ? 6.339   7.629   -17.747 1.00 40.64 ? 94  SER A OG  1 
ATOM   729  N N   . MET A 1 96  ? 8.257   5.175   -16.374 1.00 32.36 ? 95  MET A N   1 
ATOM   730  C CA  . MET A 1 96  ? 9.041   5.120   -15.146 1.00 30.50 ? 95  MET A CA  1 
ATOM   731  C C   . MET A 1 96  ? 9.816   3.816   -15.036 1.00 26.26 ? 95  MET A C   1 
ATOM   732  O O   . MET A 1 96  ? 9.508   2.830   -15.708 1.00 24.12 ? 95  MET A O   1 
ATOM   733  C CB  . MET A 1 96  ? 8.125   5.251   -13.927 1.00 33.78 ? 95  MET A CB  1 
ATOM   734  C CG  . MET A 1 96  ? 7.265   6.498   -13.913 1.00 38.80 ? 95  MET A CG  1 
ATOM   735  S SD  . MET A 1 96  ? 6.148   6.530   -12.493 1.00 43.53 ? 95  MET A SD  1 
ATOM   736  C CE  . MET A 1 96  ? 7.000   7.664   -11.413 1.00 43.05 ? 95  MET A CE  1 
ATOM   737  N N   . THR A 1 97  ? 10.828  3.825   -14.180 1.00 23.88 ? 96  THR A N   1 
ATOM   738  C CA  . THR A 1 97  ? 11.650  2.651   -13.944 1.00 21.77 ? 96  THR A CA  1 
ATOM   739  C C   . THR A 1 97  ? 11.910  2.568   -12.448 1.00 17.35 ? 96  THR A C   1 
ATOM   740  O O   . THR A 1 97  ? 12.102  3.589   -11.787 1.00 15.22 ? 96  THR A O   1 
ATOM   741  C CB  . THR A 1 97  ? 13.000  2.740   -14.683 1.00 26.41 ? 96  THR A CB  1 
ATOM   742  O OG1 . THR A 1 97  ? 12.769  2.821   -16.094 1.00 28.90 ? 96  THR A OG1 1 
ATOM   743  C CG2 . THR A 1 97  ? 13.850  1.513   -14.386 1.00 28.60 ? 96  THR A CG2 1 
ATOM   744  N N   . ILE A 1 98  ? 11.907  1.350   -11.917 1.00 15.68 ? 97  ILE A N   1 
ATOM   745  C CA  . ILE A 1 98  ? 12.146  1.140   -10.498 1.00 13.20 ? 97  ILE A CA  1 
ATOM   746  C C   . ILE A 1 98  ? 13.578  1.525   -10.151 1.00 12.80 ? 97  ILE A C   1 
ATOM   747  O O   . ILE A 1 98  ? 14.512  1.204   -10.887 1.00 14.83 ? 97  ILE A O   1 
ATOM   748  C CB  . ILE A 1 98  ? 11.911  -0.338  -10.115 1.00 13.77 ? 97  ILE A CB  1 
ATOM   749  C CG1 . ILE A 1 98  ? 10.454  -0.715  -10.387 1.00 16.42 ? 97  ILE A CG1 1 
ATOM   750  C CG2 . ILE A 1 98  ? 12.260  -0.563  -8.651  1.00 14.65 ? 97  ILE A CG2 1 
ATOM   751  C CD1 . ILE A 1 98  ? 10.141  -2.179  -10.165 1.00 17.74 ? 97  ILE A CD1 1 
ATOM   752  N N   . LYS A 1 99  ? 13.743  2.230   -9.038  1.00 11.65 ? 98  LYS A N   1 
ATOM   753  C CA  . LYS A 1 99  ? 15.061  2.649   -8.584  1.00 11.47 ? 98  LYS A CA  1 
ATOM   754  C C   . LYS A 1 99  ? 15.489  1.751   -7.425  1.00 12.01 ? 98  LYS A C   1 
ATOM   755  O O   . LYS A 1 99  ? 15.159  2.017   -6.265  1.00 13.61 ? 98  LYS A O   1 
ATOM   756  C CB  . LYS A 1 99  ? 15.023  4.113   -8.134  1.00 15.29 ? 98  LYS A CB  1 
ATOM   757  C CG  . LYS A 1 99  ? 16.334  4.645   -7.568  1.00 21.73 ? 98  LYS A CG  1 
ATOM   758  C CD  . LYS A 1 99  ? 17.439  4.667   -8.608  1.00 27.78 ? 98  LYS A CD  1 
ATOM   759  C CE  . LYS A 1 99  ? 18.722  5.244   -8.028  1.00 32.03 ? 98  LYS A CE  1 
ATOM   760  N NZ  . LYS A 1 99  ? 19.803  5.341   -9.045  1.00 36.65 ? 98  LYS A NZ  1 
ATOM   761  N N   . THR A 1 100 ? 16.220  0.687   -7.744  1.00 10.27 ? 99  THR A N   1 
ATOM   762  C CA  . THR A 1 100 ? 16.680  -0.258  -6.730  1.00 6.93  ? 99  THR A CA  1 
ATOM   763  C C   . THR A 1 100 ? 17.567  0.440   -5.713  1.00 6.59  ? 99  THR A C   1 
ATOM   764  O O   . THR A 1 100 ? 18.493  1.170   -6.068  1.00 9.07  ? 99  THR A O   1 
ATOM   765  C CB  . THR A 1 100 ? 17.450  -1.426  -7.372  1.00 8.02  ? 99  THR A CB  1 
ATOM   766  O OG1 . THR A 1 100 ? 16.602  -2.084  -8.322  1.00 11.64 ? 99  THR A OG1 1 
ATOM   767  C CG2 . THR A 1 100 ? 17.874  -2.434  -6.310  1.00 7.36  ? 99  THR A CG2 1 
ATOM   768  N N   . GLY A 1 101 ? 17.282  0.216   -4.438  1.00 5.14  ? 100 GLY A N   1 
ATOM   769  C CA  . GLY A 1 101 ? 18.065  0.862   -3.408  1.00 7.15  ? 100 GLY A CA  1 
ATOM   770  C C   . GLY A 1 101 ? 17.855  0.255   -2.042  1.00 6.12  ? 100 GLY A C   1 
ATOM   771  O O   . GLY A 1 101 ? 17.455  -0.902  -1.914  1.00 8.06  ? 100 GLY A O   1 
ATOM   772  N N   . LYS A 1 102 ? 18.118  1.051   -1.012  1.00 6.24  ? 101 LYS A N   1 
ATOM   773  C CA  . LYS A 1 102 ? 17.979  0.591   0.360   1.00 5.38  ? 101 LYS A CA  1 
ATOM   774  C C   . LYS A 1 102 ? 16.601  0.038   0.706   1.00 5.86  ? 101 LYS A C   1 
ATOM   775  O O   . LYS A 1 102 ? 16.497  -1.000  1.350   1.00 7.85  ? 101 LYS A O   1 
ATOM   776  C CB  . LYS A 1 102 ? 18.325  1.741   1.310   1.00 7.98  ? 101 LYS A CB  1 
ATOM   777  C CG  . LYS A 1 102 ? 18.422  1.364   2.769   1.00 7.18  ? 101 LYS A CG  1 
ATOM   778  C CD  . LYS A 1 102 ? 18.935  2.551   3.574   1.00 11.18 ? 101 LYS A CD  1 
ATOM   779  C CE  . LYS A 1 102 ? 19.064  2.210   5.043   1.00 16.39 ? 101 LYS A CE  1 
ATOM   780  N NZ  . LYS A 1 102 ? 19.579  3.372   5.819   1.00 20.85 ? 101 LYS A NZ  1 
ATOM   781  N N   . HIS A 1 103 ? 15.546  0.721   0.272   1.00 6.09  ? 102 HIS A N   1 
ATOM   782  C CA  . HIS A 1 103 ? 14.188  0.293   0.593   1.00 4.65  ? 102 HIS A CA  1 
ATOM   783  C C   . HIS A 1 103 ? 13.362  -0.297  -0.548  1.00 4.00  ? 102 HIS A C   1 
ATOM   784  O O   . HIS A 1 103 ? 12.161  -0.537  -0.381  1.00 6.23  ? 102 HIS A O   1 
ATOM   785  C CB  . HIS A 1 103 ? 13.434  1.471   1.200   1.00 4.92  ? 102 HIS A CB  1 
ATOM   786  C CG  . HIS A 1 103 ? 14.092  2.030   2.422   1.00 8.42  ? 102 HIS A CG  1 
ATOM   787  N ND1 . HIS A 1 103 ? 14.094  1.367   3.631   1.00 9.72  ? 102 HIS A ND1 1 
ATOM   788  C CD2 . HIS A 1 103 ? 14.811  3.161   2.610   1.00 11.77 ? 102 HIS A CD2 1 
ATOM   789  C CE1 . HIS A 1 103 ? 14.788  2.067   4.511   1.00 13.32 ? 102 HIS A CE1 1 
ATOM   790  N NE2 . HIS A 1 103 ? 15.233  3.159   3.918   1.00 12.85 ? 102 HIS A NE2 1 
ATOM   791  N N   . VAL A 1 104 ? 13.985  -0.534  -1.696  1.00 4.76  ? 103 VAL A N   1 
ATOM   792  C CA  . VAL A 1 104 ? 13.257  -1.083  -2.845  1.00 5.31  ? 103 VAL A CA  1 
ATOM   793  C C   . VAL A 1 104 ? 14.149  -2.059  -3.600  1.00 5.53  ? 103 VAL A C   1 
ATOM   794  O O   . VAL A 1 104 ? 15.274  -1.715  -3.965  1.00 6.48  ? 103 VAL A O   1 
ATOM   795  C CB  . VAL A 1 104 ? 12.834  0.041   -3.820  1.00 7.22  ? 103 VAL A CB  1 
ATOM   796  C CG1 . VAL A 1 104 ? 11.981  -0.531  -4.934  1.00 9.42  ? 103 VAL A CG1 1 
ATOM   797  C CG2 . VAL A 1 104 ? 12.083  1.136   -3.070  1.00 7.76  ? 103 VAL A CG2 1 
ATOM   798  N N   . ASP A 1 105 ? 13.667  -3.278  -3.831  1.00 4.18  ? 104 ASP A N   1 
ATOM   799  C CA  . ASP A 1 105 ? 14.484  -4.242  -4.559  1.00 5.35  ? 104 ASP A CA  1 
ATOM   800  C C   . ASP A 1 105 ? 14.170  -4.234  -6.050  1.00 6.97  ? 104 ASP A C   1 
ATOM   801  O O   . ASP A 1 105 ? 13.318  -3.472  -6.506  1.00 6.59  ? 104 ASP A O   1 
ATOM   802  C CB  . ASP A 1 105 ? 14.361  -5.662  -3.966  1.00 7.28  ? 104 ASP A CB  1 
ATOM   803  C CG  . ASP A 1 105 ? 13.012  -6.338  -4.242  1.00 6.95  ? 104 ASP A CG  1 
ATOM   804  O OD1 . ASP A 1 105 ? 12.238  -5.879  -5.102  1.00 5.64  ? 104 ASP A OD1 1 
ATOM   805  O OD2 . ASP A 1 105 ? 12.740  -7.376  -3.595  1.00 7.65  ? 104 ASP A OD2 1 
ATOM   806  N N   . ALA A 1 106 ? 14.872  -5.075  -6.803  1.00 7.41  ? 105 ALA A N   1 
ATOM   807  C CA  . ALA A 1 106 ? 14.705  -5.155  -8.255  1.00 8.91  ? 105 ALA A CA  1 
ATOM   808  C C   . ALA A 1 106 ? 13.263  -5.311  -8.732  1.00 9.68  ? 105 ALA A C   1 
ATOM   809  O O   . ALA A 1 106 ? 12.905  -4.819  -9.805  1.00 10.61 ? 105 ALA A O   1 
ATOM   810  C CB  . ALA A 1 106 ? 15.554  -6.298  -8.810  1.00 7.70  ? 105 ALA A CB  1 
ATOM   811  N N   . ASN A 1 107 ? 12.447  -5.998  -7.944  1.00 6.68  ? 106 ASN A N   1 
ATOM   812  C CA  . ASN A 1 107 ? 11.053  -6.231  -8.302  1.00 7.56  ? 106 ASN A CA  1 
ATOM   813  C C   . ASN A 1 107 ? 10.124  -5.125  -7.826  1.00 7.49  ? 106 ASN A C   1 
ATOM   814  O O   . ASN A 1 107 ? 8.912   -5.176  -8.051  1.00 8.70  ? 106 ASN A O   1 
ATOM   815  C CB  . ASN A 1 107 ? 10.585  -7.570  -7.730  1.00 7.90  ? 106 ASN A CB  1 
ATOM   816  C CG  . ASN A 1 107 ? 11.370  -8.743  -8.282  1.00 6.73  ? 106 ASN A CG  1 
ATOM   817  O OD1 . ASN A 1 107 ? 11.517  -8.881  -9.494  1.00 11.97 ? 106 ASN A OD1 1 
ATOM   818  N ND2 . ASN A 1 107 ? 11.875  -9.597  -7.396  1.00 11.07 ? 106 ASN A ND2 1 
ATOM   819  N N   . GLY A 1 108 ? 10.691  -4.122  -7.172  1.00 6.36  ? 107 GLY A N   1 
ATOM   820  C CA  . GLY A 1 108 ? 9.876   -3.036  -6.674  1.00 5.78  ? 107 GLY A CA  1 
ATOM   821  C C   . GLY A 1 108 ? 9.330   -3.313  -5.285  1.00 4.48  ? 107 GLY A C   1 
ATOM   822  O O   . GLY A 1 108 ? 8.551   -2.521  -4.768  1.00 5.36  ? 107 GLY A O   1 
ATOM   823  N N   . LYS A 1 109 ? 9.716   -4.432  -4.675  1.00 4.71  ? 108 LYS A N   1 
ATOM   824  C CA  . LYS A 1 109 ? 9.237   -4.739  -3.327  1.00 4.28  ? 108 LYS A CA  1 
ATOM   825  C C   . LYS A 1 109 ? 9.836   -3.738  -2.349  1.00 4.41  ? 108 LYS A C   1 
ATOM   826  O O   . LYS A 1 109 ? 11.032  -3.467  -2.378  1.00 4.27  ? 108 LYS A O   1 
ATOM   827  C CB  . LYS A 1 109 ? 9.636   -6.154  -2.897  1.00 7.14  ? 108 LYS A CB  1 
ATOM   828  C CG  . LYS A 1 109 ? 9.113   -6.531  -1.508  1.00 12.52 ? 108 LYS A CG  1 
ATOM   829  C CD  . LYS A 1 109 ? 9.848   -7.728  -0.913  1.00 22.06 ? 108 LYS A CD  1 
ATOM   830  C CE  . LYS A 1 109 ? 9.577   -9.006  -1.686  1.00 29.79 ? 108 LYS A CE  1 
ATOM   831  N NZ  . LYS A 1 109 ? 8.144   -9.399  -1.615  1.00 34.46 ? 108 LYS A NZ  1 
ATOM   832  N N   . ILE A 1 110 ? 8.993   -3.205  -1.475  1.00 3.92  ? 109 ILE A N   1 
ATOM   833  C CA  . ILE A 1 110 ? 9.424   -2.224  -0.499  1.00 4.70  ? 109 ILE A CA  1 
ATOM   834  C C   . ILE A 1 110 ? 9.865   -2.890  0.792   1.00 5.29  ? 109 ILE A C   1 
ATOM   835  O O   . ILE A 1 110 ? 9.238   -3.837  1.266   1.00 6.01  ? 109 ILE A O   1 
ATOM   836  C CB  . ILE A 1 110 ? 8.284   -1.232  -0.211  1.00 5.04  ? 109 ILE A CB  1 
ATOM   837  C CG1 . ILE A 1 110 ? 7.917   -0.514  -1.510  1.00 4.45  ? 109 ILE A CG1 1 
ATOM   838  C CG2 . ILE A 1 110 ? 8.692   -0.237  0.866   1.00 8.61  ? 109 ILE A CG2 1 
ATOM   839  C CD1 . ILE A 1 110 ? 6.622   0.264   -1.453  1.00 6.66  ? 109 ILE A CD1 1 
ATOM   840  N N   . TYR A 1 111 ? 10.974  -2.392  1.334   1.00 4.24  ? 110 TYR A N   1 
ATOM   841  C CA  . TYR A 1 111 ? 11.542  -2.893  2.579   1.00 4.40  ? 110 TYR A CA  1 
ATOM   842  C C   . TYR A 1 111 ? 11.641  -1.715  3.532   1.00 4.89  ? 110 TYR A C   1 
ATOM   843  O O   . TYR A 1 111 ? 12.283  -0.706  3.212   1.00 6.00  ? 110 TYR A O   1 
ATOM   844  C CB  . TYR A 1 111 ? 12.949  -3.454  2.357   1.00 5.84  ? 110 TYR A CB  1 
ATOM   845  C CG  . TYR A 1 111 ? 13.016  -4.663  1.460   1.00 5.84  ? 110 TYR A CG  1 
ATOM   846  C CD1 . TYR A 1 111 ? 12.748  -4.559  0.093   1.00 6.98  ? 110 TYR A CD1 1 
ATOM   847  C CD2 . TYR A 1 111 ? 13.356  -5.913  1.972   1.00 9.15  ? 110 TYR A CD2 1 
ATOM   848  C CE1 . TYR A 1 111 ? 12.820  -5.670  -0.740  1.00 10.15 ? 110 TYR A CE1 1 
ATOM   849  C CE2 . TYR A 1 111 ? 13.431  -7.030  1.147   1.00 9.85  ? 110 TYR A CE2 1 
ATOM   850  C CZ  . TYR A 1 111 ? 13.163  -6.900  -0.205  1.00 10.00 ? 110 TYR A CZ  1 
ATOM   851  O OH  . TYR A 1 111 ? 13.250  -8.000  -1.024  1.00 10.99 ? 110 TYR A OH  1 
ATOM   852  N N   . LEU A 1 112 ? 11.003  -1.846  4.692   1.00 3.79  ? 111 LEU A N   1 
ATOM   853  C CA  . LEU A 1 112 ? 11.021  -0.794  5.699   1.00 5.01  ? 111 LEU A CA  1 
ATOM   854  C C   . LEU A 1 112 ? 11.052  -1.389  7.092   1.00 5.70  ? 111 LEU A C   1 
ATOM   855  O O   . LEU A 1 112 ? 10.481  -2.449  7.338   1.00 5.56  ? 111 LEU A O   1 
ATOM   856  C CB  . LEU A 1 112 ? 9.767   0.076   5.588   1.00 5.56  ? 111 LEU A CB  1 
ATOM   857  C CG  . LEU A 1 112 ? 9.603   0.919   4.327   1.00 4.99  ? 111 LEU A CG  1 
ATOM   858  C CD1 . LEU A 1 112 ? 8.164   1.400   4.211   1.00 5.96  ? 111 LEU A CD1 1 
ATOM   859  C CD2 . LEU A 1 112 ? 10.585  2.085   4.366   1.00 7.62  ? 111 LEU A CD2 1 
ATOM   860  N N   . PRO A 1 113 ? 11.725  -0.709  8.025   1.00 5.98  ? 112 PRO A N   1 
ATOM   861  C CA  . PRO A 1 113 ? 11.772  -1.232  9.388   1.00 7.42  ? 112 PRO A CA  1 
ATOM   862  C C   . PRO A 1 113 ? 10.329  -1.389  9.885   1.00 5.76  ? 112 PRO A C   1 
ATOM   863  O O   . PRO A 1 113 ? 10.003  -2.329  10.612  1.00 5.87  ? 112 PRO A O   1 
ATOM   864  C CB  . PRO A 1 113 ? 12.518  -0.137  10.143  1.00 7.35  ? 112 PRO A CB  1 
ATOM   865  C CG  . PRO A 1 113 ? 13.456  0.398   9.114   1.00 8.45  ? 112 PRO A CG  1 
ATOM   866  C CD  . PRO A 1 113 ? 12.579  0.485   7.882   1.00 7.42  ? 112 PRO A CD  1 
ATOM   867  N N   . TYR A 1 114 ? 9.462   -0.470  9.463   1.00 4.77  ? 113 TYR A N   1 
ATOM   868  C CA  . TYR A 1 114 ? 8.060   -0.488  9.874   1.00 4.02  ? 113 TYR A CA  1 
ATOM   869  C C   . TYR A 1 114 ? 7.364   -1.789  9.494   1.00 5.33  ? 113 TYR A C   1 
ATOM   870  O O   . TYR A 1 114 ? 6.503   -2.287  10.229  1.00 5.01  ? 113 TYR A O   1 
ATOM   871  C CB  . TYR A 1 114 ? 7.322   0.688   9.238   1.00 4.37  ? 113 TYR A CB  1 
ATOM   872  C CG  . TYR A 1 114 ? 6.049   1.099   9.942   1.00 3.15  ? 113 TYR A CG  1 
ATOM   873  C CD1 . TYR A 1 114 ? 6.060   2.087   10.929  1.00 5.17  ? 113 TYR A CD1 1 
ATOM   874  C CD2 . TYR A 1 114 ? 4.830   0.516   9.609   1.00 3.29  ? 113 TYR A CD2 1 
ATOM   875  C CE1 . TYR A 1 114 ? 4.884   2.487   11.559  1.00 4.79  ? 113 TYR A CE1 1 
ATOM   876  C CE2 . TYR A 1 114 ? 3.651   0.901   10.237  1.00 4.67  ? 113 TYR A CE2 1 
ATOM   877  C CZ  . TYR A 1 114 ? 3.686   1.888   11.206  1.00 2.70  ? 113 TYR A CZ  1 
ATOM   878  O OH  . TYR A 1 114 ? 2.520   2.274   11.825  1.00 5.21  ? 113 TYR A OH  1 
ATOM   879  N N   . LEU A 1 115 ? 7.739   -2.338  8.346   1.00 4.87  ? 114 LEU A N   1 
ATOM   880  C CA  . LEU A 1 115 ? 7.143   -3.579  7.878   1.00 3.76  ? 114 LEU A CA  1 
ATOM   881  C C   . LEU A 1 115 ? 7.771   -4.781  8.567   1.00 5.87  ? 114 LEU A C   1 
ATOM   882  O O   . LEU A 1 115 ? 7.076   -5.716  8.967   1.00 7.20  ? 114 LEU A O   1 
ATOM   883  C CB  . LEU A 1 115 ? 7.313   -3.702  6.361   1.00 4.88  ? 114 LEU A CB  1 
ATOM   884  C CG  . LEU A 1 115 ? 6.508   -2.708  5.519   1.00 5.35  ? 114 LEU A CG  1 
ATOM   885  C CD1 . LEU A 1 115 ? 6.975   -2.775  4.067   1.00 5.84  ? 114 LEU A CD1 1 
ATOM   886  C CD2 . LEU A 1 115 ? 5.016   -3.029  5.629   1.00 4.77  ? 114 LEU A CD2 1 
ATOM   887  N N   . HIS A 1 116 ? 9.090   -4.738  8.724   1.00 4.49  ? 115 HIS A N   1 
ATOM   888  C CA  . HIS A 1 116 ? 9.823   -5.840  9.334   1.00 5.41  ? 115 HIS A CA  1 
ATOM   889  C C   . HIS A 1 116 ? 9.445   -6.141  10.780  1.00 7.81  ? 115 HIS A C   1 
ATOM   890  O O   . HIS A 1 116 ? 9.460   -7.300  11.196  1.00 8.65  ? 115 HIS A O   1 
ATOM   891  C CB  . HIS A 1 116 ? 11.325  -5.566  9.234   1.00 6.01  ? 115 HIS A CB  1 
ATOM   892  C CG  . HIS A 1 116 ? 12.175  -6.668  9.782   1.00 8.32  ? 115 HIS A CG  1 
ATOM   893  N ND1 . HIS A 1 116 ? 12.182  -7.937  9.247   1.00 11.48 ? 115 HIS A ND1 1 
ATOM   894  C CD2 . HIS A 1 116 ? 13.039  -6.692  10.825  1.00 14.08 ? 115 HIS A CD2 1 
ATOM   895  C CE1 . HIS A 1 116 ? 13.014  -8.698  9.936   1.00 12.33 ? 115 HIS A CE1 1 
ATOM   896  N NE2 . HIS A 1 116 ? 13.547  -7.966  10.899  1.00 15.66 ? 115 HIS A NE2 1 
ATOM   897  N N   . GLU A 1 117 ? 9.102   -5.110  11.548  1.00 6.25  ? 116 GLU A N   1 
ATOM   898  C CA  . GLU A 1 117 ? 8.741   -5.322  12.950  1.00 5.83  ? 116 GLU A CA  1 
ATOM   899  C C   . GLU A 1 117 ? 7.257   -5.105  13.202  1.00 4.02  ? 116 GLU A C   1 
ATOM   900  O O   . GLU A 1 117 ? 6.825   -4.979  14.346  1.00 6.57  ? 116 GLU A O   1 
ATOM   901  C CB  . GLU A 1 117 ? 9.534   -4.380  13.859  1.00 6.00  ? 116 GLU A CB  1 
ATOM   902  C CG  . GLU A 1 117 ? 9.301   -2.907  13.572  1.00 9.90  ? 116 GLU A CG  1 
ATOM   903  C CD  . GLU A 1 117 ? 9.815   -2.018  14.679  1.00 9.11  ? 116 GLU A CD  1 
ATOM   904  O OE1 . GLU A 1 117 ? 10.628  -2.502  15.494  1.00 10.04 ? 116 GLU A OE1 1 
ATOM   905  O OE2 . GLU A 1 117 ? 9.411   -0.836  14.730  1.00 7.14  ? 116 GLU A OE2 1 
ATOM   906  N N   . TRP A 1 118 ? 6.483   -5.068  12.128  1.00 4.19  ? 117 TRP A N   1 
ATOM   907  C CA  . TRP A 1 118 ? 5.045   -4.844  12.211  1.00 3.79  ? 117 TRP A CA  1 
ATOM   908  C C   . TRP A 1 118 ? 4.381   -5.566  13.377  1.00 4.93  ? 117 TRP A C   1 
ATOM   909  O O   . TRP A 1 118 ? 4.541   -6.778  13.553  1.00 6.94  ? 117 TRP A O   1 
ATOM   910  C CB  . TRP A 1 118 ? 4.391   -5.279  10.904  1.00 4.76  ? 117 TRP A CB  1 
ATOM   911  C CG  . TRP A 1 118 ? 2.926   -4.992  10.825  1.00 4.68  ? 117 TRP A CG  1 
ATOM   912  C CD1 . TRP A 1 118 ? 1.916   -5.700  11.407  1.00 4.85  ? 117 TRP A CD1 1 
ATOM   913  C CD2 . TRP A 1 118 ? 2.310   -3.914  10.122  1.00 2.98  ? 117 TRP A CD2 1 
ATOM   914  N NE1 . TRP A 1 118 ? 0.699   -5.125  11.109  1.00 4.69  ? 117 TRP A NE1 1 
ATOM   915  C CE2 . TRP A 1 118 ? 0.915   -4.026  10.320  1.00 3.66  ? 117 TRP A CE2 1 
ATOM   916  C CE3 . TRP A 1 118 ? 2.804   -2.855  9.345   1.00 3.78  ? 117 TRP A CE3 1 
ATOM   917  C CZ2 . TRP A 1 118 ? 0.006   -3.122  9.763   1.00 4.35  ? 117 TRP A CZ2 1 
ATOM   918  C CZ3 . TRP A 1 118 ? 1.905   -1.957  8.793   1.00 4.00  ? 117 TRP A CZ3 1 
ATOM   919  C CH2 . TRP A 1 118 ? 0.519   -2.095  9.005   1.00 4.18  ? 117 TRP A CH2 1 
ATOM   920  N N   . LYS A 1 119 ? 3.632   -4.810  14.172  1.00 4.89  ? 118 LYS A N   1 
ATOM   921  C CA  . LYS A 1 119 ? 2.924   -5.368  15.316  1.00 8.78  ? 118 LYS A CA  1 
ATOM   922  C C   . LYS A 1 119 ? 1.628   -4.609  15.578  1.00 6.45  ? 118 LYS A C   1 
ATOM   923  O O   . LYS A 1 119 ? 1.654   -3.412  15.856  1.00 8.21  ? 118 LYS A O   1 
ATOM   924  C CB  . LYS A 1 119 ? 3.808   -5.296  16.564  1.00 13.09 ? 118 LYS A CB  1 
ATOM   925  C CG  . LYS A 1 119 ? 3.158   -5.847  17.822  1.00 15.99 ? 118 LYS A CG  1 
ATOM   926  C CD  . LYS A 1 119 ? 4.083   -5.736  19.028  1.00 13.83 ? 118 LYS A CD  1 
ATOM   927  C CE  . LYS A 1 119 ? 4.412   -4.287  19.348  1.00 13.99 ? 118 LYS A CE  1 
ATOM   928  N NZ  . LYS A 1 119 ? 5.182   -4.170  20.614  1.00 20.36 ? 118 LYS A NZ  1 
ATOM   929  N N   . HIS A 1 120 ? 0.496   -5.301  15.493  1.00 6.17  ? 119 HIS A N   1 
ATOM   930  C CA  . HIS A 1 120 ? -0.793  -4.671  15.780  1.00 8.26  ? 119 HIS A CA  1 
ATOM   931  C C   . HIS A 1 120 ? -0.823  -4.566  17.309  1.00 8.39  ? 119 HIS A C   1 
ATOM   932  O O   . HIS A 1 120 ? -0.373  -5.484  17.998  1.00 10.89 ? 119 HIS A O   1 
ATOM   933  C CB  . HIS A 1 120 ? -1.938  -5.568  15.291  1.00 9.53  ? 119 HIS A CB  1 
ATOM   934  C CG  . HIS A 1 120 ? -3.303  -5.059  15.636  1.00 10.46 ? 119 HIS A CG  1 
ATOM   935  N ND1 . HIS A 1 120 ? -3.878  -3.978  15.006  1.00 8.59  ? 119 HIS A ND1 1 
ATOM   936  C CD2 . HIS A 1 120 ? -4.208  -5.488  16.549  1.00 11.77 ? 119 HIS A CD2 1 
ATOM   937  C CE1 . HIS A 1 120 ? -5.079  -3.762  15.513  1.00 11.01 ? 119 HIS A CE1 1 
ATOM   938  N NE2 . HIS A 1 120 ? -5.303  -4.664  16.452  1.00 13.05 ? 119 HIS A NE2 1 
ATOM   939  N N   . PRO A 1 121 ? -1.379  -3.475  17.867  1.00 7.52  ? 120 PRO A N   1 
ATOM   940  C CA  . PRO A 1 121 ? -1.998  -2.313  17.233  1.00 7.49  ? 120 PRO A CA  1 
ATOM   941  C C   . PRO A 1 121 ? -1.102  -1.099  16.999  1.00 6.05  ? 120 PRO A C   1 
ATOM   942  O O   . PRO A 1 121 ? -1.572  -0.073  16.500  1.00 9.41  ? 120 PRO A O   1 
ATOM   943  C CB  . PRO A 1 121 ? -3.134  -1.990  18.188  1.00 9.30  ? 120 PRO A CB  1 
ATOM   944  C CG  . PRO A 1 121 ? -2.467  -2.205  19.511  1.00 8.62  ? 120 PRO A CG  1 
ATOM   945  C CD  . PRO A 1 121 ? -1.711  -3.512  19.306  1.00 11.52 ? 120 PRO A CD  1 
ATOM   946  N N   . GLN A 1 122 ? 0.176   -1.201  17.360  1.00 5.52  ? 121 GLN A N   1 
ATOM   947  C CA  . GLN A 1 122 ? 1.099   -0.085  17.160  1.00 4.90  ? 121 GLN A CA  1 
ATOM   948  C C   . GLN A 1 122 ? 1.259   0.256   15.678  1.00 5.43  ? 121 GLN A C   1 
ATOM   949  O O   . GLN A 1 122 ? 1.406   1.423   15.318  1.00 7.09  ? 121 GLN A O   1 
ATOM   950  C CB  . GLN A 1 122 ? 2.479   -0.404  17.738  1.00 7.09  ? 121 GLN A CB  1 
ATOM   951  C CG  . GLN A 1 122 ? 2.599   -0.276  19.247  1.00 6.49  ? 121 GLN A CG  1 
ATOM   952  C CD  . GLN A 1 122 ? 1.772   -1.305  19.989  1.00 8.49  ? 121 GLN A CD  1 
ATOM   953  O OE1 . GLN A 1 122 ? 1.823   -2.498  19.680  1.00 10.22 ? 121 GLN A OE1 1 
ATOM   954  N NE2 . GLN A 1 122 ? 1.016   -0.852  20.984  1.00 10.60 ? 121 GLN A NE2 1 
ATOM   955  N N   . SER A 1 123 ? 1.226   -0.768  14.829  1.00 4.24  ? 122 SER A N   1 
ATOM   956  C CA  . SER A 1 123 ? 1.396   -0.584  13.391  1.00 5.34  ? 122 SER A CA  1 
ATOM   957  C C   . SER A 1 123 ? 0.077   -0.541  12.642  1.00 4.74  ? 122 SER A C   1 
ATOM   958  O O   . SER A 1 123 ? -0.813  -1.350  12.900  1.00 6.45  ? 122 SER A O   1 
ATOM   959  C CB  . SER A 1 123 ? 2.208   -1.736  12.799  1.00 3.19  ? 122 SER A CB  1 
ATOM   960  O OG  . SER A 1 123 ? 3.390   -1.990  13.537  1.00 6.01  ? 122 SER A OG  1 
ATOM   961  N N   . ASP A 1 124 ? -0.043  0.408   11.720  1.00 4.34  ? 123 ASP A N   1 
ATOM   962  C CA  . ASP A 1 124 ? -1.225  0.510   10.876  1.00 4.06  ? 123 ASP A CA  1 
ATOM   963  C C   . ASP A 1 124 ? -0.859  1.079   9.501   1.00 5.63  ? 123 ASP A C   1 
ATOM   964  O O   . ASP A 1 124 ? 0.272   1.525   9.282   1.00 5.88  ? 123 ASP A O   1 
ATOM   965  C CB  . ASP A 1 124 ? -2.343  1.337   11.543  1.00 6.30  ? 123 ASP A CB  1 
ATOM   966  C CG  . ASP A 1 124 ? -1.897  2.725   11.975  1.00 11.96 ? 123 ASP A CG  1 
ATOM   967  O OD1 . ASP A 1 124 ? -1.063  3.342   11.284  1.00 9.70  ? 123 ASP A OD1 1 
ATOM   968  O OD2 . ASP A 1 124 ? -2.410  3.206   13.010  1.00 22.82 ? 123 ASP A OD2 1 
ATOM   969  N N   . LEU A 1 125 ? -1.810  1.041   8.573   1.00 4.60  ? 124 LEU A N   1 
ATOM   970  C CA  . LEU A 1 125 ? -1.558  1.527   7.221   1.00 5.24  ? 124 LEU A CA  1 
ATOM   971  C C   . LEU A 1 125 ? -1.262  3.020   7.145   1.00 7.52  ? 124 LEU A C   1 
ATOM   972  O O   . LEU A 1 125 ? -0.373  3.431   6.397   1.00 6.01  ? 124 LEU A O   1 
ATOM   973  C CB  . LEU A 1 125 ? -2.726  1.175   6.295   1.00 7.93  ? 124 LEU A CB  1 
ATOM   974  C CG  . LEU A 1 125 ? -2.940  -0.315  6.003   1.00 6.22  ? 124 LEU A CG  1 
ATOM   975  C CD1 . LEU A 1 125 ? -4.065  -0.477  4.990   1.00 9.50  ? 124 LEU A CD1 1 
ATOM   976  C CD2 . LEU A 1 125 ? -1.663  -0.934  5.458   1.00 9.19  ? 124 LEU A CD2 1 
ATOM   977  N N   . LEU A 1 126 ? -1.998  3.836   7.895   1.00 6.11  ? 125 LEU A N   1 
ATOM   978  C CA  . LEU A 1 126 ? -1.734  5.272   7.880   1.00 5.88  ? 125 LEU A CA  1 
ATOM   979  C C   . LEU A 1 126 ? -0.301  5.543   8.328   1.00 5.27  ? 125 LEU A C   1 
ATOM   980  O O   . LEU A 1 126 ? 0.401   6.356   7.730   1.00 7.11  ? 125 LEU A O   1 
ATOM   981  C CB  . LEU A 1 126 ? -2.715  6.015   8.791   1.00 5.88  ? 125 LEU A CB  1 
ATOM   982  C CG  . LEU A 1 126 ? -4.165  6.047   8.298   1.00 12.11 ? 125 LEU A CG  1 
ATOM   983  C CD1 . LEU A 1 126 ? -5.060  6.678   9.358   1.00 13.45 ? 125 LEU A CD1 1 
ATOM   984  C CD2 . LEU A 1 126 ? -4.243  6.831   6.993   1.00 13.90 ? 125 LEU A CD2 1 
ATOM   985  N N   . GLY A 1 127 ? 0.142   4.845   9.375   1.00 5.07  ? 126 GLY A N   1 
ATOM   986  C CA  . GLY A 1 127 ? 1.500   5.031   9.864   1.00 6.02  ? 126 GLY A CA  1 
ATOM   987  C C   . GLY A 1 127 ? 2.530   4.600   8.830   1.00 4.03  ? 126 GLY A C   1 
ATOM   988  O O   . GLY A 1 127 ? 3.555   5.260   8.625   1.00 6.38  ? 126 GLY A O   1 
ATOM   989  N N   . LEU A 1 128 ? 2.248   3.480   8.174   1.00 3.35  ? 127 LEU A N   1 
ATOM   990  C CA  . LEU A 1 128 ? 3.123   2.948   7.137   1.00 3.73  ? 127 LEU A CA  1 
ATOM   991  C C   . LEU A 1 128 ? 3.282   3.931   5.971   1.00 4.01  ? 127 LEU A C   1 
ATOM   992  O O   . LEU A 1 128 ? 4.393   4.162   5.485   1.00 4.14  ? 127 LEU A O   1 
ATOM   993  C CB  . LEU A 1 128 ? 2.552   1.626   6.614   1.00 3.83  ? 127 LEU A CB  1 
ATOM   994  C CG  . LEU A 1 128 ? 3.221   1.045   5.360   1.00 3.45  ? 127 LEU A CG  1 
ATOM   995  C CD1 . LEU A 1 128 ? 4.690   0.743   5.656   1.00 6.77  ? 127 LEU A CD1 1 
ATOM   996  C CD2 . LEU A 1 128 ? 2.504   -0.225  4.921   1.00 5.07  ? 127 LEU A CD2 1 
ATOM   997  N N   . ILE A 1 129 ? 2.170   4.504   5.521   1.00 6.33  ? 128 ILE A N   1 
ATOM   998  C CA  . ILE A 1 129 ? 2.226   5.433   4.402   1.00 4.16  ? 128 ILE A CA  1 
ATOM   999  C C   . ILE A 1 129 ? 2.999   6.694   4.777   1.00 4.85  ? 128 ILE A C   1 
ATOM   1000 O O   . ILE A 1 129 ? 3.743   7.238   3.954   1.00 6.38  ? 128 ILE A O   1 
ATOM   1001 C CB  . ILE A 1 129 ? 0.804   5.782   3.901   1.00 6.49  ? 128 ILE A CB  1 
ATOM   1002 C CG1 . ILE A 1 129 ? 0.139   4.518   3.340   1.00 10.26 ? 128 ILE A CG1 1 
ATOM   1003 C CG2 . ILE A 1 129 ? 0.872   6.856   2.821   1.00 8.76  ? 128 ILE A CG2 1 
ATOM   1004 C CD1 . ILE A 1 129 ? 0.806   3.949   2.105   1.00 20.62 ? 128 ILE A CD1 1 
ATOM   1005 N N   . GLN A 1 130 ? 2.836   7.155   6.015   1.00 6.46  ? 129 GLN A N   1 
ATOM   1006 C CA  . GLN A 1 130 ? 3.556   8.339   6.464   1.00 8.49  ? 129 GLN A CA  1 
ATOM   1007 C C   . GLN A 1 130 ? 5.065   8.091   6.348   1.00 6.32  ? 129 GLN A C   1 
ATOM   1008 O O   . GLN A 1 130 ? 5.825   8.960   5.890   1.00 8.45  ? 129 GLN A O   1 
ATOM   1009 C CB  . GLN A 1 130 ? 3.194   8.659   7.914   1.00 10.90 ? 129 GLN A CB  1 
ATOM   1010 C CG  . GLN A 1 130 ? 3.753   9.976   8.426   1.00 20.25 ? 129 GLN A CG  1 
ATOM   1011 C CD  . GLN A 1 130 ? 3.480   10.183  9.906   1.00 31.01 ? 129 GLN A CD  1 
ATOM   1012 O OE1 . GLN A 1 130 ? 4.025   9.476   10.755  1.00 36.20 ? 129 GLN A OE1 1 
ATOM   1013 N NE2 . GLN A 1 130 ? 2.628   11.152  10.223  1.00 35.63 ? 129 GLN A NE2 1 
ATOM   1014 N N   . VAL A 1 131 ? 5.502   6.904   6.764   1.00 5.47  ? 130 VAL A N   1 
ATOM   1015 C CA  . VAL A 1 131 ? 6.912   6.533   6.688   1.00 6.25  ? 130 VAL A CA  1 
ATOM   1016 C C   . VAL A 1 131 ? 7.366   6.488   5.229   1.00 7.99  ? 130 VAL A C   1 
ATOM   1017 O O   . VAL A 1 131 ? 8.463   6.934   4.894   1.00 8.60  ? 130 VAL A O   1 
ATOM   1018 C CB  . VAL A 1 131 ? 7.163   5.151   7.344   1.00 7.32  ? 130 VAL A CB  1 
ATOM   1019 C CG1 . VAL A 1 131 ? 8.515   4.604   6.933   1.00 6.95  ? 130 VAL A CG1 1 
ATOM   1020 C CG2 . VAL A 1 131 ? 7.099   5.280   8.857   1.00 8.33  ? 130 VAL A CG2 1 
ATOM   1021 N N   . MET A 1 132 ? 6.518   5.944   4.360   1.00 6.96  ? 131 MET A N   1 
ATOM   1022 C CA  . MET A 1 132 ? 6.853   5.861   2.941   1.00 6.63  ? 131 MET A CA  1 
ATOM   1023 C C   . MET A 1 132 ? 7.065   7.252   2.351   1.00 6.47  ? 131 MET A C   1 
ATOM   1024 O O   . MET A 1 132 ? 7.988   7.463   1.554   1.00 7.76  ? 131 MET A O   1 
ATOM   1025 C CB  . MET A 1 132 ? 5.742   5.161   2.161   1.00 9.22  ? 131 MET A CB  1 
ATOM   1026 C CG  . MET A 1 132 ? 5.660   3.668   2.380   1.00 8.98  ? 131 MET A CG  1 
ATOM   1027 S SD  . MET A 1 132 ? 4.389   2.976   1.307   1.00 11.23 ? 131 MET A SD  1 
ATOM   1028 C CE  . MET A 1 132 ? 4.545   1.232   1.661   1.00 9.94  ? 131 MET A CE  1 
ATOM   1029 N N   . ILE A 1 133 ? 6.206   8.195   2.732   1.00 8.63  ? 132 ILE A N   1 
ATOM   1030 C CA  . ILE A 1 133 ? 6.317   9.564   2.232   1.00 9.67  ? 132 ILE A CA  1 
ATOM   1031 C C   . ILE A 1 133 ? 7.667   10.171  2.602   1.00 11.93 ? 132 ILE A C   1 
ATOM   1032 O O   . ILE A 1 133 ? 8.312   10.821  1.779   1.00 14.01 ? 132 ILE A O   1 
ATOM   1033 C CB  . ILE A 1 133 ? 5.193   10.459  2.796   1.00 10.03 ? 132 ILE A CB  1 
ATOM   1034 C CG1 . ILE A 1 133 ? 3.828   9.887   2.404   1.00 17.37 ? 132 ILE A CG1 1 
ATOM   1035 C CG2 . ILE A 1 133 ? 5.346   11.883  2.278   1.00 12.27 ? 132 ILE A CG2 1 
ATOM   1036 C CD1 . ILE A 1 133 ? 3.625   9.737   0.915   1.00 22.30 ? 132 ILE A CD1 1 
ATOM   1037 N N   . VAL A 1 134 ? 8.098   9.949   3.841   1.00 10.83 ? 133 VAL A N   1 
ATOM   1038 C CA  . VAL A 1 134 ? 9.376   10.477  4.303   1.00 11.72 ? 133 VAL A CA  1 
ATOM   1039 C C   . VAL A 1 134 ? 10.541  9.803   3.591   1.00 11.35 ? 133 VAL A C   1 
ATOM   1040 O O   . VAL A 1 134 ? 11.453  10.469  3.102   1.00 12.02 ? 133 VAL A O   1 
ATOM   1041 C CB  . VAL A 1 134 ? 9.551   10.281  5.823   1.00 13.13 ? 133 VAL A CB  1 
ATOM   1042 C CG1 . VAL A 1 134 ? 10.964  10.681  6.242   1.00 14.29 ? 133 VAL A CG1 1 
ATOM   1043 C CG2 . VAL A 1 134 ? 8.525   11.104  6.570   1.00 13.10 ? 133 VAL A CG2 1 
ATOM   1044 N N   . VAL A 1 135 ? 10.508  8.476   3.532   1.00 9.42  ? 134 VAL A N   1 
ATOM   1045 C CA  . VAL A 1 135 ? 11.571  7.721   2.889   1.00 11.85 ? 134 VAL A CA  1 
ATOM   1046 C C   . VAL A 1 135 ? 11.691  8.015   1.396   1.00 10.06 ? 134 VAL A C   1 
ATOM   1047 O O   . VAL A 1 135 ? 12.793  8.222   0.881   1.00 11.55 ? 134 VAL A O   1 
ATOM   1048 C CB  . VAL A 1 135 ? 11.357  6.205   3.083   1.00 15.80 ? 134 VAL A CB  1 
ATOM   1049 C CG1 . VAL A 1 135 ? 12.434  5.425   2.354   1.00 18.77 ? 134 VAL A CG1 1 
ATOM   1050 C CG2 . VAL A 1 135 ? 11.375  5.873   4.564   1.00 19.60 ? 134 VAL A CG2 1 
ATOM   1051 N N   . PHE A 1 136 ? 10.562  8.030   0.693   1.00 8.84  ? 135 PHE A N   1 
ATOM   1052 C CA  . PHE A 1 136 ? 10.600  8.291   -0.738  1.00 9.58  ? 135 PHE A CA  1 
ATOM   1053 C C   . PHE A 1 136 ? 10.949  9.747   -1.043  1.00 8.06  ? 135 PHE A C   1 
ATOM   1054 O O   . PHE A 1 136 ? 11.479  10.056  -2.114  1.00 8.55  ? 135 PHE A O   1 
ATOM   1055 C CB  . PHE A 1 136 ? 9.264   7.918   -1.390  1.00 6.15  ? 135 PHE A CB  1 
ATOM   1056 C CG  . PHE A 1 136 ? 8.956   6.441   -1.361  1.00 8.40  ? 135 PHE A CG  1 
ATOM   1057 C CD1 . PHE A 1 136 ? 9.975   5.497   -1.248  1.00 10.04 ? 135 PHE A CD1 1 
ATOM   1058 C CD2 . PHE A 1 136 ? 7.644   5.995   -1.487  1.00 10.90 ? 135 PHE A CD2 1 
ATOM   1059 C CE1 . PHE A 1 136 ? 9.691   4.126   -1.261  1.00 11.89 ? 135 PHE A CE1 1 
ATOM   1060 C CE2 . PHE A 1 136 ? 7.347   4.630   -1.501  1.00 9.91  ? 135 PHE A CE2 1 
ATOM   1061 C CZ  . PHE A 1 136 ? 8.371   3.694   -1.389  1.00 11.17 ? 135 PHE A CZ  1 
ATOM   1062 N N   . GLY A 1 137 ? 10.653  10.641  -0.104  1.00 11.19 ? 136 GLY A N   1 
ATOM   1063 C CA  . GLY A 1 137 ? 10.974  12.042  -0.312  1.00 12.28 ? 136 GLY A CA  1 
ATOM   1064 C C   . GLY A 1 137 ? 12.482  12.216  -0.304  1.00 16.42 ? 136 GLY A C   1 
ATOM   1065 O O   . GLY A 1 137 ? 13.037  13.052  -1.017  1.00 14.75 ? 136 GLY A O   1 
ATOM   1066 N N   . ASP A 1 138 ? 13.149  11.406  0.511   1.00 18.18 ? 137 ASP A N   1 
ATOM   1067 C CA  . ASP A 1 138 ? 14.600  11.450  0.623   1.00 21.94 ? 137 ASP A CA  1 
ATOM   1068 C C   . ASP A 1 138 ? 15.228  10.737  -0.573  1.00 20.30 ? 137 ASP A C   1 
ATOM   1069 O O   . ASP A 1 138 ? 16.322  11.088  -1.019  1.00 21.43 ? 137 ASP A O   1 
ATOM   1070 C CB  . ASP A 1 138 ? 15.034  10.778  1.928   1.00 27.95 ? 137 ASP A CB  1 
ATOM   1071 C CG  . ASP A 1 138 ? 16.464  11.102  2.305   1.00 34.50 ? 137 ASP A CG  1 
ATOM   1072 O OD1 . ASP A 1 138 ? 17.382  10.736  1.540   1.00 39.66 ? 137 ASP A OD1 1 
ATOM   1073 O OD2 . ASP A 1 138 ? 16.670  11.725  3.367   1.00 31.20 ? 137 ASP A OD2 1 
ATOM   1074 N N   . GLU A 1 139 ? 14.527  9.735   -1.095  1.00 18.54 ? 138 GLU A N   1 
ATOM   1075 C CA  . GLU A 1 139 ? 15.011  8.980   -2.241  1.00 20.65 ? 138 GLU A CA  1 
ATOM   1076 C C   . GLU A 1 139 ? 13.852  8.388   -3.050  1.00 17.33 ? 138 GLU A C   1 
ATOM   1077 O O   . GLU A 1 139 ? 13.305  7.337   -2.703  1.00 16.66 ? 138 GLU A O   1 
ATOM   1078 C CB  . GLU A 1 139 ? 15.941  7.857   -1.777  1.00 28.38 ? 138 GLU A CB  1 
ATOM   1079 C CG  . GLU A 1 139 ? 16.619  7.098   -2.911  1.00 39.32 ? 138 GLU A CG  1 
ATOM   1080 C CD  . GLU A 1 139 ? 17.635  7.944   -3.658  1.00 45.83 ? 138 GLU A CD  1 
ATOM   1081 O OE1 . GLU A 1 139 ? 18.189  7.455   -4.666  1.00 48.85 ? 138 GLU A OE1 1 
ATOM   1082 O OE2 . GLU A 1 139 ? 17.886  9.092   -3.236  1.00 50.42 ? 138 GLU A OE2 1 
ATOM   1083 N N   . PRO A 1 140 ? 13.450  9.068   -4.136  1.00 15.49 ? 139 PRO A N   1 
ATOM   1084 C CA  . PRO A 1 140 ? 12.349  8.551   -4.956  1.00 13.70 ? 139 PRO A CA  1 
ATOM   1085 C C   . PRO A 1 140 ? 12.674  7.142   -5.450  1.00 13.39 ? 139 PRO A C   1 
ATOM   1086 O O   . PRO A 1 140 ? 13.752  6.904   -5.990  1.00 16.60 ? 139 PRO A O   1 
ATOM   1087 C CB  . PRO A 1 140 ? 12.265  9.567   -6.089  1.00 15.51 ? 139 PRO A CB  1 
ATOM   1088 C CG  . PRO A 1 140 ? 12.656  10.846  -5.405  1.00 16.99 ? 139 PRO A CG  1 
ATOM   1089 C CD  . PRO A 1 140 ? 13.854  10.410  -4.590  1.00 16.78 ? 139 PRO A CD  1 
ATOM   1090 N N   . PRO A 1 141 ? 11.743  6.189   -5.262  1.00 11.36 ? 140 PRO A N   1 
ATOM   1091 C CA  . PRO A 1 141 ? 11.890  4.786   -5.668  1.00 12.49 ? 140 PRO A CA  1 
ATOM   1092 C C   . PRO A 1 141 ? 11.707  4.528   -7.159  1.00 14.70 ? 140 PRO A C   1 
ATOM   1093 O O   . PRO A 1 141 ? 11.669  3.378   -7.600  1.00 13.39 ? 140 PRO A O   1 
ATOM   1094 C CB  . PRO A 1 141 ? 10.826  4.084   -4.831  1.00 10.01 ? 140 PRO A CB  1 
ATOM   1095 C CG  . PRO A 1 141 ? 9.736   5.083   -4.815  1.00 11.70 ? 140 PRO A CG  1 
ATOM   1096 C CD  . PRO A 1 141 ? 10.475  6.383   -4.534  1.00 10.96 ? 140 PRO A CD  1 
ATOM   1097 N N   . VAL A 1 142 ? 11.589  5.598   -7.934  1.00 13.63 ? 141 VAL A N   1 
ATOM   1098 C CA  . VAL A 1 142 ? 11.408  5.484   -9.373  1.00 16.63 ? 141 VAL A CA  1 
ATOM   1099 C C   . VAL A 1 142 ? 12.120  6.638   -10.061 1.00 17.09 ? 141 VAL A C   1 
ATOM   1100 O O   . VAL A 1 142 ? 12.467  7.625   -9.418  1.00 19.61 ? 141 VAL A O   1 
ATOM   1101 C CB  . VAL A 1 142 ? 9.913   5.537   -9.757  1.00 19.91 ? 141 VAL A CB  1 
ATOM   1102 C CG1 . VAL A 1 142 ? 9.192   4.314   -9.220  1.00 19.02 ? 141 VAL A CG1 1 
ATOM   1103 C CG2 . VAL A 1 142 ? 9.284   6.805   -9.205  1.00 23.19 ? 141 VAL A CG2 1 
ATOM   1104 N N   . PHE A 1 143 ? 12.344  6.501   -11.363 1.00 21.60 ? 142 PHE A N   1 
ATOM   1105 C CA  . PHE A 1 143 ? 12.991  7.551   -12.138 1.00 26.16 ? 142 PHE A CA  1 
ATOM   1106 C C   . PHE A 1 143 ? 12.586  7.439   -13.603 1.00 29.53 ? 142 PHE A C   1 
ATOM   1107 O O   . PHE A 1 143 ? 12.159  6.375   -14.058 1.00 25.85 ? 142 PHE A O   1 
ATOM   1108 C CB  . PHE A 1 143 ? 14.519  7.484   -11.974 1.00 29.65 ? 142 PHE A CB  1 
ATOM   1109 C CG  . PHE A 1 143 ? 15.152  6.250   -12.551 1.00 33.63 ? 142 PHE A CG  1 
ATOM   1110 C CD1 . PHE A 1 143 ? 15.428  6.165   -13.912 1.00 35.72 ? 142 PHE A CD1 1 
ATOM   1111 C CD2 . PHE A 1 143 ? 15.493  5.179   -11.731 1.00 34.35 ? 142 PHE A CD2 1 
ATOM   1112 C CE1 . PHE A 1 143 ? 16.041  5.035   -14.446 1.00 37.35 ? 142 PHE A CE1 1 
ATOM   1113 C CE2 . PHE A 1 143 ? 16.104  4.044   -12.257 1.00 36.62 ? 142 PHE A CE2 1 
ATOM   1114 C CZ  . PHE A 1 143 ? 16.379  3.972   -13.617 1.00 36.23 ? 142 PHE A CZ  1 
ATOM   1115 N N   . SER A 1 144 ? 12.706  8.545   -14.333 1.00 33.58 ? 143 SER A N   1 
ATOM   1116 C CA  . SER A 1 144 ? 12.336  8.582   -15.744 1.00 39.56 ? 143 SER A CA  1 
ATOM   1117 C C   . SER A 1 144 ? 13.470  8.109   -16.648 1.00 41.57 ? 143 SER A C   1 
ATOM   1118 O O   . SER A 1 144 ? 14.588  7.894   -16.136 1.00 42.23 ? 143 SER A O   1 
ATOM   1119 C CB  . SER A 1 144 ? 11.929  10.003  -16.140 1.00 43.18 ? 143 SER A CB  1 
ATOM   1120 O OG  . SER A 1 144 ? 10.878  10.483  -15.320 1.00 43.08 ? 143 SER A OG  1 
HETATM 1121 O O   . HOH B 2 .   ? 5.491   -11.265 -5.450  1.00 20.14 ? 45  HOH A O   1 
HETATM 1122 O O   . HOH B 2 .   ? -5.711  6.337   -8.499  1.00 25.91 ? 46  HOH A O   1 
HETATM 1123 O O   . HOH B 2 .   ? -9.576  -13.411 0.350   1.00 18.65 ? 47  HOH A O   1 
HETATM 1124 O O   . HOH B 2 .   ? -7.509  1.934   12.556  1.00 27.26 ? 146 HOH A O   1 
HETATM 1125 O O   . HOH B 2 .   ? 14.186  10.859  -13.543 1.00 32.23 ? 147 HOH A O   1 
HETATM 1126 O O   . HOH B 2 .   ? 9.695   -8.210  -4.985  1.00 52.44 ? 148 HOH A O   1 
HETATM 1127 O O   . HOH B 2 .   ? 15.412  -9.240  12.746  1.00 40.03 ? 149 HOH A O   1 
HETATM 1128 O O   . HOH B 2 .   ? 11.104  -5.454  -11.944 1.00 23.82 ? 150 HOH A O   1 
HETATM 1129 O O   . HOH B 2 .   ? -16.320 -3.150  8.176   1.00 36.15 ? 151 HOH A O   1 
HETATM 1130 O O   . HOH B 2 .   ? 3.964   -7.146  -10.803 1.00 34.34 ? 152 HOH A O   1 
HETATM 1131 O O   . HOH B 2 .   ? 11.867  -8.338  -12.178 1.00 27.91 ? 153 HOH A O   1 
HETATM 1132 O O   . HOH B 2 .   ? -7.466  -1.914  11.968  1.00 27.76 ? 154 HOH A O   1 
HETATM 1133 O O   . HOH B 2 .   ? 22.608  5.221   -8.951  1.00 35.99 ? 155 HOH A O   1 
HETATM 1134 O O   . HOH B 2 .   ? -6.411  2.873   0.328   1.00 53.91 ? 156 HOH A O   1 
HETATM 1135 O O   . HOH B 2 .   ? -19.572 -5.783  11.468  1.00 33.43 ? 157 HOH A O   1 
HETATM 1136 O O   . HOH B 2 .   ? 17.813  8.274   0.611   1.00 43.53 ? 158 HOH A O   1 
HETATM 1137 O O   . HOH B 2 .   ? -6.551  -2.167  5.976   1.00 48.45 ? 159 HOH A O   1 
HETATM 1138 O O   . HOH B 2 .   ? -19.477 -8.491  -3.741  1.00 28.87 ? 160 HOH A O   1 
HETATM 1139 O O   . HOH B 2 .   ? -17.128 -2.199  10.499  1.00 47.16 ? 161 HOH A O   1 
HETATM 1140 O O   . HOH B 2 .   ? -6.140  -1.296  -5.455  1.00 49.87 ? 162 HOH A O   1 
HETATM 1141 O O   . HOH B 2 .   ? 10.176  -9.050  7.322   1.00 30.28 ? 163 HOH A O   1 
HETATM 1142 O O   . HOH B 2 .   ? 12.761  2.018   -5.946  1.00 52.41 ? 164 HOH A O   1 
HETATM 1143 O O   . HOH B 2 .   ? -8.431  9.427   -7.539  1.00 31.08 ? 165 HOH A O   1 
HETATM 1144 O O   . HOH B 2 .   ? 6.732   -3.746  1.313   1.00 55.42 ? 166 HOH A O   1 
HETATM 1145 O O   . HOH B 2 .   ? 10.684  -0.327  -16.418 1.00 36.73 ? 167 HOH A O   1 
HETATM 1146 O O   . HOH B 2 .   ? 4.502   8.305   -15.130 1.00 34.40 ? 168 HOH A O   1 
HETATM 1147 O O   . HOH B 2 .   ? -16.302 -12.582 -1.379  1.00 38.49 ? 169 HOH A O   1 
HETATM 1148 O O   . HOH B 2 .   ? -2.655  -1.308  -1.088  1.00 50.45 ? 170 HOH A O   1 
HETATM 1149 O O   . HOH B 2 .   ? -13.603 -13.249 -2.302  1.00 50.32 ? 171 HOH A O   1 
HETATM 1150 O O   . HOH B 2 .   ? -22.996 -2.947  -1.229  1.00 35.94 ? 172 HOH A O   1 
HETATM 1151 O O   . HOH B 2 .   ? 20.452  9.653   -3.885  1.00 39.46 ? 173 HOH A O   1 
HETATM 1152 O O   . HOH B 2 .   ? 14.832  -1.323  3.254   1.00 53.44 ? 174 HOH A O   1 
HETATM 1153 O O   . HOH B 2 .   ? 8.324   24.636  -5.160  1.00 35.20 ? 175 HOH A O   1 
HETATM 1154 O O   . HOH B 2 .   ? -8.981  12.051  6.056   1.00 30.14 ? 176 HOH A O   1 
HETATM 1155 O O   . HOH B 2 .   ? -5.299  4.320   11.801  1.00 31.49 ? 177 HOH A O   1 
HETATM 1156 O O   . HOH B 2 .   ? 19.222  3.052   -10.535 1.00 37.51 ? 178 HOH A O   1 
HETATM 1157 O O   . HOH B 2 .   ? 15.954  8.785   -6.165  1.00 36.07 ? 179 HOH A O   1 
HETATM 1158 O O   . HOH B 2 .   ? 12.417  5.177   -17.576 1.00 42.07 ? 180 HOH A O   1 
HETATM 1159 O O   . HOH B 2 .   ? 4.424   -1.549  -12.510 1.00 29.34 ? 181 HOH A O   1 
HETATM 1160 O O   . HOH B 2 .   ? 11.101  3.667   -19.343 1.00 35.88 ? 182 HOH A O   1 
HETATM 1161 O O   . HOH B 2 .   ? -9.984  -16.724 -10.133 1.00 34.85 ? 183 HOH A O   1 
HETATM 1162 O O   . HOH B 2 .   ? 19.189  3.688   -5.487  1.00 24.12 ? 184 HOH A O   1 
HETATM 1163 O O   . HOH B 2 .   ? -21.919 -6.004  -2.918  1.00 45.54 ? 185 HOH A O   1 
HETATM 1164 O O   . HOH B 2 .   ? -5.552  12.953  -0.714  1.00 31.21 ? 186 HOH A O   1 
HETATM 1165 O O   . HOH B 2 .   ? 1.362   -15.140 9.130   1.00 37.95 ? 187 HOH A O   1 
HETATM 1166 O O   . HOH B 2 .   ? 20.926  5.599   -5.090  1.00 48.19 ? 188 HOH A O   1 
HETATM 1167 O O   . HOH B 2 .   ? -12.953 12.836  -2.076  1.00 35.96 ? 189 HOH A O   1 
HETATM 1168 O O   . HOH B 2 .   ? -25.341 -4.251  0.519   1.00 37.88 ? 190 HOH A O   1 
HETATM 1169 O O   . HOH B 2 .   ? -1.341  -13.803 11.985  1.00 33.33 ? 191 HOH A O   1 
HETATM 1170 O O   . HOH B 2 .   ? 7.777   0.070   -16.272 1.00 35.37 ? 192 HOH A O   1 
HETATM 1171 O O   . HOH B 2 .   ? -21.260 3.406   5.481   1.00 38.27 ? 193 HOH A O   1 
HETATM 1172 O O   . HOH B 2 .   ? 23.113  5.886   -2.675  1.00 27.61 ? 194 HOH A O   1 
HETATM 1173 O O   . HOH B 2 .   ? -6.240  2.190   -2.166  1.00 51.54 ? 195 HOH A O   1 
HETATM 1174 O O   . HOH B 2 .   ? -16.872 5.001   4.049   1.00 27.40 ? 196 HOH A O   1 
HETATM 1175 O O   . HOH B 2 .   ? 15.805  11.678  -8.959  1.00 43.91 ? 197 HOH A O   1 
HETATM 1176 O O   . HOH B 2 .   ? 18.871  12.790  -6.264  1.00 45.27 ? 198 HOH A O   1 
HETATM 1177 O O   . HOH B 2 .   ? 6.989   -3.620  -7.200  1.00 52.82 ? 199 HOH A O   1 
HETATM 1178 O O   . HOH B 2 .   ? -18.665 4.198   9.510   1.00 42.60 ? 200 HOH A O   1 
HETATM 1179 O O   . HOH B 2 .   ? 13.021  19.282  -9.303  1.00 36.28 ? 201 HOH A O   1 
HETATM 1180 O O   . HOH B 2 .   ? -4.921  -8.992  11.511  1.00 50.78 ? 202 HOH A O   1 
HETATM 1181 O O   . HOH B 2 .   ? 13.905  7.834   5.841   1.00 41.22 ? 203 HOH A O   1 
HETATM 1182 O O   . HOH B 2 .   ? -13.946 -13.579 6.811   1.00 50.54 ? 204 HOH A O   1 
HETATM 1183 O O   . HOH B 2 .   ? -2.000  -8.469  -9.770  1.00 41.39 ? 205 HOH A O   1 
HETATM 1184 O O   . HOH B 2 .   ? 1.682   4.682   -18.036 1.00 38.39 ? 206 HOH A O   1 
HETATM 1185 O O   . HOH B 2 .   ? 17.610  17.616  -8.927  1.00 46.00 ? 207 HOH A O   1 
HETATM 1186 O O   . HOH B 2 .   ? 7.008   -7.291  15.942  1.00 36.34 ? 208 HOH A O   1 
HETATM 1187 O O   . HOH B 2 .   ? 16.384  7.951   -18.580 1.00 45.00 ? 209 HOH A O   1 
HETATM 1188 O O   . HOH B 2 .   ? -11.646 -16.619 -4.084  1.00 47.03 ? 210 HOH A O   1 
HETATM 1189 O O   . HOH B 2 .   ? 5.974   10.331  -9.321  1.00 50.32 ? 211 HOH A O   1 
HETATM 1190 O O   . HOH B 2 .   ? -10.727 3.000   -11.131 1.00 38.88 ? 212 HOH A O   1 
HETATM 1191 O O   . HOH B 2 .   ? -21.378 -5.738  3.219   1.00 42.13 ? 213 HOH A O   1 
HETATM 1192 O O   . HOH B 2 .   ? 17.139  15.993  -3.012  1.00 29.65 ? 214 HOH A O   1 
HETATM 1193 O O   . HOH B 2 .   ? 6.187   -6.313  -1.677  1.00 54.19 ? 215 HOH A O   1 
HETATM 1194 O O   . HOH B 2 .   ? -9.025  13.948  3.877   1.00 39.09 ? 216 HOH A O   1 
HETATM 1195 O O   . HOH B 2 .   ? 15.295  14.046  3.345   1.00 42.18 ? 217 HOH A O   1 
HETATM 1196 O O   . HOH B 2 .   ? -8.028  -10.027 8.105   1.00 5.34  ? 218 HOH A O   1 
HETATM 1197 O O   . HOH B 2 .   ? -1.211  -8.181  5.620   1.00 5.89  ? 219 HOH A O   1 
HETATM 1198 O O   . HOH B 2 .   ? -12.404 -14.577 11.658  1.00 6.15  ? 220 HOH A O   1 
HETATM 1199 O O   . HOH B 2 .   ? 6.350   -6.239  1.058   1.00 49.50 ? 221 HOH A O   1 
HETATM 1200 O O   . HOH B 2 .   ? -6.785  -15.582 -1.032  1.00 7.85  ? 222 HOH A O   1 
HETATM 1201 O O   . HOH B 2 .   ? 9.979   1.918   11.950  1.00 9.82  ? 223 HOH A O   1 
HETATM 1202 O O   . HOH B 2 .   ? 5.856   -1.316  12.661  1.00 8.25  ? 224 HOH A O   1 
HETATM 1203 O O   . HOH B 2 .   ? -12.009 -12.190 0.988   1.00 9.74  ? 225 HOH A O   1 
HETATM 1204 O O   . HOH B 2 .   ? -5.004  -1.341  10.977  1.00 10.37 ? 226 HOH A O   1 
HETATM 1205 O O   . HOH B 2 .   ? 7.811   0.624   13.181  1.00 7.84  ? 227 HOH A O   1 
HETATM 1206 O O   . HOH B 2 .   ? -3.412  9.499   -2.719  1.00 11.23 ? 228 HOH A O   1 
HETATM 1207 O O   . HOH B 2 .   ? 2.826   4.603   13.197  1.00 12.15 ? 229 HOH A O   1 
HETATM 1208 O O   . HOH B 2 .   ? 9.667   -6.333  2.734   1.00 12.04 ? 230 HOH A O   1 
HETATM 1209 O O   . HOH B 2 .   ? -3.528  -1.953  13.166  1.00 13.45 ? 231 HOH A O   1 
HETATM 1210 O O   . HOH B 2 .   ? -4.503  -22.467 -5.829  1.00 10.85 ? 232 HOH A O   1 
HETATM 1211 O O   . HOH B 2 .   ? -0.612  10.807  -5.230  1.00 11.67 ? 233 HOH A O   1 
HETATM 1212 O O   . HOH B 2 .   ? -6.852  -15.117 15.383  1.00 13.99 ? 234 HOH A O   1 
HETATM 1213 O O   . HOH B 2 .   ? 11.597  0.736   13.913  1.00 10.65 ? 235 HOH A O   1 
HETATM 1214 O O   . HOH B 2 .   ? -20.013 4.994   -5.654  1.00 12.89 ? 236 HOH A O   1 
HETATM 1215 O O   . HOH B 2 .   ? 0.688   -8.103  15.087  1.00 12.17 ? 237 HOH A O   1 
HETATM 1216 O O   . HOH B 2 .   ? 0.547   -16.544 -5.640  1.00 49.32 ? 238 HOH A O   1 
HETATM 1217 O O   . HOH B 2 .   ? -0.787  8.617   6.765   1.00 14.79 ? 239 HOH A O   1 
HETATM 1218 O O   . HOH B 2 .   ? -11.684 -17.843 4.895   1.00 17.94 ? 240 HOH A O   1 
HETATM 1219 O O   . HOH B 2 .   ? -3.974  -0.163  15.083  1.00 15.06 ? 241 HOH A O   1 
HETATM 1220 O O   . HOH B 2 .   ? 15.657  3.223   -1.290  1.00 16.06 ? 242 HOH A O   1 
HETATM 1221 O O   . HOH B 2 .   ? 5.467   -7.338  4.405   1.00 14.29 ? 243 HOH A O   1 
HETATM 1222 O O   . HOH B 2 .   ? -17.070 -15.473 1.653   1.00 21.38 ? 244 HOH A O   1 
HETATM 1223 O O   . HOH B 2 .   ? -11.483 0.632   -6.842  1.00 16.83 ? 245 HOH A O   1 
HETATM 1224 O O   . HOH B 2 .   ? -8.396  -16.486 5.832   1.00 14.75 ? 246 HOH A O   1 
HETATM 1225 O O   . HOH B 2 .   ? 6.651   -3.780  -9.722  1.00 36.70 ? 247 HOH A O   1 
HETATM 1226 O O   . HOH B 2 .   ? 11.538  10.948  -9.770  1.00 16.33 ? 248 HOH A O   1 
HETATM 1227 O O   . HOH B 2 .   ? 4.529   -6.159  22.744  1.00 21.44 ? 249 HOH A O   1 
HETATM 1228 O O   . HOH B 2 .   ? -3.934  -14.363 12.345  1.00 19.05 ? 250 HOH A O   1 
HETATM 1229 O O   . HOH B 2 .   ? -0.978  15.034  -6.305  1.00 18.71 ? 251 HOH A O   1 
HETATM 1230 O O   . HOH B 2 .   ? 3.669   -9.479  4.913   1.00 13.89 ? 252 HOH A O   1 
HETATM 1231 O O   . HOH B 2 .   ? 10.285  2.379   8.974   1.00 14.15 ? 253 HOH A O   1 
HETATM 1232 O O   . HOH B 2 .   ? 11.677  -9.729  -4.293  1.00 25.01 ? 254 HOH A O   1 
HETATM 1233 O O   . HOH B 2 .   ? -20.790 1.930   -4.136  1.00 18.53 ? 255 HOH A O   1 
HETATM 1234 O O   . HOH B 2 .   ? -12.235 -4.547  -7.433  1.00 19.88 ? 256 HOH A O   1 
HETATM 1235 O O   . HOH B 2 .   ? 14.281  -3.459  -11.670 1.00 15.40 ? 257 HOH A O   1 
HETATM 1236 O O   . HOH B 2 .   ? 2.664   14.256  0.900   1.00 17.83 ? 258 HOH A O   1 
HETATM 1237 O O   . HOH B 2 .   ? -4.243  -12.404 16.343  1.00 19.96 ? 259 HOH A O   1 
HETATM 1238 O O   . HOH B 2 .   ? 11.584  15.929  -0.252  1.00 20.85 ? 260 HOH A O   1 
HETATM 1239 O O   . HOH B 2 .   ? -17.444 -5.785  -3.201  1.00 26.36 ? 261 HOH A O   1 
HETATM 1240 O O   . HOH B 2 .   ? 1.972   -6.774  -7.121  1.00 23.67 ? 262 HOH A O   1 
HETATM 1241 O O   . HOH B 2 .   ? 1.965   8.294   11.809  1.00 26.76 ? 263 HOH A O   1 
HETATM 1242 O O   . HOH B 2 .   ? -13.509 5.704   9.450   1.00 27.88 ? 264 HOH A O   1 
HETATM 1243 O O   . HOH B 2 .   ? -2.692  12.128  -3.761  1.00 18.67 ? 265 HOH A O   1 
HETATM 1244 O O   . HOH B 2 .   ? -4.748  -4.545  -8.851  1.00 27.18 ? 266 HOH A O   1 
HETATM 1245 O O   . HOH B 2 .   ? 14.968  -9.386  -3.981  1.00 15.00 ? 267 HOH A O   1 
HETATM 1246 O O   . HOH B 2 .   ? -4.874  2.154   13.995  1.00 18.25 ? 268 HOH A O   1 
HETATM 1247 O O   . HOH B 2 .   ? -18.665 -11.626 -0.471  1.00 23.35 ? 269 HOH A O   1 
HETATM 1248 O O   . HOH B 2 .   ? -5.625  3.133   -8.565  1.00 21.59 ? 270 HOH A O   1 
HETATM 1249 O O   . HOH B 2 .   ? 13.050  14.903  1.779   1.00 17.42 ? 271 HOH A O   1 
HETATM 1250 O O   . HOH B 2 .   ? -0.537  8.161   10.885  1.00 18.13 ? 272 HOH A O   1 
HETATM 1251 O O   . HOH B 2 .   ? -18.152 -10.550 9.281   1.00 16.64 ? 273 HOH A O   1 
HETATM 1252 O O   . HOH B 2 .   ? 5.869   -12.321 -2.060  1.00 36.19 ? 274 HOH A O   1 
HETATM 1253 O O   . HOH B 2 .   ? -0.224  2.269   -8.650  1.00 27.45 ? 275 HOH A O   1 
HETATM 1254 O O   . HOH B 2 .   ? 15.953  -1.464  -10.840 1.00 23.65 ? 276 HOH A O   1 
HETATM 1255 O O   . HOH B 2 .   ? -17.915 -7.391  9.161   1.00 23.69 ? 277 HOH A O   1 
HETATM 1256 O O   . HOH B 2 .   ? 19.847  1.359   -8.442  1.00 20.19 ? 278 HOH A O   1 
HETATM 1257 O O   . HOH B 2 .   ? -3.193  -18.620 -11.440 1.00 22.12 ? 279 HOH A O   1 
HETATM 1258 O O   . HOH B 2 .   ? -2.286  9.656   -9.448  1.00 22.49 ? 280 HOH A O   1 
HETATM 1259 O O   . HOH B 2 .   ? 19.336  3.683   -1.493  1.00 23.13 ? 281 HOH A O   1 
HETATM 1260 O O   . HOH B 2 .   ? 15.048  3.679   -4.270  1.00 20.54 ? 282 HOH A O   1 
HETATM 1261 O O   . HOH B 2 .   ? -10.693 10.122  -4.095  1.00 25.36 ? 283 HOH A O   1 
HETATM 1262 O O   . HOH B 2 .   ? -15.951 -6.346  14.475  1.00 24.66 ? 284 HOH A O   1 
HETATM 1263 O O   . HOH B 2 .   ? 16.283  5.335   5.338   1.00 32.62 ? 285 HOH A O   1 
HETATM 1264 O O   . HOH B 2 .   ? -9.296  7.384   -2.634  1.00 19.36 ? 286 HOH A O   1 
HETATM 1265 O O   . HOH B 2 .   ? 11.639  13.137  3.678   1.00 22.15 ? 287 HOH A O   1 
HETATM 1266 O O   . HOH B 2 .   ? -2.315  17.004  -10.118 1.00 27.06 ? 288 HOH A O   1 
HETATM 1267 O O   . HOH B 2 .   ? -3.159  -11.398 -10.811 1.00 30.85 ? 289 HOH A O   1 
HETATM 1268 O O   . HOH B 2 .   ? 5.515   20.554  -4.071  1.00 24.30 ? 290 HOH A O   1 
HETATM 1269 O O   . HOH B 2 .   ? 13.572  4.708   -2.263  1.00 22.34 ? 291 HOH A O   1 
HETATM 1270 O O   . HOH B 2 .   ? 0.441   -16.389 -12.494 1.00 31.09 ? 292 HOH A O   1 
HETATM 1271 O O   . HOH B 2 .   ? -22.955 -0.255  -1.728  1.00 29.32 ? 293 HOH A O   1 
HETATM 1272 O O   . HOH B 2 .   ? -2.051  2.556   17.021  1.00 19.85 ? 294 HOH A O   1 
HETATM 1273 O O   . HOH B 2 .   ? -2.228  -16.070 -11.544 1.00 50.94 ? 295 HOH A O   1 
HETATM 1274 O O   . HOH B 2 .   ? 1.732   17.538  -8.196  1.00 16.37 ? 296 HOH A O   1 
HETATM 1275 O O   . HOH B 2 .   ? -7.527  -14.993 1.705   1.00 24.25 ? 297 HOH A O   1 
HETATM 1276 O O   . HOH B 2 .   ? 5.297   11.672  6.374   1.00 29.44 ? 298 HOH A O   1 
HETATM 1277 O O   . HOH B 2 .   ? -15.014 0.159   12.759  1.00 28.24 ? 299 HOH A O   1 
HETATM 1278 O O   . HOH B 2 .   ? -8.368  9.194   7.270   1.00 24.35 ? 300 HOH A O   1 
HETATM 1279 O O   . HOH B 2 .   ? 3.545   -10.195 11.364  1.00 25.19 ? 301 HOH A O   1 
HETATM 1280 O O   . HOH B 2 .   ? 3.387   -9.206  14.646  1.00 24.15 ? 302 HOH A O   1 
HETATM 1281 O O   . HOH B 2 .   ? -1.880  -2.947  -8.569  1.00 28.57 ? 303 HOH A O   1 
HETATM 1282 O O   . HOH B 2 .   ? -10.781 -18.663 7.358   1.00 23.15 ? 304 HOH A O   1 
HETATM 1283 O O   . HOH B 2 .   ? -22.083 0.794   2.636   1.00 23.61 ? 305 HOH A O   1 
HETATM 1284 O O   . HOH B 2 .   ? 15.484  6.966   1.575   1.00 22.21 ? 306 HOH A O   1 
HETATM 1285 O O   . HOH B 2 .   ? -2.450  -5.492  -7.725  1.00 52.93 ? 307 HOH A O   1 
HETATM 1286 O O   . HOH B 2 .   ? -1.336  6.000   12.261  1.00 27.09 ? 308 HOH A O   1 
HETATM 1287 O O   . HOH B 2 .   ? 0.254   3.533   13.933  1.00 21.41 ? 309 HOH A O   1 
HETATM 1288 O O   . HOH B 2 .   ? 5.725   -8.552  11.947  1.00 29.58 ? 310 HOH A O   1 
HETATM 1289 O O   . HOH B 2 .   ? 10.098  12.601  -13.940 1.00 32.66 ? 311 HOH A O   1 
HETATM 1290 O O   . HOH B 2 .   ? 10.832  -0.809  -13.633 1.00 27.18 ? 312 HOH A O   1 
HETATM 1291 O O   . HOH B 2 .   ? 15.272  14.844  -1.320  1.00 25.20 ? 313 HOH A O   1 
HETATM 1292 O O   . HOH B 2 .   ? -13.747 4.485   -2.035  1.00 24.11 ? 314 HOH A O   1 
HETATM 1293 O O   . HOH B 2 .   ? 1.067   -6.424  20.230  1.00 24.32 ? 315 HOH A O   1 
HETATM 1294 O O   . HOH B 2 .   ? 4.755   20.046  -8.166  1.00 26.29 ? 316 HOH A O   1 
HETATM 1295 O O   . HOH B 2 .   ? 11.107  -8.288  13.292  1.00 21.06 ? 317 HOH A O   1 
HETATM 1296 O O   . HOH B 2 .   ? -14.757 -0.968  10.009  1.00 30.11 ? 318 HOH A O   1 
HETATM 1297 O O   . HOH B 2 .   ? 13.703  17.033  -1.646  1.00 28.61 ? 319 HOH A O   1 
HETATM 1298 O O   . HOH B 2 .   ? -17.614 -10.093 5.208   1.00 31.29 ? 320 HOH A O   1 
HETATM 1299 O O   . HOH B 2 .   ? -10.995 9.005   8.174   1.00 27.59 ? 321 HOH A O   1 
HETATM 1300 O O   . HOH B 2 .   ? 9.094   13.654  2.104   1.00 25.93 ? 322 HOH A O   1 
HETATM 1301 O O   . HOH B 2 .   ? 4.050   -11.033 7.286   1.00 20.53 ? 323 HOH A O   1 
HETATM 1302 O O   . HOH B 2 .   ? 0.391   15.783  -9.859  1.00 24.99 ? 324 HOH A O   1 
HETATM 1303 O O   . HOH B 2 .   ? 6.014   21.154  -12.023 1.00 36.12 ? 325 HOH A O   1 
HETATM 1304 O O   . HOH B 2 .   ? 0.121   12.415  4.487   1.00 22.02 ? 326 HOH A O   1 
HETATM 1305 O O   . HOH B 2 .   ? 8.005   -7.029  6.184   1.00 21.13 ? 327 HOH A O   1 
HETATM 1306 O O   . HOH B 2 .   ? -15.367 11.425  -3.615  1.00 37.20 ? 328 HOH A O   1 
HETATM 1307 O O   . HOH B 2 .   ? 3.886   -11.712 -0.338  1.00 49.74 ? 329 HOH A O   1 
HETATM 1308 O O   . HOH B 2 .   ? 0.335   11.489  8.585   1.00 33.14 ? 330 HOH A O   1 
HETATM 1309 O O   . HOH B 2 .   ? -16.244 -9.721  -4.058  1.00 31.03 ? 331 HOH A O   1 
HETATM 1310 O O   . HOH B 2 .   ? 3.158   3.784   -12.100 1.00 50.21 ? 332 HOH A O   1 
HETATM 1311 O O   . HOH B 2 .   ? 8.486   -11.881 -2.525  1.00 42.59 ? 333 HOH A O   1 
HETATM 1312 O O   . HOH B 2 .   ? 2.872   -14.908 -10.559 1.00 30.06 ? 334 HOH A O   1 
HETATM 1313 O O   . HOH B 2 .   ? 8.408   -10.467 -4.988  1.00 34.73 ? 335 HOH A O   1 
HETATM 1314 O O   . HOH B 2 .   ? 1.215   2.100   -12.542 1.00 32.03 ? 336 HOH A O   1 
HETATM 1315 O O   . HOH B 2 .   ? 4.898   -5.903  -8.388  1.00 29.45 ? 337 HOH A O   1 
HETATM 1316 O O   . HOH B 2 .   ? -9.057  -16.556 -2.378  1.00 36.70 ? 338 HOH A O   1 
HETATM 1317 O O   . HOH B 2 .   ? -14.241 -10.729 -2.058  1.00 44.40 ? 339 HOH A O   1 
HETATM 1318 O O   . HOH B 2 .   ? 16.056  -10.103 -1.029  1.00 25.99 ? 340 HOH A O   1 
HETATM 1319 O O   . HOH B 2 .   ? 9.342   8.795   -13.854 1.00 31.48 ? 341 HOH A O   1 
HETATM 1320 O O   . HOH B 2 .   ? 17.432  20.354  -7.224  1.00 32.11 ? 342 HOH A O   1 
HETATM 1321 O O   . HOH B 2 .   ? 7.619   -8.507  9.080   1.00 26.79 ? 343 HOH A O   1 
HETATM 1322 O O   . HOH B 2 .   ? 19.251  9.837   3.382   1.00 30.95 ? 344 HOH A O   1 
HETATM 1323 O O   . HOH B 2 .   ? 12.330  12.461  -12.445 1.00 31.98 ? 345 HOH A O   1 
HETATM 1324 O O   . HOH B 2 .   ? 0.989   -11.901 14.061  1.00 24.62 ? 346 HOH A O   1 
HETATM 1325 O O   . HOH B 2 .   ? -11.998 -8.446  -8.575  1.00 32.52 ? 347 HOH A O   1 
HETATM 1326 O O   . HOH B 2 .   ? 2.286   -14.445 11.886  1.00 26.05 ? 348 HOH A O   1 
HETATM 1327 O O   . HOH B 2 .   ? -20.113 3.549   2.750   1.00 25.87 ? 349 HOH A O   1 
HETATM 1328 O O   . HOH B 2 .   ? 17.471  4.179   -3.405  1.00 43.36 ? 350 HOH A O   1 
HETATM 1329 O O   . HOH B 2 .   ? -13.399 7.352   -2.807  1.00 29.48 ? 351 HOH A O   1 
HETATM 1330 O O   . HOH B 2 .   ? 21.520  2.842   -4.807  1.00 43.20 ? 352 HOH A O   1 
HETATM 1331 O O   . HOH B 2 .   ? -19.129 2.309   11.424  1.00 34.92 ? 353 HOH A O   1 
HETATM 1332 O O   . HOH B 2 .   ? -20.154 4.329   -2.190  1.00 24.39 ? 354 HOH A O   1 
HETATM 1333 O O   . HOH B 2 .   ? 2.286   8.159   -11.205 1.00 31.66 ? 355 HOH A O   1 
HETATM 1334 O O   . HOH B 2 .   ? -1.628  -3.778  12.878  1.00 40.93 ? 356 HOH A O   1 
HETATM 1335 O O   . HOH B 2 .   ? 9.196   19.013  -11.035 1.00 44.22 ? 357 HOH A O   1 
HETATM 1336 O O   . HOH B 2 .   ? -9.911  4.029   12.693  1.00 32.04 ? 358 HOH A O   1 
HETATM 1337 O O   . HOH B 2 .   ? 0.036   -0.462  -7.713  1.00 50.86 ? 359 HOH A O   1 
# 
loop_
_pdbx_poly_seq_scheme.asym_id 
_pdbx_poly_seq_scheme.entity_id 
_pdbx_poly_seq_scheme.seq_id 
_pdbx_poly_seq_scheme.mon_id 
_pdbx_poly_seq_scheme.ndb_seq_num 
_pdbx_poly_seq_scheme.pdb_seq_num 
_pdbx_poly_seq_scheme.auth_seq_num 
_pdbx_poly_seq_scheme.pdb_mon_id 
_pdbx_poly_seq_scheme.auth_mon_id 
_pdbx_poly_seq_scheme.pdb_strand_id 
_pdbx_poly_seq_scheme.pdb_ins_code 
_pdbx_poly_seq_scheme.hetero 
A 1 1   GLY 1   -3  ?   ?   ?   A . n 
A 1 2   ALA 2   -2  ?   ?   ?   A . n 
A 1 3   MET 3   -1  ?   ?   ?   A . n 
A 1 4   GLY 4   0   ?   ?   ?   A . n 
A 1 5   SER 5   1   1   SER SER A . n 
A 1 6   ALA 6   2   2   ALA ALA A . n 
A 1 7   VAL 7   3   3   VAL VAL A . n 
A 1 8   SER 8   4   4   SER SER A . n 
A 1 9   GLU 9   5   5   GLU GLU A . n 
A 1 10  SER 10  6   6   SER SER A . n 
A 1 11  GLN 11  7   7   GLN GLN A . n 
A 1 12  LEU 12  8   8   LEU LEU A . n 
A 1 13  LYS 13  9   9   LYS LYS A . n 
A 1 14  LYS 14  10  10  LYS LYS A . n 
A 1 15  MET 15  11  11  MET MET A . n 
A 1 16  VAL 16  12  12  VAL VAL A . n 
A 1 17  SER 17  13  13  SER SER A . n 
A 1 18  LYS 18  14  14  LYS LYS A . n 
A 1 19  TYR 19  15  15  TYR TYR A . n 
A 1 20  LYS 20  16  16  LYS LYS A . n 
A 1 21  TYR 21  17  17  TYR TYR A . n 
A 1 22  ARG 22  18  18  ARG ARG A . n 
A 1 23  ASP 23  19  19  ASP ASP A . n 
A 1 24  LEU 24  20  20  LEU LEU A . n 
A 1 25  THR 25  21  21  THR THR A . n 
A 1 26  VAL 26  22  22  VAL VAL A . n 
A 1 27  ARG 27  23  23  ARG ARG A . n 
A 1 28  GLU 28  24  24  GLU GLU A . n 
A 1 29  THR 29  25  25  THR THR A . n 
A 1 30  VAL 30  26  26  VAL VAL A . n 
A 1 31  ASN 31  27  27  ASN ASN A . n 
A 1 32  VAL 32  28  28  VAL VAL A . n 
A 1 33  ILE 33  29  29  ILE ILE A . n 
A 1 34  THR 34  30  30  THR THR A . n 
A 1 35  LEU 35  31  31  LEU LEU A . n 
A 1 36  TYR 36  32  32  TYR TYR A . n 
A 1 37  LYS 37  33  33  LYS LYS A . n 
A 1 38  ASP 38  34  34  ASP ASP A . n 
A 1 39  LEU 39  35  35  LEU LEU A . n 
A 1 40  LYS 40  36  36  LYS LYS A . n 
A 1 41  PRO 41  37  37  PRO PRO A . n 
A 1 42  VAL 42  38  38  VAL VAL A . n 
A 1 43  LEU 43  39  39  LEU LEU A . n 
A 1 44  ASP 44  40  40  ASP ASP A . n 
A 1 45  SER 45  41  41  SER SER A . n 
A 1 46  TYR 46  42  42  TYR TYR A . n 
A 1 47  GLY 47  43  43  GLY GLY A . n 
A 1 48  THR 48  44  44  THR THR A . n 
A 1 49  GLY 49  48  48  GLY GLY A . n 
A 1 50  SER 50  49  49  SER SER A . n 
A 1 51  ARG 51  50  50  ARG ARG A . n 
A 1 52  GLU 52  51  51  GLU GLU A . n 
A 1 53  LEU 53  52  52  LEU LEU A . n 
A 1 54  MET 54  53  53  MET MET A . n 
A 1 55  ASN 55  54  54  ASN ASN A . n 
A 1 56  LEU 56  55  55  LEU LEU A . n 
A 1 57  THR 57  56  56  THR THR A . n 
A 1 58  GLY 58  57  57  GLY GLY A . n 
A 1 59  THR 59  58  58  THR THR A . n 
A 1 60  ILE 60  59  59  ILE ILE A . n 
A 1 61  PRO 61  60  60  PRO PRO A . n 
A 1 62  VAL 62  61  61  VAL VAL A . n 
A 1 63  PRO 63  62  62  PRO PRO A . n 
A 1 64  TYR 64  63  63  TYR TYR A . n 
A 1 65  ARG 65  64  64  ARG ARG A . n 
A 1 66  GLY 66  65  65  GLY GLY A . n 
A 1 67  ASN 67  66  66  ASN ASN A . n 
A 1 68  THR 68  67  67  THR THR A . n 
A 1 69  TYR 69  68  68  TYR TYR A . n 
A 1 70  ASN 70  69  69  ASN ASN A . n 
A 1 71  ILE 71  70  70  ILE ILE A . n 
A 1 72  PRO 72  71  71  PRO PRO A . n 
A 1 73  ILE 73  72  72  ILE ILE A . n 
A 1 74  CYS 74  73  73  CYS CYS A . n 
A 1 75  LEU 75  74  74  LEU LEU A . n 
A 1 76  TRP 76  75  75  TRP TRP A . n 
A 1 77  LEU 77  76  76  LEU LEU A . n 
A 1 78  LEU 78  77  77  LEU LEU A . n 
A 1 79  ASP 79  78  78  ASP ASP A . n 
A 1 80  THR 80  79  79  THR THR A . n 
A 1 81  TYR 81  80  80  TYR TYR A . n 
A 1 82  PRO 82  81  81  PRO PRO A . n 
A 1 83  TYR 83  82  82  TYR TYR A . n 
A 1 84  ASN 84  83  83  ASN ASN A . n 
A 1 85  PRO 85  84  84  PRO PRO A . n 
A 1 86  PRO 86  85  85  PRO PRO A . n 
A 1 87  ILE 87  86  86  ILE ILE A . n 
A 1 88  CYS 88  87  87  CYS CYS A . n 
A 1 89  PHE 89  88  88  PHE PHE A . n 
A 1 90  VAL 90  89  89  VAL VAL A . n 
A 1 91  LYS 91  90  90  LYS LYS A . n 
A 1 92  PRO 92  91  91  PRO PRO A . n 
A 1 93  THR 93  92  92  THR THR A . n 
A 1 94  SER 94  93  93  SER SER A . n 
A 1 95  SER 95  94  94  SER SER A . n 
A 1 96  MET 96  95  95  MET MET A . n 
A 1 97  THR 97  96  96  THR THR A . n 
A 1 98  ILE 98  97  97  ILE ILE A . n 
A 1 99  LYS 99  98  98  LYS LYS A . n 
A 1 100 THR 100 99  99  THR THR A . n 
A 1 101 GLY 101 100 100 GLY GLY A . n 
A 1 102 LYS 102 101 101 LYS LYS A . n 
A 1 103 HIS 103 102 102 HIS HIS A . n 
A 1 104 VAL 104 103 103 VAL VAL A . n 
A 1 105 ASP 105 104 104 ASP ASP A . n 
A 1 106 ALA 106 105 105 ALA ALA A . n 
A 1 107 ASN 107 106 106 ASN ASN A . n 
A 1 108 GLY 108 107 107 GLY GLY A . n 
A 1 109 LYS 109 108 108 LYS LYS A . n 
A 1 110 ILE 110 109 109 ILE ILE A . n 
A 1 111 TYR 111 110 110 TYR TYR A . n 
A 1 112 LEU 112 111 111 LEU LEU A . n 
A 1 113 PRO 113 112 112 PRO PRO A . n 
A 1 114 TYR 114 113 113 TYR TYR A . n 
A 1 115 LEU 115 114 114 LEU LEU A . n 
A 1 116 HIS 116 115 115 HIS HIS A . n 
A 1 117 GLU 117 116 116 GLU GLU A . n 
A 1 118 TRP 118 117 117 TRP TRP A . n 
A 1 119 LYS 119 118 118 LYS LYS A . n 
A 1 120 HIS 120 119 119 HIS HIS A . n 
A 1 121 PRO 121 120 120 PRO PRO A . n 
A 1 122 GLN 122 121 121 GLN GLN A . n 
A 1 123 SER 123 122 122 SER SER A . n 
A 1 124 ASP 124 123 123 ASP ASP A . n 
A 1 125 LEU 125 124 124 LEU LEU A . n 
A 1 126 LEU 126 125 125 LEU LEU A . n 
A 1 127 GLY 127 126 126 GLY GLY A . n 
A 1 128 LEU 128 127 127 LEU LEU A . n 
A 1 129 ILE 129 128 128 ILE ILE A . n 
A 1 130 GLN 130 129 129 GLN GLN A . n 
A 1 131 VAL 131 130 130 VAL VAL A . n 
A 1 132 MET 132 131 131 MET MET A . n 
A 1 133 ILE 133 132 132 ILE ILE A . n 
A 1 134 VAL 134 133 133 VAL VAL A . n 
A 1 135 VAL 135 134 134 VAL VAL A . n 
A 1 136 PHE 136 135 135 PHE PHE A . n 
A 1 137 GLY 137 136 136 GLY GLY A . n 
A 1 138 ASP 138 137 137 ASP ASP A . n 
A 1 139 GLU 139 138 138 GLU GLU A . n 
A 1 140 PRO 140 139 139 PRO PRO A . n 
A 1 141 PRO 141 140 140 PRO PRO A . n 
A 1 142 VAL 142 141 141 VAL VAL A . n 
A 1 143 PHE 143 142 142 PHE PHE A . n 
A 1 144 SER 144 143 143 SER SER A . n 
A 1 145 ARG 145 144 ?   ?   ?   A . n 
A 1 146 PRO 146 145 ?   ?   ?   A . n 
# 
loop_
_pdbx_nonpoly_scheme.asym_id 
_pdbx_nonpoly_scheme.entity_id 
_pdbx_nonpoly_scheme.mon_id 
_pdbx_nonpoly_scheme.ndb_seq_num 
_pdbx_nonpoly_scheme.pdb_seq_num 
_pdbx_nonpoly_scheme.auth_seq_num 
_pdbx_nonpoly_scheme.pdb_mon_id 
_pdbx_nonpoly_scheme.auth_mon_id 
_pdbx_nonpoly_scheme.pdb_strand_id 
_pdbx_nonpoly_scheme.pdb_ins_code 
B 2 HOH 1   45  45  HOH TIP A . 
B 2 HOH 2   46  46  HOH TIP A . 
B 2 HOH 3   47  47  HOH TIP A . 
B 2 HOH 4   146 146 HOH TIP A . 
B 2 HOH 5   147 147 HOH TIP A . 
B 2 HOH 6   148 148 HOH TIP A . 
B 2 HOH 7   149 149 HOH TIP A . 
B 2 HOH 8   150 150 HOH TIP A . 
B 2 HOH 9   151 151 HOH TIP A . 
B 2 HOH 10  152 152 HOH TIP A . 
B 2 HOH 11  153 153 HOH TIP A . 
B 2 HOH 12  154 154 HOH TIP A . 
B 2 HOH 13  155 155 HOH TIP A . 
B 2 HOH 14  156 156 HOH TIP A . 
B 2 HOH 15  157 157 HOH TIP A . 
B 2 HOH 16  158 158 HOH TIP A . 
B 2 HOH 17  159 159 HOH TIP A . 
B 2 HOH 18  160 160 HOH TIP A . 
B 2 HOH 19  161 161 HOH TIP A . 
B 2 HOH 20  162 162 HOH TIP A . 
B 2 HOH 21  163 163 HOH TIP A . 
B 2 HOH 22  164 164 HOH TIP A . 
B 2 HOH 23  165 165 HOH TIP A . 
B 2 HOH 24  166 166 HOH TIP A . 
B 2 HOH 25  167 167 HOH TIP A . 
B 2 HOH 26  168 168 HOH TIP A . 
B 2 HOH 27  169 169 HOH TIP A . 
B 2 HOH 28  170 170 HOH TIP A . 
B 2 HOH 29  171 171 HOH TIP A . 
B 2 HOH 30  172 172 HOH TIP A . 
B 2 HOH 31  173 173 HOH TIP A . 
B 2 HOH 32  174 174 HOH TIP A . 
B 2 HOH 33  175 175 HOH TIP A . 
B 2 HOH 34  176 176 HOH TIP A . 
B 2 HOH 35  177 177 HOH TIP A . 
B 2 HOH 36  178 178 HOH TIP A . 
B 2 HOH 37  179 179 HOH TIP A . 
B 2 HOH 38  180 180 HOH TIP A . 
B 2 HOH 39  181 181 HOH TIP A . 
B 2 HOH 40  182 182 HOH TIP A . 
B 2 HOH 41  183 183 HOH TIP A . 
B 2 HOH 42  184 184 HOH TIP A . 
B 2 HOH 43  185 185 HOH TIP A . 
B 2 HOH 44  186 186 HOH TIP A . 
B 2 HOH 45  187 187 HOH TIP A . 
B 2 HOH 46  188 188 HOH TIP A . 
B 2 HOH 47  189 189 HOH TIP A . 
B 2 HOH 48  190 190 HOH TIP A . 
B 2 HOH 49  191 191 HOH TIP A . 
B 2 HOH 50  192 192 HOH TIP A . 
B 2 HOH 51  193 193 HOH TIP A . 
B 2 HOH 52  194 194 HOH TIP A . 
B 2 HOH 53  195 195 HOH TIP A . 
B 2 HOH 54  196 196 HOH TIP A . 
B 2 HOH 55  197 197 HOH TIP A . 
B 2 HOH 56  198 198 HOH TIP A . 
B 2 HOH 57  199 199 HOH TIP A . 
B 2 HOH 58  200 200 HOH TIP A . 
B 2 HOH 59  201 201 HOH TIP A . 
B 2 HOH 60  202 202 HOH TIP A . 
B 2 HOH 61  203 203 HOH TIP A . 
B 2 HOH 62  204 204 HOH TIP A . 
B 2 HOH 63  205 205 HOH TIP A . 
B 2 HOH 64  206 206 HOH TIP A . 
B 2 HOH 65  207 207 HOH TIP A . 
B 2 HOH 66  208 208 HOH TIP A . 
B 2 HOH 67  209 209 HOH TIP A . 
B 2 HOH 68  210 210 HOH TIP A . 
B 2 HOH 69  211 211 HOH TIP A . 
B 2 HOH 70  212 212 HOH TIP A . 
B 2 HOH 71  213 213 HOH TIP A . 
B 2 HOH 72  214 214 HOH TIP A . 
B 2 HOH 73  215 215 HOH TIP A . 
B 2 HOH 74  216 216 HOH TIP A . 
B 2 HOH 75  217 217 HOH TIP A . 
B 2 HOH 76  218 1   HOH TIP A . 
B 2 HOH 77  219 2   HOH TIP A . 
B 2 HOH 78  220 3   HOH TIP A . 
B 2 HOH 79  221 4   HOH TIP A . 
B 2 HOH 80  222 5   HOH TIP A . 
B 2 HOH 81  223 6   HOH TIP A . 
B 2 HOH 82  224 7   HOH TIP A . 
B 2 HOH 83  225 8   HOH TIP A . 
B 2 HOH 84  226 9   HOH TIP A . 
B 2 HOH 85  227 10  HOH TIP A . 
B 2 HOH 86  228 11  HOH TIP A . 
B 2 HOH 87  229 12  HOH TIP A . 
B 2 HOH 88  230 13  HOH TIP A . 
B 2 HOH 89  231 14  HOH TIP A . 
B 2 HOH 90  232 15  HOH TIP A . 
B 2 HOH 91  233 16  HOH TIP A . 
B 2 HOH 92  234 17  HOH TIP A . 
B 2 HOH 93  235 18  HOH TIP A . 
B 2 HOH 94  236 19  HOH TIP A . 
B 2 HOH 95  237 20  HOH TIP A . 
B 2 HOH 96  238 21  HOH TIP A . 
B 2 HOH 97  239 22  HOH TIP A . 
B 2 HOH 98  240 23  HOH TIP A . 
B 2 HOH 99  241 24  HOH TIP A . 
B 2 HOH 100 242 25  HOH TIP A . 
B 2 HOH 101 243 26  HOH TIP A . 
B 2 HOH 102 244 27  HOH TIP A . 
B 2 HOH 103 245 28  HOH TIP A . 
B 2 HOH 104 246 29  HOH TIP A . 
B 2 HOH 105 247 30  HOH TIP A . 
B 2 HOH 106 248 31  HOH TIP A . 
B 2 HOH 107 249 32  HOH TIP A . 
B 2 HOH 108 250 33  HOH TIP A . 
B 2 HOH 109 251 34  HOH TIP A . 
B 2 HOH 110 252 35  HOH TIP A . 
B 2 HOH 111 253 36  HOH TIP A . 
B 2 HOH 112 254 37  HOH TIP A . 
B 2 HOH 113 255 38  HOH TIP A . 
B 2 HOH 114 256 39  HOH TIP A . 
B 2 HOH 115 257 40  HOH TIP A . 
B 2 HOH 116 258 41  HOH TIP A . 
B 2 HOH 117 259 42  HOH TIP A . 
B 2 HOH 118 260 43  HOH TIP A . 
B 2 HOH 119 261 44  HOH TIP A . 
B 2 HOH 120 262 48  HOH TIP A . 
B 2 HOH 121 263 49  HOH TIP A . 
B 2 HOH 122 264 50  HOH TIP A . 
B 2 HOH 123 265 51  HOH TIP A . 
B 2 HOH 124 266 52  HOH TIP A . 
B 2 HOH 125 267 53  HOH TIP A . 
B 2 HOH 126 268 54  HOH TIP A . 
B 2 HOH 127 269 55  HOH TIP A . 
B 2 HOH 128 270 56  HOH TIP A . 
B 2 HOH 129 271 57  HOH TIP A . 
B 2 HOH 130 272 58  HOH TIP A . 
B 2 HOH 131 273 59  HOH TIP A . 
B 2 HOH 132 274 60  HOH TIP A . 
B 2 HOH 133 275 61  HOH TIP A . 
B 2 HOH 134 276 62  HOH TIP A . 
B 2 HOH 135 277 63  HOH TIP A . 
B 2 HOH 136 278 64  HOH TIP A . 
B 2 HOH 137 279 65  HOH TIP A . 
B 2 HOH 138 280 66  HOH TIP A . 
B 2 HOH 139 281 67  HOH TIP A . 
B 2 HOH 140 282 68  HOH TIP A . 
B 2 HOH 141 283 69  HOH TIP A . 
B 2 HOH 142 284 70  HOH TIP A . 
B 2 HOH 143 285 71  HOH TIP A . 
B 2 HOH 144 286 72  HOH TIP A . 
B 2 HOH 145 287 73  HOH TIP A . 
B 2 HOH 146 288 74  HOH TIP A . 
B 2 HOH 147 289 75  HOH TIP A . 
B 2 HOH 148 290 76  HOH TIP A . 
B 2 HOH 149 291 77  HOH TIP A . 
B 2 HOH 150 292 78  HOH TIP A . 
B 2 HOH 151 293 79  HOH TIP A . 
B 2 HOH 152 294 80  HOH TIP A . 
B 2 HOH 153 295 81  HOH TIP A . 
B 2 HOH 154 296 82  HOH TIP A . 
B 2 HOH 155 297 83  HOH TIP A . 
B 2 HOH 156 298 84  HOH TIP A . 
B 2 HOH 157 299 85  HOH TIP A . 
B 2 HOH 158 300 86  HOH TIP A . 
B 2 HOH 159 301 87  HOH TIP A . 
B 2 HOH 160 302 88  HOH TIP A . 
B 2 HOH 161 303 89  HOH TIP A . 
B 2 HOH 162 304 90  HOH TIP A . 
B 2 HOH 163 305 91  HOH TIP A . 
B 2 HOH 164 306 92  HOH TIP A . 
B 2 HOH 165 307 93  HOH TIP A . 
B 2 HOH 166 308 94  HOH TIP A . 
B 2 HOH 167 309 95  HOH TIP A . 
B 2 HOH 168 310 96  HOH TIP A . 
B 2 HOH 169 311 97  HOH TIP A . 
B 2 HOH 170 312 98  HOH TIP A . 
B 2 HOH 171 313 99  HOH TIP A . 
B 2 HOH 172 314 100 HOH TIP A . 
B 2 HOH 173 315 101 HOH TIP A . 
B 2 HOH 174 316 102 HOH TIP A . 
B 2 HOH 175 317 103 HOH TIP A . 
B 2 HOH 176 318 104 HOH TIP A . 
B 2 HOH 177 319 105 HOH TIP A . 
B 2 HOH 178 320 106 HOH TIP A . 
B 2 HOH 179 321 107 HOH TIP A . 
B 2 HOH 180 322 108 HOH TIP A . 
B 2 HOH 181 323 109 HOH TIP A . 
B 2 HOH 182 324 110 HOH TIP A . 
B 2 HOH 183 325 111 HOH TIP A . 
B 2 HOH 184 326 112 HOH TIP A . 
B 2 HOH 185 327 113 HOH TIP A . 
B 2 HOH 186 328 114 HOH TIP A . 
B 2 HOH 187 329 115 HOH TIP A . 
B 2 HOH 188 330 116 HOH TIP A . 
B 2 HOH 189 331 117 HOH TIP A . 
B 2 HOH 190 332 118 HOH TIP A . 
B 2 HOH 191 333 119 HOH TIP A . 
B 2 HOH 192 334 120 HOH TIP A . 
B 2 HOH 193 335 121 HOH TIP A . 
B 2 HOH 194 336 122 HOH TIP A . 
B 2 HOH 195 337 123 HOH TIP A . 
B 2 HOH 196 338 124 HOH TIP A . 
B 2 HOH 197 339 125 HOH TIP A . 
B 2 HOH 198 340 126 HOH TIP A . 
B 2 HOH 199 341 127 HOH TIP A . 
B 2 HOH 200 342 128 HOH TIP A . 
B 2 HOH 201 343 129 HOH TIP A . 
B 2 HOH 202 344 130 HOH TIP A . 
B 2 HOH 203 345 131 HOH TIP A . 
B 2 HOH 204 346 132 HOH TIP A . 
B 2 HOH 205 347 133 HOH TIP A . 
B 2 HOH 206 348 134 HOH TIP A . 
B 2 HOH 207 349 135 HOH TIP A . 
B 2 HOH 208 350 136 HOH TIP A . 
B 2 HOH 209 351 137 HOH TIP A . 
B 2 HOH 210 352 138 HOH TIP A . 
B 2 HOH 211 353 139 HOH TIP A . 
B 2 HOH 212 354 140 HOH TIP A . 
B 2 HOH 213 355 141 HOH TIP A . 
B 2 HOH 214 356 142 HOH TIP A . 
B 2 HOH 215 357 143 HOH TIP A . 
B 2 HOH 216 358 144 HOH TIP A . 
B 2 HOH 217 359 145 HOH TIP A . 
# 
_pdbx_struct_assembly.id                   1 
_pdbx_struct_assembly.details              author_and_software_defined_assembly 
_pdbx_struct_assembly.method_details       PISA 
_pdbx_struct_assembly.oligomeric_details   monomeric 
_pdbx_struct_assembly.oligomeric_count     1 
# 
_pdbx_struct_assembly_gen.assembly_id       1 
_pdbx_struct_assembly_gen.oper_expression   1 
_pdbx_struct_assembly_gen.asym_id_list      A,B 
# 
_pdbx_struct_oper_list.id                   1 
_pdbx_struct_oper_list.type                 'identity operation' 
_pdbx_struct_oper_list.name                 1_555 
_pdbx_struct_oper_list.symmetry_operation   x,y,z 
_pdbx_struct_oper_list.matrix[1][1]         1.0000000000 
_pdbx_struct_oper_list.matrix[1][2]         0.0000000000 
_pdbx_struct_oper_list.matrix[1][3]         0.0000000000 
_pdbx_struct_oper_list.vector[1]            0.0000000000 
_pdbx_struct_oper_list.matrix[2][1]         0.0000000000 
_pdbx_struct_oper_list.matrix[2][2]         1.0000000000 
_pdbx_struct_oper_list.matrix[2][3]         0.0000000000 
_pdbx_struct_oper_list.vector[2]            0.0000000000 
_pdbx_struct_oper_list.matrix[3][1]         0.0000000000 
_pdbx_struct_oper_list.matrix[3][2]         0.0000000000 
_pdbx_struct_oper_list.matrix[3][3]         1.0000000000 
_pdbx_struct_oper_list.vector[3]            0.0000000000 
# 
loop_
_pdbx_audit_revision_history.ordinal 
_pdbx_audit_revision_history.data_content_type 
_pdbx_audit_revision_history.major_revision 
_pdbx_audit_revision_history.minor_revision 
_pdbx_audit_revision_history.revision_date 
1 'Structure model' 1 0 2010-12-01 
2 'Structure model' 1 1 2011-07-13 
3 'Structure model' 1 2 2023-09-06 
# 
_pdbx_audit_revision_details.ordinal             1 
_pdbx_audit_revision_details.revision_ordinal    1 
_pdbx_audit_revision_details.data_content_type   'Structure model' 
_pdbx_audit_revision_details.provider            repository 
_pdbx_audit_revision_details.type                'Initial release' 
_pdbx_audit_revision_details.description         ? 
_pdbx_audit_revision_details.details             ? 
# 
loop_
_pdbx_audit_revision_group.ordinal 
_pdbx_audit_revision_group.revision_ordinal 
_pdbx_audit_revision_group.data_content_type 
_pdbx_audit_revision_group.group 
1 2 'Structure model' 'Version format compliance' 
2 3 'Structure model' 'Data collection'           
3 3 'Structure model' 'Database references'       
4 3 'Structure model' 'Refinement description'    
# 
loop_
_pdbx_audit_revision_category.ordinal 
_pdbx_audit_revision_category.revision_ordinal 
_pdbx_audit_revision_category.data_content_type 
_pdbx_audit_revision_category.category 
1 3 'Structure model' chem_comp_atom                
2 3 'Structure model' chem_comp_bond                
3 3 'Structure model' database_2                    
4 3 'Structure model' pdbx_initial_refinement_model 
5 3 'Structure model' struct_ref_seq_dif            
# 
loop_
_pdbx_audit_revision_item.ordinal 
_pdbx_audit_revision_item.revision_ordinal 
_pdbx_audit_revision_item.data_content_type 
_pdbx_audit_revision_item.item 
1 3 'Structure model' '_database_2.pdbx_DOI'                
2 3 'Structure model' '_database_2.pdbx_database_accession' 
3 3 'Structure model' '_struct_ref_seq_dif.details'         
# 
loop_
_software.name 
_software.classification 
_software.version 
_software.citation_id 
_software.pdbx_ordinal 
HKL-2000 'data collection' .   ? 1 
MOLREP   phasing           .   ? 2 
CNS      refinement        1.1 ? 3 
HKL-2000 'data reduction'  .   ? 4 
HKL-2000 'data scaling'    .   ? 5 
# 
_pdbx_entry_details.entry_id                 3OBS 
_pdbx_entry_details.nonpolymer_details       ? 
_pdbx_entry_details.sequence_details         'ENGINEERED MUTATION 43VFNDGS48 -> GTG' 
_pdbx_entry_details.compound_details         ? 
_pdbx_entry_details.source_details           ? 
_pdbx_entry_details.has_ligand_of_interest   ? 
# 
loop_
_pdbx_validate_torsion.id 
_pdbx_validate_torsion.PDB_model_num 
_pdbx_validate_torsion.auth_comp_id 
_pdbx_validate_torsion.auth_asym_id 
_pdbx_validate_torsion.auth_seq_id 
_pdbx_validate_torsion.PDB_ins_code 
_pdbx_validate_torsion.label_alt_id 
_pdbx_validate_torsion.phi 
_pdbx_validate_torsion.psi 
1 1 THR A 92  ? ? -79.74 -169.93 
2 1 TRP A 117 ? ? -39.95 127.58  
# 
loop_
_pdbx_unobs_or_zero_occ_residues.id 
_pdbx_unobs_or_zero_occ_residues.PDB_model_num 
_pdbx_unobs_or_zero_occ_residues.polymer_flag 
_pdbx_unobs_or_zero_occ_residues.occupancy_flag 
_pdbx_unobs_or_zero_occ_residues.auth_asym_id 
_pdbx_unobs_or_zero_occ_residues.auth_comp_id 
_pdbx_unobs_or_zero_occ_residues.auth_seq_id 
_pdbx_unobs_or_zero_occ_residues.PDB_ins_code 
_pdbx_unobs_or_zero_occ_residues.label_asym_id 
_pdbx_unobs_or_zero_occ_residues.label_comp_id 
_pdbx_unobs_or_zero_occ_residues.label_seq_id 
1 1 Y 1 A GLY -3  ? A GLY 1   
2 1 Y 1 A ALA -2  ? A ALA 2   
3 1 Y 1 A MET -1  ? A MET 3   
4 1 Y 1 A GLY 0   ? A GLY 4   
5 1 Y 1 A ARG 144 ? A ARG 145 
6 1 Y 1 A PRO 145 ? A PRO 146 
# 
loop_
_chem_comp_atom.comp_id 
_chem_comp_atom.atom_id 
_chem_comp_atom.type_symbol 
_chem_comp_atom.pdbx_aromatic_flag 
_chem_comp_atom.pdbx_stereo_config 
_chem_comp_atom.pdbx_ordinal 
ALA N    N N N 1   
ALA CA   C N S 2   
ALA C    C N N 3   
ALA O    O N N 4   
ALA CB   C N N 5   
ALA OXT  O N N 6   
ALA H    H N N 7   
ALA H2   H N N 8   
ALA HA   H N N 9   
ALA HB1  H N N 10  
ALA HB2  H N N 11  
ALA HB3  H N N 12  
ALA HXT  H N N 13  
ARG N    N N N 14  
ARG CA   C N S 15  
ARG C    C N N 16  
ARG O    O N N 17  
ARG CB   C N N 18  
ARG CG   C N N 19  
ARG CD   C N N 20  
ARG NE   N N N 21  
ARG CZ   C N N 22  
ARG NH1  N N N 23  
ARG NH2  N N N 24  
ARG OXT  O N N 25  
ARG H    H N N 26  
ARG H2   H N N 27  
ARG HA   H N N 28  
ARG HB2  H N N 29  
ARG HB3  H N N 30  
ARG HG2  H N N 31  
ARG HG3  H N N 32  
ARG HD2  H N N 33  
ARG HD3  H N N 34  
ARG HE   H N N 35  
ARG HH11 H N N 36  
ARG HH12 H N N 37  
ARG HH21 H N N 38  
ARG HH22 H N N 39  
ARG HXT  H N N 40  
ASN N    N N N 41  
ASN CA   C N S 42  
ASN C    C N N 43  
ASN O    O N N 44  
ASN CB   C N N 45  
ASN CG   C N N 46  
ASN OD1  O N N 47  
ASN ND2  N N N 48  
ASN OXT  O N N 49  
ASN H    H N N 50  
ASN H2   H N N 51  
ASN HA   H N N 52  
ASN HB2  H N N 53  
ASN HB3  H N N 54  
ASN HD21 H N N 55  
ASN HD22 H N N 56  
ASN HXT  H N N 57  
ASP N    N N N 58  
ASP CA   C N S 59  
ASP C    C N N 60  
ASP O    O N N 61  
ASP CB   C N N 62  
ASP CG   C N N 63  
ASP OD1  O N N 64  
ASP OD2  O N N 65  
ASP OXT  O N N 66  
ASP H    H N N 67  
ASP H2   H N N 68  
ASP HA   H N N 69  
ASP HB2  H N N 70  
ASP HB3  H N N 71  
ASP HD2  H N N 72  
ASP HXT  H N N 73  
CYS N    N N N 74  
CYS CA   C N R 75  
CYS C    C N N 76  
CYS O    O N N 77  
CYS CB   C N N 78  
CYS SG   S N N 79  
CYS OXT  O N N 80  
CYS H    H N N 81  
CYS H2   H N N 82  
CYS HA   H N N 83  
CYS HB2  H N N 84  
CYS HB3  H N N 85  
CYS HG   H N N 86  
CYS HXT  H N N 87  
GLN N    N N N 88  
GLN CA   C N S 89  
GLN C    C N N 90  
GLN O    O N N 91  
GLN CB   C N N 92  
GLN CG   C N N 93  
GLN CD   C N N 94  
GLN OE1  O N N 95  
GLN NE2  N N N 96  
GLN OXT  O N N 97  
GLN H    H N N 98  
GLN H2   H N N 99  
GLN HA   H N N 100 
GLN HB2  H N N 101 
GLN HB3  H N N 102 
GLN HG2  H N N 103 
GLN HG3  H N N 104 
GLN HE21 H N N 105 
GLN HE22 H N N 106 
GLN HXT  H N N 107 
GLU N    N N N 108 
GLU CA   C N S 109 
GLU C    C N N 110 
GLU O    O N N 111 
GLU CB   C N N 112 
GLU CG   C N N 113 
GLU CD   C N N 114 
GLU OE1  O N N 115 
GLU OE2  O N N 116 
GLU OXT  O N N 117 
GLU H    H N N 118 
GLU H2   H N N 119 
GLU HA   H N N 120 
GLU HB2  H N N 121 
GLU HB3  H N N 122 
GLU HG2  H N N 123 
GLU HG3  H N N 124 
GLU HE2  H N N 125 
GLU HXT  H N N 126 
GLY N    N N N 127 
GLY CA   C N N 128 
GLY C    C N N 129 
GLY O    O N N 130 
GLY OXT  O N N 131 
GLY H    H N N 132 
GLY H2   H N N 133 
GLY HA2  H N N 134 
GLY HA3  H N N 135 
GLY HXT  H N N 136 
HIS N    N N N 137 
HIS CA   C N S 138 
HIS C    C N N 139 
HIS O    O N N 140 
HIS CB   C N N 141 
HIS CG   C Y N 142 
HIS ND1  N Y N 143 
HIS CD2  C Y N 144 
HIS CE1  C Y N 145 
HIS NE2  N Y N 146 
HIS OXT  O N N 147 
HIS H    H N N 148 
HIS H2   H N N 149 
HIS HA   H N N 150 
HIS HB2  H N N 151 
HIS HB3  H N N 152 
HIS HD1  H N N 153 
HIS HD2  H N N 154 
HIS HE1  H N N 155 
HIS HE2  H N N 156 
HIS HXT  H N N 157 
HOH O    O N N 158 
HOH H1   H N N 159 
HOH H2   H N N 160 
ILE N    N N N 161 
ILE CA   C N S 162 
ILE C    C N N 163 
ILE O    O N N 164 
ILE CB   C N S 165 
ILE CG1  C N N 166 
ILE CG2  C N N 167 
ILE CD1  C N N 168 
ILE OXT  O N N 169 
ILE H    H N N 170 
ILE H2   H N N 171 
ILE HA   H N N 172 
ILE HB   H N N 173 
ILE HG12 H N N 174 
ILE HG13 H N N 175 
ILE HG21 H N N 176 
ILE HG22 H N N 177 
ILE HG23 H N N 178 
ILE HD11 H N N 179 
ILE HD12 H N N 180 
ILE HD13 H N N 181 
ILE HXT  H N N 182 
LEU N    N N N 183 
LEU CA   C N S 184 
LEU C    C N N 185 
LEU O    O N N 186 
LEU CB   C N N 187 
LEU CG   C N N 188 
LEU CD1  C N N 189 
LEU CD2  C N N 190 
LEU OXT  O N N 191 
LEU H    H N N 192 
LEU H2   H N N 193 
LEU HA   H N N 194 
LEU HB2  H N N 195 
LEU HB3  H N N 196 
LEU HG   H N N 197 
LEU HD11 H N N 198 
LEU HD12 H N N 199 
LEU HD13 H N N 200 
LEU HD21 H N N 201 
LEU HD22 H N N 202 
LEU HD23 H N N 203 
LEU HXT  H N N 204 
LYS N    N N N 205 
LYS CA   C N S 206 
LYS C    C N N 207 
LYS O    O N N 208 
LYS CB   C N N 209 
LYS CG   C N N 210 
LYS CD   C N N 211 
LYS CE   C N N 212 
LYS NZ   N N N 213 
LYS OXT  O N N 214 
LYS H    H N N 215 
LYS H2   H N N 216 
LYS HA   H N N 217 
LYS HB2  H N N 218 
LYS HB3  H N N 219 
LYS HG2  H N N 220 
LYS HG3  H N N 221 
LYS HD2  H N N 222 
LYS HD3  H N N 223 
LYS HE2  H N N 224 
LYS HE3  H N N 225 
LYS HZ1  H N N 226 
LYS HZ2  H N N 227 
LYS HZ3  H N N 228 
LYS HXT  H N N 229 
MET N    N N N 230 
MET CA   C N S 231 
MET C    C N N 232 
MET O    O N N 233 
MET CB   C N N 234 
MET CG   C N N 235 
MET SD   S N N 236 
MET CE   C N N 237 
MET OXT  O N N 238 
MET H    H N N 239 
MET H2   H N N 240 
MET HA   H N N 241 
MET HB2  H N N 242 
MET HB3  H N N 243 
MET HG2  H N N 244 
MET HG3  H N N 245 
MET HE1  H N N 246 
MET HE2  H N N 247 
MET HE3  H N N 248 
MET HXT  H N N 249 
PHE N    N N N 250 
PHE CA   C N S 251 
PHE C    C N N 252 
PHE O    O N N 253 
PHE CB   C N N 254 
PHE CG   C Y N 255 
PHE CD1  C Y N 256 
PHE CD2  C Y N 257 
PHE CE1  C Y N 258 
PHE CE2  C Y N 259 
PHE CZ   C Y N 260 
PHE OXT  O N N 261 
PHE H    H N N 262 
PHE H2   H N N 263 
PHE HA   H N N 264 
PHE HB2  H N N 265 
PHE HB3  H N N 266 
PHE HD1  H N N 267 
PHE HD2  H N N 268 
PHE HE1  H N N 269 
PHE HE2  H N N 270 
PHE HZ   H N N 271 
PHE HXT  H N N 272 
PRO N    N N N 273 
PRO CA   C N S 274 
PRO C    C N N 275 
PRO O    O N N 276 
PRO CB   C N N 277 
PRO CG   C N N 278 
PRO CD   C N N 279 
PRO OXT  O N N 280 
PRO H    H N N 281 
PRO HA   H N N 282 
PRO HB2  H N N 283 
PRO HB3  H N N 284 
PRO HG2  H N N 285 
PRO HG3  H N N 286 
PRO HD2  H N N 287 
PRO HD3  H N N 288 
PRO HXT  H N N 289 
SER N    N N N 290 
SER CA   C N S 291 
SER C    C N N 292 
SER O    O N N 293 
SER CB   C N N 294 
SER OG   O N N 295 
SER OXT  O N N 296 
SER H    H N N 297 
SER H2   H N N 298 
SER HA   H N N 299 
SER HB2  H N N 300 
SER HB3  H N N 301 
SER HG   H N N 302 
SER HXT  H N N 303 
THR N    N N N 304 
THR CA   C N S 305 
THR C    C N N 306 
THR O    O N N 307 
THR CB   C N R 308 
THR OG1  O N N 309 
THR CG2  C N N 310 
THR OXT  O N N 311 
THR H    H N N 312 
THR H2   H N N 313 
THR HA   H N N 314 
THR HB   H N N 315 
THR HG1  H N N 316 
THR HG21 H N N 317 
THR HG22 H N N 318 
THR HG23 H N N 319 
THR HXT  H N N 320 
TRP N    N N N 321 
TRP CA   C N S 322 
TRP C    C N N 323 
TRP O    O N N 324 
TRP CB   C N N 325 
TRP CG   C Y N 326 
TRP CD1  C Y N 327 
TRP CD2  C Y N 328 
TRP NE1  N Y N 329 
TRP CE2  C Y N 330 
TRP CE3  C Y N 331 
TRP CZ2  C Y N 332 
TRP CZ3  C Y N 333 
TRP CH2  C Y N 334 
TRP OXT  O N N 335 
TRP H    H N N 336 
TRP H2   H N N 337 
TRP HA   H N N 338 
TRP HB2  H N N 339 
TRP HB3  H N N 340 
TRP HD1  H N N 341 
TRP HE1  H N N 342 
TRP HE3  H N N 343 
TRP HZ2  H N N 344 
TRP HZ3  H N N 345 
TRP HH2  H N N 346 
TRP HXT  H N N 347 
TYR N    N N N 348 
TYR CA   C N S 349 
TYR C    C N N 350 
TYR O    O N N 351 
TYR CB   C N N 352 
TYR CG   C Y N 353 
TYR CD1  C Y N 354 
TYR CD2  C Y N 355 
TYR CE1  C Y N 356 
TYR CE2  C Y N 357 
TYR CZ   C Y N 358 
TYR OH   O N N 359 
TYR OXT  O N N 360 
TYR H    H N N 361 
TYR H2   H N N 362 
TYR HA   H N N 363 
TYR HB2  H N N 364 
TYR HB3  H N N 365 
TYR HD1  H N N 366 
TYR HD2  H N N 367 
TYR HE1  H N N 368 
TYR HE2  H N N 369 
TYR HH   H N N 370 
TYR HXT  H N N 371 
VAL N    N N N 372 
VAL CA   C N S 373 
VAL C    C N N 374 
VAL O    O N N 375 
VAL CB   C N N 376 
VAL CG1  C N N 377 
VAL CG2  C N N 378 
VAL OXT  O N N 379 
VAL H    H N N 380 
VAL H2   H N N 381 
VAL HA   H N N 382 
VAL HB   H N N 383 
VAL HG11 H N N 384 
VAL HG12 H N N 385 
VAL HG13 H N N 386 
VAL HG21 H N N 387 
VAL HG22 H N N 388 
VAL HG23 H N N 389 
VAL HXT  H N N 390 
# 
loop_
_chem_comp_bond.comp_id 
_chem_comp_bond.atom_id_1 
_chem_comp_bond.atom_id_2 
_chem_comp_bond.value_order 
_chem_comp_bond.pdbx_aromatic_flag 
_chem_comp_bond.pdbx_stereo_config 
_chem_comp_bond.pdbx_ordinal 
ALA N   CA   sing N N 1   
ALA N   H    sing N N 2   
ALA N   H2   sing N N 3   
ALA CA  C    sing N N 4   
ALA CA  CB   sing N N 5   
ALA CA  HA   sing N N 6   
ALA C   O    doub N N 7   
ALA C   OXT  sing N N 8   
ALA CB  HB1  sing N N 9   
ALA CB  HB2  sing N N 10  
ALA CB  HB3  sing N N 11  
ALA OXT HXT  sing N N 12  
ARG N   CA   sing N N 13  
ARG N   H    sing N N 14  
ARG N   H2   sing N N 15  
ARG CA  C    sing N N 16  
ARG CA  CB   sing N N 17  
ARG CA  HA   sing N N 18  
ARG C   O    doub N N 19  
ARG C   OXT  sing N N 20  
ARG CB  CG   sing N N 21  
ARG CB  HB2  sing N N 22  
ARG CB  HB3  sing N N 23  
ARG CG  CD   sing N N 24  
ARG CG  HG2  sing N N 25  
ARG CG  HG3  sing N N 26  
ARG CD  NE   sing N N 27  
ARG CD  HD2  sing N N 28  
ARG CD  HD3  sing N N 29  
ARG NE  CZ   sing N N 30  
ARG NE  HE   sing N N 31  
ARG CZ  NH1  sing N N 32  
ARG CZ  NH2  doub N N 33  
ARG NH1 HH11 sing N N 34  
ARG NH1 HH12 sing N N 35  
ARG NH2 HH21 sing N N 36  
ARG NH2 HH22 sing N N 37  
ARG OXT HXT  sing N N 38  
ASN N   CA   sing N N 39  
ASN N   H    sing N N 40  
ASN N   H2   sing N N 41  
ASN CA  C    sing N N 42  
ASN CA  CB   sing N N 43  
ASN CA  HA   sing N N 44  
ASN C   O    doub N N 45  
ASN C   OXT  sing N N 46  
ASN CB  CG   sing N N 47  
ASN CB  HB2  sing N N 48  
ASN CB  HB3  sing N N 49  
ASN CG  OD1  doub N N 50  
ASN CG  ND2  sing N N 51  
ASN ND2 HD21 sing N N 52  
ASN ND2 HD22 sing N N 53  
ASN OXT HXT  sing N N 54  
ASP N   CA   sing N N 55  
ASP N   H    sing N N 56  
ASP N   H2   sing N N 57  
ASP CA  C    sing N N 58  
ASP CA  CB   sing N N 59  
ASP CA  HA   sing N N 60  
ASP C   O    doub N N 61  
ASP C   OXT  sing N N 62  
ASP CB  CG   sing N N 63  
ASP CB  HB2  sing N N 64  
ASP CB  HB3  sing N N 65  
ASP CG  OD1  doub N N 66  
ASP CG  OD2  sing N N 67  
ASP OD2 HD2  sing N N 68  
ASP OXT HXT  sing N N 69  
CYS N   CA   sing N N 70  
CYS N   H    sing N N 71  
CYS N   H2   sing N N 72  
CYS CA  C    sing N N 73  
CYS CA  CB   sing N N 74  
CYS CA  HA   sing N N 75  
CYS C   O    doub N N 76  
CYS C   OXT  sing N N 77  
CYS CB  SG   sing N N 78  
CYS CB  HB2  sing N N 79  
CYS CB  HB3  sing N N 80  
CYS SG  HG   sing N N 81  
CYS OXT HXT  sing N N 82  
GLN N   CA   sing N N 83  
GLN N   H    sing N N 84  
GLN N   H2   sing N N 85  
GLN CA  C    sing N N 86  
GLN CA  CB   sing N N 87  
GLN CA  HA   sing N N 88  
GLN C   O    doub N N 89  
GLN C   OXT  sing N N 90  
GLN CB  CG   sing N N 91  
GLN CB  HB2  sing N N 92  
GLN CB  HB3  sing N N 93  
GLN CG  CD   sing N N 94  
GLN CG  HG2  sing N N 95  
GLN CG  HG3  sing N N 96  
GLN CD  OE1  doub N N 97  
GLN CD  NE2  sing N N 98  
GLN NE2 HE21 sing N N 99  
GLN NE2 HE22 sing N N 100 
GLN OXT HXT  sing N N 101 
GLU N   CA   sing N N 102 
GLU N   H    sing N N 103 
GLU N   H2   sing N N 104 
GLU CA  C    sing N N 105 
GLU CA  CB   sing N N 106 
GLU CA  HA   sing N N 107 
GLU C   O    doub N N 108 
GLU C   OXT  sing N N 109 
GLU CB  CG   sing N N 110 
GLU CB  HB2  sing N N 111 
GLU CB  HB3  sing N N 112 
GLU CG  CD   sing N N 113 
GLU CG  HG2  sing N N 114 
GLU CG  HG3  sing N N 115 
GLU CD  OE1  doub N N 116 
GLU CD  OE2  sing N N 117 
GLU OE2 HE2  sing N N 118 
GLU OXT HXT  sing N N 119 
GLY N   CA   sing N N 120 
GLY N   H    sing N N 121 
GLY N   H2   sing N N 122 
GLY CA  C    sing N N 123 
GLY CA  HA2  sing N N 124 
GLY CA  HA3  sing N N 125 
GLY C   O    doub N N 126 
GLY C   OXT  sing N N 127 
GLY OXT HXT  sing N N 128 
HIS N   CA   sing N N 129 
HIS N   H    sing N N 130 
HIS N   H2   sing N N 131 
HIS CA  C    sing N N 132 
HIS CA  CB   sing N N 133 
HIS CA  HA   sing N N 134 
HIS C   O    doub N N 135 
HIS C   OXT  sing N N 136 
HIS CB  CG   sing N N 137 
HIS CB  HB2  sing N N 138 
HIS CB  HB3  sing N N 139 
HIS CG  ND1  sing Y N 140 
HIS CG  CD2  doub Y N 141 
HIS ND1 CE1  doub Y N 142 
HIS ND1 HD1  sing N N 143 
HIS CD2 NE2  sing Y N 144 
HIS CD2 HD2  sing N N 145 
HIS CE1 NE2  sing Y N 146 
HIS CE1 HE1  sing N N 147 
HIS NE2 HE2  sing N N 148 
HIS OXT HXT  sing N N 149 
HOH O   H1   sing N N 150 
HOH O   H2   sing N N 151 
ILE N   CA   sing N N 152 
ILE N   H    sing N N 153 
ILE N   H2   sing N N 154 
ILE CA  C    sing N N 155 
ILE CA  CB   sing N N 156 
ILE CA  HA   sing N N 157 
ILE C   O    doub N N 158 
ILE C   OXT  sing N N 159 
ILE CB  CG1  sing N N 160 
ILE CB  CG2  sing N N 161 
ILE CB  HB   sing N N 162 
ILE CG1 CD1  sing N N 163 
ILE CG1 HG12 sing N N 164 
ILE CG1 HG13 sing N N 165 
ILE CG2 HG21 sing N N 166 
ILE CG2 HG22 sing N N 167 
ILE CG2 HG23 sing N N 168 
ILE CD1 HD11 sing N N 169 
ILE CD1 HD12 sing N N 170 
ILE CD1 HD13 sing N N 171 
ILE OXT HXT  sing N N 172 
LEU N   CA   sing N N 173 
LEU N   H    sing N N 174 
LEU N   H2   sing N N 175 
LEU CA  C    sing N N 176 
LEU CA  CB   sing N N 177 
LEU CA  HA   sing N N 178 
LEU C   O    doub N N 179 
LEU C   OXT  sing N N 180 
LEU CB  CG   sing N N 181 
LEU CB  HB2  sing N N 182 
LEU CB  HB3  sing N N 183 
LEU CG  CD1  sing N N 184 
LEU CG  CD2  sing N N 185 
LEU CG  HG   sing N N 186 
LEU CD1 HD11 sing N N 187 
LEU CD1 HD12 sing N N 188 
LEU CD1 HD13 sing N N 189 
LEU CD2 HD21 sing N N 190 
LEU CD2 HD22 sing N N 191 
LEU CD2 HD23 sing N N 192 
LEU OXT HXT  sing N N 193 
LYS N   CA   sing N N 194 
LYS N   H    sing N N 195 
LYS N   H2   sing N N 196 
LYS CA  C    sing N N 197 
LYS CA  CB   sing N N 198 
LYS CA  HA   sing N N 199 
LYS C   O    doub N N 200 
LYS C   OXT  sing N N 201 
LYS CB  CG   sing N N 202 
LYS CB  HB2  sing N N 203 
LYS CB  HB3  sing N N 204 
LYS CG  CD   sing N N 205 
LYS CG  HG2  sing N N 206 
LYS CG  HG3  sing N N 207 
LYS CD  CE   sing N N 208 
LYS CD  HD2  sing N N 209 
LYS CD  HD3  sing N N 210 
LYS CE  NZ   sing N N 211 
LYS CE  HE2  sing N N 212 
LYS CE  HE3  sing N N 213 
LYS NZ  HZ1  sing N N 214 
LYS NZ  HZ2  sing N N 215 
LYS NZ  HZ3  sing N N 216 
LYS OXT HXT  sing N N 217 
MET N   CA   sing N N 218 
MET N   H    sing N N 219 
MET N   H2   sing N N 220 
MET CA  C    sing N N 221 
MET CA  CB   sing N N 222 
MET CA  HA   sing N N 223 
MET C   O    doub N N 224 
MET C   OXT  sing N N 225 
MET CB  CG   sing N N 226 
MET CB  HB2  sing N N 227 
MET CB  HB3  sing N N 228 
MET CG  SD   sing N N 229 
MET CG  HG2  sing N N 230 
MET CG  HG3  sing N N 231 
MET SD  CE   sing N N 232 
MET CE  HE1  sing N N 233 
MET CE  HE2  sing N N 234 
MET CE  HE3  sing N N 235 
MET OXT HXT  sing N N 236 
PHE N   CA   sing N N 237 
PHE N   H    sing N N 238 
PHE N   H2   sing N N 239 
PHE CA  C    sing N N 240 
PHE CA  CB   sing N N 241 
PHE CA  HA   sing N N 242 
PHE C   O    doub N N 243 
PHE C   OXT  sing N N 244 
PHE CB  CG   sing N N 245 
PHE CB  HB2  sing N N 246 
PHE CB  HB3  sing N N 247 
PHE CG  CD1  doub Y N 248 
PHE CG  CD2  sing Y N 249 
PHE CD1 CE1  sing Y N 250 
PHE CD1 HD1  sing N N 251 
PHE CD2 CE2  doub Y N 252 
PHE CD2 HD2  sing N N 253 
PHE CE1 CZ   doub Y N 254 
PHE CE1 HE1  sing N N 255 
PHE CE2 CZ   sing Y N 256 
PHE CE2 HE2  sing N N 257 
PHE CZ  HZ   sing N N 258 
PHE OXT HXT  sing N N 259 
PRO N   CA   sing N N 260 
PRO N   CD   sing N N 261 
PRO N   H    sing N N 262 
PRO CA  C    sing N N 263 
PRO CA  CB   sing N N 264 
PRO CA  HA   sing N N 265 
PRO C   O    doub N N 266 
PRO C   OXT  sing N N 267 
PRO CB  CG   sing N N 268 
PRO CB  HB2  sing N N 269 
PRO CB  HB3  sing N N 270 
PRO CG  CD   sing N N 271 
PRO CG  HG2  sing N N 272 
PRO CG  HG3  sing N N 273 
PRO CD  HD2  sing N N 274 
PRO CD  HD3  sing N N 275 
PRO OXT HXT  sing N N 276 
SER N   CA   sing N N 277 
SER N   H    sing N N 278 
SER N   H2   sing N N 279 
SER CA  C    sing N N 280 
SER CA  CB   sing N N 281 
SER CA  HA   sing N N 282 
SER C   O    doub N N 283 
SER C   OXT  sing N N 284 
SER CB  OG   sing N N 285 
SER CB  HB2  sing N N 286 
SER CB  HB3  sing N N 287 
SER OG  HG   sing N N 288 
SER OXT HXT  sing N N 289 
THR N   CA   sing N N 290 
THR N   H    sing N N 291 
THR N   H2   sing N N 292 
THR CA  C    sing N N 293 
THR CA  CB   sing N N 294 
THR CA  HA   sing N N 295 
THR C   O    doub N N 296 
THR C   OXT  sing N N 297 
THR CB  OG1  sing N N 298 
THR CB  CG2  sing N N 299 
THR CB  HB   sing N N 300 
THR OG1 HG1  sing N N 301 
THR CG2 HG21 sing N N 302 
THR CG2 HG22 sing N N 303 
THR CG2 HG23 sing N N 304 
THR OXT HXT  sing N N 305 
TRP N   CA   sing N N 306 
TRP N   H    sing N N 307 
TRP N   H2   sing N N 308 
TRP CA  C    sing N N 309 
TRP CA  CB   sing N N 310 
TRP CA  HA   sing N N 311 
TRP C   O    doub N N 312 
TRP C   OXT  sing N N 313 
TRP CB  CG   sing N N 314 
TRP CB  HB2  sing N N 315 
TRP CB  HB3  sing N N 316 
TRP CG  CD1  doub Y N 317 
TRP CG  CD2  sing Y N 318 
TRP CD1 NE1  sing Y N 319 
TRP CD1 HD1  sing N N 320 
TRP CD2 CE2  doub Y N 321 
TRP CD2 CE3  sing Y N 322 
TRP NE1 CE2  sing Y N 323 
TRP NE1 HE1  sing N N 324 
TRP CE2 CZ2  sing Y N 325 
TRP CE3 CZ3  doub Y N 326 
TRP CE3 HE3  sing N N 327 
TRP CZ2 CH2  doub Y N 328 
TRP CZ2 HZ2  sing N N 329 
TRP CZ3 CH2  sing Y N 330 
TRP CZ3 HZ3  sing N N 331 
TRP CH2 HH2  sing N N 332 
TRP OXT HXT  sing N N 333 
TYR N   CA   sing N N 334 
TYR N   H    sing N N 335 
TYR N   H2   sing N N 336 
TYR CA  C    sing N N 337 
TYR CA  CB   sing N N 338 
TYR CA  HA   sing N N 339 
TYR C   O    doub N N 340 
TYR C   OXT  sing N N 341 
TYR CB  CG   sing N N 342 
TYR CB  HB2  sing N N 343 
TYR CB  HB3  sing N N 344 
TYR CG  CD1  doub Y N 345 
TYR CG  CD2  sing Y N 346 
TYR CD1 CE1  sing Y N 347 
TYR CD1 HD1  sing N N 348 
TYR CD2 CE2  doub Y N 349 
TYR CD2 HD2  sing N N 350 
TYR CE1 CZ   doub Y N 351 
TYR CE1 HE1  sing N N 352 
TYR CE2 CZ   sing Y N 353 
TYR CE2 HE2  sing N N 354 
TYR CZ  OH   sing N N 355 
TYR OH  HH   sing N N 356 
TYR OXT HXT  sing N N 357 
VAL N   CA   sing N N 358 
VAL N   H    sing N N 359 
VAL N   H2   sing N N 360 
VAL CA  C    sing N N 361 
VAL CA  CB   sing N N 362 
VAL CA  HA   sing N N 363 
VAL C   O    doub N N 364 
VAL C   OXT  sing N N 365 
VAL CB  CG1  sing N N 366 
VAL CB  CG2  sing N N 367 
VAL CB  HB   sing N N 368 
VAL CG1 HG11 sing N N 369 
VAL CG1 HG12 sing N N 370 
VAL CG1 HG13 sing N N 371 
VAL CG2 HG21 sing N N 372 
VAL CG2 HG22 sing N N 373 
VAL CG2 HG23 sing N N 374 
VAL OXT HXT  sing N N 375 
# 
_pdbx_entity_nonpoly.entity_id   2 
_pdbx_entity_nonpoly.name        water 
_pdbx_entity_nonpoly.comp_id     HOH 
# 
_pdbx_initial_refinement_model.id               1 
_pdbx_initial_refinement_model.entity_id_list   ? 
_pdbx_initial_refinement_model.type             'experimental model' 
_pdbx_initial_refinement_model.source_name      PDB 
_pdbx_initial_refinement_model.accession_code   2F0R 
_pdbx_initial_refinement_model.details          'PDB ENTRY 2F0R' 
# 
